data_2O2T
# 
_entry.id   2O2T 
# 
_audit_conform.dict_name       mmcif_pdbx.dic 
_audit_conform.dict_version    5.383 
_audit_conform.dict_location   http://mmcif.pdb.org/dictionaries/ascii/mmcif_pdbx.dic 
# 
loop_
_database_2.database_id 
_database_2.database_code 
_database_2.pdbx_database_accession 
_database_2.pdbx_DOI 
PDB   2O2T         pdb_00002o2t 10.2210/pdb2o2t/pdb 
RCSB  RCSB040615   ?            ?                   
WWPDB D_1000040615 ?            ?                   
# 
loop_
_pdbx_audit_revision_history.ordinal 
_pdbx_audit_revision_history.data_content_type 
_pdbx_audit_revision_history.major_revision 
_pdbx_audit_revision_history.minor_revision 
_pdbx_audit_revision_history.revision_date 
1 'Structure model' 1 0 2006-12-12 
2 'Structure model' 1 1 2008-05-01 
3 'Structure model' 1 2 2011-07-13 
4 'Structure model' 1 3 2023-12-27 
# 
_pdbx_audit_revision_details.ordinal             1 
_pdbx_audit_revision_details.revision_ordinal    1 
_pdbx_audit_revision_details.data_content_type   'Structure model' 
_pdbx_audit_revision_details.provider            repository 
_pdbx_audit_revision_details.type                'Initial release' 
_pdbx_audit_revision_details.description         ? 
_pdbx_audit_revision_details.details             ? 
# 
loop_
_pdbx_audit_revision_group.ordinal 
_pdbx_audit_revision_group.revision_ordinal 
_pdbx_audit_revision_group.data_content_type 
_pdbx_audit_revision_group.group 
1 2 'Structure model' 'Version format compliance' 
2 3 'Structure model' Advisory                    
3 3 'Structure model' 'Version format compliance' 
4 4 'Structure model' 'Data collection'           
5 4 'Structure model' 'Database references'       
6 4 'Structure model' 'Refinement description'    
# 
loop_
_pdbx_audit_revision_category.ordinal 
_pdbx_audit_revision_category.revision_ordinal 
_pdbx_audit_revision_category.data_content_type 
_pdbx_audit_revision_category.category 
1 4 'Structure model' chem_comp_atom     
2 4 'Structure model' chem_comp_bond     
3 4 'Structure model' database_2         
4 4 'Structure model' struct_ncs_dom_lim 
5 4 'Structure model' struct_ref_seq_dif 
# 
loop_
_pdbx_audit_revision_item.ordinal 
_pdbx_audit_revision_item.revision_ordinal 
_pdbx_audit_revision_item.data_content_type 
_pdbx_audit_revision_item.item 
1 4 'Structure model' '_database_2.pdbx_DOI'                 
2 4 'Structure model' '_database_2.pdbx_database_accession'  
3 4 'Structure model' '_struct_ncs_dom_lim.beg_auth_comp_id' 
4 4 'Structure model' '_struct_ncs_dom_lim.end_auth_comp_id' 
5 4 'Structure model' '_struct_ref_seq_dif.details'          
# 
_pdbx_database_status.status_code                     REL 
_pdbx_database_status.entry_id                        2O2T 
_pdbx_database_status.recvd_initial_deposition_date   2006-11-30 
_pdbx_database_status.deposit_site                    RCSB 
_pdbx_database_status.process_site                    RCSB 
_pdbx_database_status.status_code_sf                  REL 
_pdbx_database_status.status_code_mr                  ? 
_pdbx_database_status.SG_entry                        Y 
_pdbx_database_status.pdb_format_compatible           Y 
_pdbx_database_status.status_code_cs                  ? 
_pdbx_database_status.status_code_nmr_data            ? 
_pdbx_database_status.methods_development_category    ? 
# 
loop_
_audit_author.name 
_audit_author.pdbx_ordinal 
'Papagrigoriou, E.'                    1  
'Gileadi, C.'                          2  
'Phillips, C.'                         3  
'Johansson, C.'                        4  
'Salah, E.'                            5  
'Savitsky, P.'                         6  
'Gorrec, F.'                           7  
'Umeano, C.'                           8  
'Berridge, G.'                         9  
'Pike, A.C.W.'                         10 
'Elkins, J.'                           11 
'Edwards, A.'                          12 
'Arrowsmith, C.'                       13 
'Weigelt, J.'                          14 
'Sundstrom, M.'                        15 
'Doyle, D.A.'                          16 
'Structural Genomics Consortium (SGC)' 17 
# 
_citation.id                        primary 
_citation.title                     'The crystal structure of the 1st PDZ domain of MPDZ' 
_citation.journal_abbrev            'To be Published' 
_citation.journal_volume            ? 
_citation.page_first                ? 
_citation.page_last                 ? 
_citation.year                      ? 
_citation.journal_id_ASTM           ? 
_citation.country                   ? 
_citation.journal_id_ISSN           ? 
_citation.journal_id_CSD            0353 
_citation.book_publisher            ? 
_citation.pdbx_database_id_PubMed   ? 
_citation.pdbx_database_id_DOI      ? 
# 
loop_
_citation_author.citation_id 
_citation_author.name 
_citation_author.ordinal 
_citation_author.identifier_ORCID 
primary 'Papagrigoriou, E.' 1 ? 
primary 'Gileadi, C.'       2 ? 
primary 'Phillips, C.'      3 ? 
primary 'Elkins, J.'        4 ? 
primary 'Johansson, C.'     5 ? 
primary 'Salah, E.'         6 ? 
primary 'Savitsky, P.'      7 ? 
primary 'Berridge, G.'      8 ? 
primary 'Doyle, D.A.'       9 ? 
# 
loop_
_entity.id 
_entity.type 
_entity.src_method 
_entity.pdbx_description 
_entity.formula_weight 
_entity.pdbx_number_of_molecules 
_entity.pdbx_ec 
_entity.pdbx_mutation 
_entity.pdbx_fragment 
_entity.details 
1 polymer man 'Multiple PDZ domain protein' 12901.663 2  ? ? 'first PDZ domain' ? 
2 water   nat water                         18.015    25 ? ? ?                  ? 
# 
_entity_name_com.entity_id   1 
_entity_name_com.name        'Multi PDZ domain protein 1' 
# 
_entity_poly.entity_id                      1 
_entity_poly.type                           'polypeptide(L)' 
_entity_poly.nstd_linkage                   no 
_entity_poly.nstd_monomer                   no 
_entity_poly.pdbx_seq_one_letter_code       
;SMPACDEFDQLIKNMAQGRHVEVFELLKPPSGGLGFSVVGLRSENRGELGIFVQEIQEGSVAHRDGRLKETDQILAINGQ
ALDQTITHQQAISILQKAKDTVQLVIARGSLPQYYKV
;
_entity_poly.pdbx_seq_one_letter_code_can   
;SMPACDEFDQLIKNMAQGRHVEVFELLKPPSGGLGFSVVGLRSENRGELGIFVQEIQEGSVAHRDGRLKETDQILAINGQ
ALDQTITHQQAISILQKAKDTVQLVIARGSLPQYYKV
;
_entity_poly.pdbx_strand_id                 A,B 
_entity_poly.pdbx_target_identifier         ? 
# 
_pdbx_entity_nonpoly.entity_id   2 
_pdbx_entity_nonpoly.name        water 
_pdbx_entity_nonpoly.comp_id     HOH 
# 
loop_
_entity_poly_seq.entity_id 
_entity_poly_seq.num 
_entity_poly_seq.mon_id 
_entity_poly_seq.hetero 
1 1   SER n 
1 2   MET n 
1 3   PRO n 
1 4   ALA n 
1 5   CYS n 
1 6   ASP n 
1 7   GLU n 
1 8   PHE n 
1 9   ASP n 
1 10  GLN n 
1 11  LEU n 
1 12  ILE n 
1 13  LYS n 
1 14  ASN n 
1 15  MET n 
1 16  ALA n 
1 17  GLN n 
1 18  GLY n 
1 19  ARG n 
1 20  HIS n 
1 21  VAL n 
1 22  GLU n 
1 23  VAL n 
1 24  PHE n 
1 25  GLU n 
1 26  LEU n 
1 27  LEU n 
1 28  LYS n 
1 29  PRO n 
1 30  PRO n 
1 31  SER n 
1 32  GLY n 
1 33  GLY n 
1 34  LEU n 
1 35  GLY n 
1 36  PHE n 
1 37  SER n 
1 38  VAL n 
1 39  VAL n 
1 40  GLY n 
1 41  LEU n 
1 42  ARG n 
1 43  SER n 
1 44  GLU n 
1 45  ASN n 
1 46  ARG n 
1 47  GLY n 
1 48  GLU n 
1 49  LEU n 
1 50  GLY n 
1 51  ILE n 
1 52  PHE n 
1 53  VAL n 
1 54  GLN n 
1 55  GLU n 
1 56  ILE n 
1 57  GLN n 
1 58  GLU n 
1 59  GLY n 
1 60  SER n 
1 61  VAL n 
1 62  ALA n 
1 63  HIS n 
1 64  ARG n 
1 65  ASP n 
1 66  GLY n 
1 67  ARG n 
1 68  LEU n 
1 69  LYS n 
1 70  GLU n 
1 71  THR n 
1 72  ASP n 
1 73  GLN n 
1 74  ILE n 
1 75  LEU n 
1 76  ALA n 
1 77  ILE n 
1 78  ASN n 
1 79  GLY n 
1 80  GLN n 
1 81  ALA n 
1 82  LEU n 
1 83  ASP n 
1 84  GLN n 
1 85  THR n 
1 86  ILE n 
1 87  THR n 
1 88  HIS n 
1 89  GLN n 
1 90  GLN n 
1 91  ALA n 
1 92  ILE n 
1 93  SER n 
1 94  ILE n 
1 95  LEU n 
1 96  GLN n 
1 97  LYS n 
1 98  ALA n 
1 99  LYS n 
1 100 ASP n 
1 101 THR n 
1 102 VAL n 
1 103 GLN n 
1 104 LEU n 
1 105 VAL n 
1 106 ILE n 
1 107 ALA n 
1 108 ARG n 
1 109 GLY n 
1 110 SER n 
1 111 LEU n 
1 112 PRO n 
1 113 GLN n 
1 114 TYR n 
1 115 TYR n 
1 116 LYS n 
1 117 VAL n 
# 
_entity_src_gen.entity_id                          1 
_entity_src_gen.pdbx_src_id                        1 
_entity_src_gen.pdbx_alt_source_flag               sample 
_entity_src_gen.pdbx_seq_type                      ? 
_entity_src_gen.pdbx_beg_seq_num                   ? 
_entity_src_gen.pdbx_end_seq_num                   ? 
_entity_src_gen.gene_src_common_name               human 
_entity_src_gen.gene_src_genus                     Homo 
_entity_src_gen.pdbx_gene_src_gene                 'MPDZ, MUPP1' 
_entity_src_gen.gene_src_species                   ? 
_entity_src_gen.gene_src_strain                    ? 
_entity_src_gen.gene_src_tissue                    ? 
_entity_src_gen.gene_src_tissue_fraction           ? 
_entity_src_gen.gene_src_details                   ? 
_entity_src_gen.pdbx_gene_src_fragment             ? 
_entity_src_gen.pdbx_gene_src_scientific_name      'Homo sapiens' 
_entity_src_gen.pdbx_gene_src_ncbi_taxonomy_id     9606 
_entity_src_gen.pdbx_gene_src_variant              ? 
_entity_src_gen.pdbx_gene_src_cell_line            ? 
_entity_src_gen.pdbx_gene_src_atcc                 ? 
_entity_src_gen.pdbx_gene_src_organ                ? 
_entity_src_gen.pdbx_gene_src_organelle            ? 
_entity_src_gen.pdbx_gene_src_cell                 ? 
_entity_src_gen.pdbx_gene_src_cellular_location    ? 
_entity_src_gen.host_org_common_name               ? 
_entity_src_gen.pdbx_host_org_scientific_name      'Escherichia coli BL21(DE3)' 
_entity_src_gen.pdbx_host_org_ncbi_taxonomy_id     469008 
_entity_src_gen.host_org_genus                     Escherichia 
_entity_src_gen.pdbx_host_org_gene                 ? 
_entity_src_gen.pdbx_host_org_organ                ? 
_entity_src_gen.host_org_species                   'Escherichia coli' 
_entity_src_gen.pdbx_host_org_tissue               ? 
_entity_src_gen.pdbx_host_org_tissue_fraction      ? 
_entity_src_gen.pdbx_host_org_strain               'BL21(DE3)' 
_entity_src_gen.pdbx_host_org_variant              ? 
_entity_src_gen.pdbx_host_org_cell_line            ? 
_entity_src_gen.pdbx_host_org_atcc                 ? 
_entity_src_gen.pdbx_host_org_culture_collection   ? 
_entity_src_gen.pdbx_host_org_cell                 ? 
_entity_src_gen.pdbx_host_org_organelle            ? 
_entity_src_gen.pdbx_host_org_cellular_location    ? 
_entity_src_gen.pdbx_host_org_vector_type          PLASMID 
_entity_src_gen.pdbx_host_org_vector               ? 
_entity_src_gen.host_org_details                   ? 
_entity_src_gen.expression_system_id               ? 
_entity_src_gen.plasmid_name                       pNIC28-Bsa4 
_entity_src_gen.plasmid_details                    ? 
_entity_src_gen.pdbx_description                   ? 
# 
loop_
_chem_comp.id 
_chem_comp.type 
_chem_comp.mon_nstd_flag 
_chem_comp.name 
_chem_comp.pdbx_synonyms 
_chem_comp.formula 
_chem_comp.formula_weight 
ALA 'L-peptide linking' y ALANINE         ? 'C3 H7 N O2'     89.093  
ARG 'L-peptide linking' y ARGININE        ? 'C6 H15 N4 O2 1' 175.209 
ASN 'L-peptide linking' y ASPARAGINE      ? 'C4 H8 N2 O3'    132.118 
ASP 'L-peptide linking' y 'ASPARTIC ACID' ? 'C4 H7 N O4'     133.103 
CYS 'L-peptide linking' y CYSTEINE        ? 'C3 H7 N O2 S'   121.158 
GLN 'L-peptide linking' y GLUTAMINE       ? 'C5 H10 N2 O3'   146.144 
GLU 'L-peptide linking' y 'GLUTAMIC ACID' ? 'C5 H9 N O4'     147.129 
GLY 'peptide linking'   y GLYCINE         ? 'C2 H5 N O2'     75.067  
HIS 'L-peptide linking' y HISTIDINE       ? 'C6 H10 N3 O2 1' 156.162 
HOH non-polymer         . WATER           ? 'H2 O'           18.015  
ILE 'L-peptide linking' y ISOLEUCINE      ? 'C6 H13 N O2'    131.173 
LEU 'L-peptide linking' y LEUCINE         ? 'C6 H13 N O2'    131.173 
LYS 'L-peptide linking' y LYSINE          ? 'C6 H15 N2 O2 1' 147.195 
MET 'L-peptide linking' y METHIONINE      ? 'C5 H11 N O2 S'  149.211 
PHE 'L-peptide linking' y PHENYLALANINE   ? 'C9 H11 N O2'    165.189 
PRO 'L-peptide linking' y PROLINE         ? 'C5 H9 N O2'     115.130 
SER 'L-peptide linking' y SERINE          ? 'C3 H7 N O3'     105.093 
THR 'L-peptide linking' y THREONINE       ? 'C4 H9 N O3'     119.119 
TYR 'L-peptide linking' y TYROSINE        ? 'C9 H11 N O3'    181.189 
VAL 'L-peptide linking' y VALINE          ? 'C5 H11 N O2'    117.146 
# 
loop_
_pdbx_poly_seq_scheme.asym_id 
_pdbx_poly_seq_scheme.entity_id 
_pdbx_poly_seq_scheme.seq_id 
_pdbx_poly_seq_scheme.mon_id 
_pdbx_poly_seq_scheme.ndb_seq_num 
_pdbx_poly_seq_scheme.pdb_seq_num 
_pdbx_poly_seq_scheme.auth_seq_num 
_pdbx_poly_seq_scheme.pdb_mon_id 
_pdbx_poly_seq_scheme.auth_mon_id 
_pdbx_poly_seq_scheme.pdb_strand_id 
_pdbx_poly_seq_scheme.pdb_ins_code 
_pdbx_poly_seq_scheme.hetero 
A 1 1   SER 1   115 ?   ?   ?   A . n 
A 1 2   MET 2   116 ?   ?   ?   A . n 
A 1 3   PRO 3   117 ?   ?   ?   A . n 
A 1 4   ALA 4   118 ?   ?   ?   A . n 
A 1 5   CYS 5   119 119 CYS CYS A . n 
A 1 6   ASP 6   120 120 ASP ASP A . n 
A 1 7   GLU 7   121 121 GLU GLU A . n 
A 1 8   PHE 8   122 122 PHE PHE A . n 
A 1 9   ASP 9   123 123 ASP ASP A . n 
A 1 10  GLN 10  124 124 GLN GLN A . n 
A 1 11  LEU 11  125 125 LEU LEU A . n 
A 1 12  ILE 12  126 126 ILE ILE A . n 
A 1 13  LYS 13  127 127 LYS LYS A . n 
A 1 14  ASN 14  128 128 ASN ASN A . n 
A 1 15  MET 15  129 129 MET MET A . n 
A 1 16  ALA 16  130 130 ALA ALA A . n 
A 1 17  GLN 17  131 131 GLN GLN A . n 
A 1 18  GLY 18  132 132 GLY GLY A . n 
A 1 19  ARG 19  133 133 ARG ARG A . n 
A 1 20  HIS 20  134 134 HIS HIS A . n 
A 1 21  VAL 21  135 135 VAL VAL A . n 
A 1 22  GLU 22  136 136 GLU GLU A . n 
A 1 23  VAL 23  137 137 VAL VAL A . n 
A 1 24  PHE 24  138 138 PHE PHE A . n 
A 1 25  GLU 25  139 139 GLU GLU A . n 
A 1 26  LEU 26  140 140 LEU LEU A . n 
A 1 27  LEU 27  141 141 LEU LEU A . n 
A 1 28  LYS 28  142 142 LYS LYS A . n 
A 1 29  PRO 29  143 143 PRO PRO A . n 
A 1 30  PRO 30  144 144 PRO PRO A . n 
A 1 31  SER 31  145 145 SER SER A . n 
A 1 32  GLY 32  146 146 GLY GLY A . n 
A 1 33  GLY 33  147 147 GLY GLY A . n 
A 1 34  LEU 34  148 148 LEU LEU A . n 
A 1 35  GLY 35  149 149 GLY GLY A . n 
A 1 36  PHE 36  150 150 PHE PHE A . n 
A 1 37  SER 37  151 151 SER SER A . n 
A 1 38  VAL 38  152 152 VAL VAL A . n 
A 1 39  VAL 39  153 153 VAL VAL A . n 
A 1 40  GLY 40  154 154 GLY GLY A . n 
A 1 41  LEU 41  155 155 LEU LEU A . n 
A 1 42  ARG 42  156 156 ARG ARG A . n 
A 1 43  SER 43  157 157 SER SER A . n 
A 1 44  GLU 44  158 158 GLU GLU A . n 
A 1 45  ASN 45  159 159 ASN ASN A . n 
A 1 46  ARG 46  160 ?   ?   ?   A . n 
A 1 47  GLY 47  161 ?   ?   ?   A . n 
A 1 48  GLU 48  162 162 GLU GLU A . n 
A 1 49  LEU 49  163 163 LEU LEU A . n 
A 1 50  GLY 50  164 164 GLY GLY A . n 
A 1 51  ILE 51  165 165 ILE ILE A . n 
A 1 52  PHE 52  166 166 PHE PHE A . n 
A 1 53  VAL 53  167 167 VAL VAL A . n 
A 1 54  GLN 54  168 168 GLN GLN A . n 
A 1 55  GLU 55  169 169 GLU GLU A . n 
A 1 56  ILE 56  170 170 ILE ILE A . n 
A 1 57  GLN 57  171 171 GLN GLN A . n 
A 1 58  GLU 58  172 172 GLU GLU A . n 
A 1 59  GLY 59  173 173 GLY GLY A . n 
A 1 60  SER 60  174 174 SER SER A . n 
A 1 61  VAL 61  175 175 VAL VAL A . n 
A 1 62  ALA 62  176 176 ALA ALA A . n 
A 1 63  HIS 63  177 177 HIS HIS A . n 
A 1 64  ARG 64  178 178 ARG ARG A . n 
A 1 65  ASP 65  179 179 ASP ASP A . n 
A 1 66  GLY 66  180 180 GLY GLY A . n 
A 1 67  ARG 67  181 181 ARG ARG A . n 
A 1 68  LEU 68  182 182 LEU LEU A . n 
A 1 69  LYS 69  183 183 LYS LYS A . n 
A 1 70  GLU 70  184 184 GLU GLU A . n 
A 1 71  THR 71  185 185 THR THR A . n 
A 1 72  ASP 72  186 186 ASP ASP A . n 
A 1 73  GLN 73  187 187 GLN GLN A . n 
A 1 74  ILE 74  188 188 ILE ILE A . n 
A 1 75  LEU 75  189 189 LEU LEU A . n 
A 1 76  ALA 76  190 190 ALA ALA A . n 
A 1 77  ILE 77  191 191 ILE ILE A . n 
A 1 78  ASN 78  192 192 ASN ASN A . n 
A 1 79  GLY 79  193 193 GLY GLY A . n 
A 1 80  GLN 80  194 194 GLN GLN A . n 
A 1 81  ALA 81  195 195 ALA ALA A . n 
A 1 82  LEU 82  196 196 LEU LEU A . n 
A 1 83  ASP 83  197 197 ASP ASP A . n 
A 1 84  GLN 84  198 198 GLN GLN A . n 
A 1 85  THR 85  199 199 THR THR A . n 
A 1 86  ILE 86  200 200 ILE ILE A . n 
A 1 87  THR 87  201 201 THR THR A . n 
A 1 88  HIS 88  202 202 HIS HIS A . n 
A 1 89  GLN 89  203 203 GLN GLN A . n 
A 1 90  GLN 90  204 204 GLN GLN A . n 
A 1 91  ALA 91  205 205 ALA ALA A . n 
A 1 92  ILE 92  206 206 ILE ILE A . n 
A 1 93  SER 93  207 207 SER SER A . n 
A 1 94  ILE 94  208 208 ILE ILE A . n 
A 1 95  LEU 95  209 209 LEU LEU A . n 
A 1 96  GLN 96  210 210 GLN GLN A . n 
A 1 97  LYS 97  211 211 LYS LYS A . n 
A 1 98  ALA 98  212 212 ALA ALA A . n 
A 1 99  LYS 99  213 213 LYS LYS A . n 
A 1 100 ASP 100 214 214 ASP ASP A . n 
A 1 101 THR 101 215 215 THR THR A . n 
A 1 102 VAL 102 216 216 VAL VAL A . n 
A 1 103 GLN 103 217 217 GLN GLN A . n 
A 1 104 LEU 104 218 218 LEU LEU A . n 
A 1 105 VAL 105 219 219 VAL VAL A . n 
A 1 106 ILE 106 220 220 ILE ILE A . n 
A 1 107 ALA 107 221 221 ALA ALA A . n 
A 1 108 ARG 108 222 222 ARG ARG A . n 
A 1 109 GLY 109 223 223 GLY GLY A . n 
A 1 110 SER 110 224 224 SER SER A . n 
A 1 111 LEU 111 225 225 LEU LEU A . n 
A 1 112 PRO 112 226 226 PRO PRO A . n 
A 1 113 GLN 113 227 227 GLN GLN A . n 
A 1 114 TYR 114 228 228 TYR TYR A . n 
A 1 115 TYR 115 229 229 TYR TYR A . n 
A 1 116 LYS 116 230 230 LYS LYS A . n 
A 1 117 VAL 117 231 231 VAL VAL A . n 
B 1 1   SER 1   115 ?   ?   ?   B . n 
B 1 2   MET 2   116 ?   ?   ?   B . n 
B 1 3   PRO 3   117 ?   ?   ?   B . n 
B 1 4   ALA 4   118 ?   ?   ?   B . n 
B 1 5   CYS 5   119 ?   ?   ?   B . n 
B 1 6   ASP 6   120 ?   ?   ?   B . n 
B 1 7   GLU 7   121 121 GLU GLU B . n 
B 1 8   PHE 8   122 122 PHE PHE B . n 
B 1 9   ASP 9   123 123 ASP ASP B . n 
B 1 10  GLN 10  124 124 GLN GLN B . n 
B 1 11  LEU 11  125 125 LEU LEU B . n 
B 1 12  ILE 12  126 126 ILE ILE B . n 
B 1 13  LYS 13  127 127 LYS LYS B . n 
B 1 14  ASN 14  128 128 ASN ASN B . n 
B 1 15  MET 15  129 129 MET MET B . n 
B 1 16  ALA 16  130 130 ALA ALA B . n 
B 1 17  GLN 17  131 131 GLN GLN B . n 
B 1 18  GLY 18  132 132 GLY GLY B . n 
B 1 19  ARG 19  133 133 ARG ARG B . n 
B 1 20  HIS 20  134 134 HIS HIS B . n 
B 1 21  VAL 21  135 135 VAL VAL B . n 
B 1 22  GLU 22  136 136 GLU GLU B . n 
B 1 23  VAL 23  137 137 VAL VAL B . n 
B 1 24  PHE 24  138 138 PHE PHE B . n 
B 1 25  GLU 25  139 139 GLU GLU B . n 
B 1 26  LEU 26  140 140 LEU LEU B . n 
B 1 27  LEU 27  141 141 LEU LEU B . n 
B 1 28  LYS 28  142 142 LYS LYS B . n 
B 1 29  PRO 29  143 143 PRO PRO B . n 
B 1 30  PRO 30  144 144 PRO PRO B . n 
B 1 31  SER 31  145 145 SER SER B . n 
B 1 32  GLY 32  146 146 GLY GLY B . n 
B 1 33  GLY 33  147 147 GLY GLY B . n 
B 1 34  LEU 34  148 148 LEU LEU B . n 
B 1 35  GLY 35  149 149 GLY GLY B . n 
B 1 36  PHE 36  150 150 PHE PHE B . n 
B 1 37  SER 37  151 151 SER SER B . n 
B 1 38  VAL 38  152 152 VAL VAL B . n 
B 1 39  VAL 39  153 153 VAL VAL B . n 
B 1 40  GLY 40  154 154 GLY GLY B . n 
B 1 41  LEU 41  155 155 LEU LEU B . n 
B 1 42  ARG 42  156 156 ARG ARG B . n 
B 1 43  SER 43  157 157 SER SER B . n 
B 1 44  GLU 44  158 158 GLU GLU B . n 
B 1 45  ASN 45  159 ?   ?   ?   B . n 
B 1 46  ARG 46  160 ?   ?   ?   B . n 
B 1 47  GLY 47  161 ?   ?   ?   B . n 
B 1 48  GLU 48  162 162 GLU GLU B . n 
B 1 49  LEU 49  163 163 LEU LEU B . n 
B 1 50  GLY 50  164 164 GLY GLY B . n 
B 1 51  ILE 51  165 165 ILE ILE B . n 
B 1 52  PHE 52  166 166 PHE PHE B . n 
B 1 53  VAL 53  167 167 VAL VAL B . n 
B 1 54  GLN 54  168 168 GLN GLN B . n 
B 1 55  GLU 55  169 169 GLU GLU B . n 
B 1 56  ILE 56  170 170 ILE ILE B . n 
B 1 57  GLN 57  171 171 GLN GLN B . n 
B 1 58  GLU 58  172 172 GLU GLU B . n 
B 1 59  GLY 59  173 173 GLY GLY B . n 
B 1 60  SER 60  174 174 SER SER B . n 
B 1 61  VAL 61  175 175 VAL VAL B . n 
B 1 62  ALA 62  176 176 ALA ALA B . n 
B 1 63  HIS 63  177 177 HIS HIS B . n 
B 1 64  ARG 64  178 178 ARG ARG B . n 
B 1 65  ASP 65  179 179 ASP ASP B . n 
B 1 66  GLY 66  180 180 GLY GLY B . n 
B 1 67  ARG 67  181 181 ARG ARG B . n 
B 1 68  LEU 68  182 182 LEU LEU B . n 
B 1 69  LYS 69  183 183 LYS LYS B . n 
B 1 70  GLU 70  184 184 GLU GLU B . n 
B 1 71  THR 71  185 185 THR THR B . n 
B 1 72  ASP 72  186 186 ASP ASP B . n 
B 1 73  GLN 73  187 187 GLN GLN B . n 
B 1 74  ILE 74  188 188 ILE ILE B . n 
B 1 75  LEU 75  189 189 LEU LEU B . n 
B 1 76  ALA 76  190 190 ALA ALA B . n 
B 1 77  ILE 77  191 191 ILE ILE B . n 
B 1 78  ASN 78  192 192 ASN ASN B . n 
B 1 79  GLY 79  193 193 GLY GLY B . n 
B 1 80  GLN 80  194 194 GLN GLN B . n 
B 1 81  ALA 81  195 195 ALA ALA B . n 
B 1 82  LEU 82  196 196 LEU LEU B . n 
B 1 83  ASP 83  197 197 ASP ASP B . n 
B 1 84  GLN 84  198 198 GLN GLN B . n 
B 1 85  THR 85  199 199 THR THR B . n 
B 1 86  ILE 86  200 200 ILE ILE B . n 
B 1 87  THR 87  201 201 THR THR B . n 
B 1 88  HIS 88  202 202 HIS HIS B . n 
B 1 89  GLN 89  203 203 GLN GLN B . n 
B 1 90  GLN 90  204 204 GLN GLN B . n 
B 1 91  ALA 91  205 205 ALA ALA B . n 
B 1 92  ILE 92  206 206 ILE ILE B . n 
B 1 93  SER 93  207 207 SER SER B . n 
B 1 94  ILE 94  208 208 ILE ILE B . n 
B 1 95  LEU 95  209 209 LEU LEU B . n 
B 1 96  GLN 96  210 210 GLN GLN B . n 
B 1 97  LYS 97  211 211 LYS LYS B . n 
B 1 98  ALA 98  212 212 ALA ALA B . n 
B 1 99  LYS 99  213 213 LYS LYS B . n 
B 1 100 ASP 100 214 214 ASP ASP B . n 
B 1 101 THR 101 215 215 THR THR B . n 
B 1 102 VAL 102 216 216 VAL VAL B . n 
B 1 103 GLN 103 217 217 GLN GLN B . n 
B 1 104 LEU 104 218 218 LEU LEU B . n 
B 1 105 VAL 105 219 219 VAL VAL B . n 
B 1 106 ILE 106 220 220 ILE ILE B . n 
B 1 107 ALA 107 221 221 ALA ALA B . n 
B 1 108 ARG 108 222 222 ARG ARG B . n 
B 1 109 GLY 109 223 223 GLY GLY B . n 
B 1 110 SER 110 224 224 SER SER B . n 
B 1 111 LEU 111 225 225 LEU LEU B . n 
B 1 112 PRO 112 226 226 PRO PRO B . n 
B 1 113 GLN 113 227 227 GLN GLN B . n 
B 1 114 TYR 114 228 228 TYR TYR B . n 
B 1 115 TYR 115 229 229 TYR TYR B . n 
B 1 116 LYS 116 230 230 LYS LYS B . n 
B 1 117 VAL 117 231 231 VAL VAL B . n 
# 
loop_
_pdbx_nonpoly_scheme.asym_id 
_pdbx_nonpoly_scheme.entity_id 
_pdbx_nonpoly_scheme.mon_id 
_pdbx_nonpoly_scheme.ndb_seq_num 
_pdbx_nonpoly_scheme.pdb_seq_num 
_pdbx_nonpoly_scheme.auth_seq_num 
_pdbx_nonpoly_scheme.pdb_mon_id 
_pdbx_nonpoly_scheme.auth_mon_id 
_pdbx_nonpoly_scheme.pdb_strand_id 
_pdbx_nonpoly_scheme.pdb_ins_code 
C 2 HOH 1  1  1  HOH HOH A . 
C 2 HOH 2  3  3  HOH HOH A . 
C 2 HOH 3  8  8  HOH HOH A . 
C 2 HOH 4  15 15 HOH HOH A . 
C 2 HOH 5  26 26 HOH HOH A . 
C 2 HOH 6  28 28 HOH HOH A . 
C 2 HOH 7  30 30 HOH HOH A . 
C 2 HOH 8  36 36 HOH HOH A . 
C 2 HOH 9  37 37 HOH HOH A . 
C 2 HOH 10 39 39 HOH HOH A . 
C 2 HOH 11 41 41 HOH HOH A . 
D 2 HOH 1  6  6  HOH HOH B . 
D 2 HOH 2  7  7  HOH HOH B . 
D 2 HOH 3  10 10 HOH HOH B . 
D 2 HOH 4  11 11 HOH HOH B . 
D 2 HOH 5  14 14 HOH HOH B . 
D 2 HOH 6  17 17 HOH HOH B . 
D 2 HOH 7  18 18 HOH HOH B . 
D 2 HOH 8  21 21 HOH HOH B . 
D 2 HOH 9  27 27 HOH HOH B . 
D 2 HOH 10 32 32 HOH HOH B . 
D 2 HOH 11 33 33 HOH HOH B . 
D 2 HOH 12 34 34 HOH HOH B . 
D 2 HOH 13 38 38 HOH HOH B . 
D 2 HOH 14 40 40 HOH HOH B . 
# 
loop_
_pdbx_unobs_or_zero_occ_atoms.id 
_pdbx_unobs_or_zero_occ_atoms.PDB_model_num 
_pdbx_unobs_or_zero_occ_atoms.polymer_flag 
_pdbx_unobs_or_zero_occ_atoms.occupancy_flag 
_pdbx_unobs_or_zero_occ_atoms.auth_asym_id 
_pdbx_unobs_or_zero_occ_atoms.auth_comp_id 
_pdbx_unobs_or_zero_occ_atoms.auth_seq_id 
_pdbx_unobs_or_zero_occ_atoms.PDB_ins_code 
_pdbx_unobs_or_zero_occ_atoms.auth_atom_id 
_pdbx_unobs_or_zero_occ_atoms.label_alt_id 
_pdbx_unobs_or_zero_occ_atoms.label_asym_id 
_pdbx_unobs_or_zero_occ_atoms.label_comp_id 
_pdbx_unobs_or_zero_occ_atoms.label_seq_id 
_pdbx_unobs_or_zero_occ_atoms.label_atom_id 
1  1 Y 1 A CYS 119 ? SG  ? A CYS 5   SG  
2  1 Y 1 A ASP 120 ? CG  ? A ASP 6   CG  
3  1 Y 1 A ASP 120 ? OD1 ? A ASP 6   OD1 
4  1 Y 1 A ASP 120 ? OD2 ? A ASP 6   OD2 
5  1 Y 1 A GLU 121 ? CG  ? A GLU 7   CG  
6  1 Y 1 A GLU 121 ? CD  ? A GLU 7   CD  
7  1 Y 1 A GLU 121 ? OE1 ? A GLU 7   OE1 
8  1 Y 1 A GLU 121 ? OE2 ? A GLU 7   OE2 
9  1 Y 1 A LEU 125 ? CD1 ? A LEU 11  CD1 
10 1 Y 1 A LEU 125 ? CD2 ? A LEU 11  CD2 
11 1 Y 1 A LYS 127 ? CG  ? A LYS 13  CG  
12 1 Y 1 A LYS 127 ? CD  ? A LYS 13  CD  
13 1 Y 1 A LYS 127 ? CE  ? A LYS 13  CE  
14 1 Y 1 A LYS 127 ? NZ  ? A LYS 13  NZ  
15 1 Y 1 A ASN 159 ? CG  ? A ASN 45  CG  
16 1 Y 1 A ASN 159 ? OD1 ? A ASN 45  OD1 
17 1 Y 1 A ASN 159 ? ND2 ? A ASN 45  ND2 
18 1 Y 1 A GLU 162 ? CG  ? A GLU 48  CG  
19 1 Y 1 A GLU 162 ? CD  ? A GLU 48  CD  
20 1 Y 1 A GLU 162 ? OE1 ? A GLU 48  OE1 
21 1 Y 1 A GLU 162 ? OE2 ? A GLU 48  OE2 
22 1 Y 1 A GLN 198 ? CD  ? A GLN 84  CD  
23 1 Y 1 A GLN 198 ? OE1 ? A GLN 84  OE1 
24 1 Y 1 A GLN 198 ? NE2 ? A GLN 84  NE2 
25 1 Y 1 A LYS 211 ? CG  ? A LYS 97  CG  
26 1 Y 1 A LYS 211 ? CD  ? A LYS 97  CD  
27 1 Y 1 A LYS 211 ? CE  ? A LYS 97  CE  
28 1 Y 1 A LYS 211 ? NZ  ? A LYS 97  NZ  
29 1 Y 1 A LYS 213 ? CE  ? A LYS 99  CE  
30 1 Y 1 A LYS 213 ? NZ  ? A LYS 99  NZ  
31 1 Y 1 B GLU 121 ? CG  ? B GLU 7   CG  
32 1 Y 1 B GLU 121 ? CD  ? B GLU 7   CD  
33 1 Y 1 B GLU 121 ? OE1 ? B GLU 7   OE1 
34 1 Y 1 B GLU 121 ? OE2 ? B GLU 7   OE2 
35 1 Y 1 B PHE 122 ? CG  ? B PHE 8   CG  
36 1 Y 1 B PHE 122 ? CD1 ? B PHE 8   CD1 
37 1 Y 1 B PHE 122 ? CD2 ? B PHE 8   CD2 
38 1 Y 1 B PHE 122 ? CE1 ? B PHE 8   CE1 
39 1 Y 1 B PHE 122 ? CE2 ? B PHE 8   CE2 
40 1 Y 1 B PHE 122 ? CZ  ? B PHE 8   CZ  
41 1 Y 1 B ASP 123 ? CG  ? B ASP 9   CG  
42 1 Y 1 B ASP 123 ? OD1 ? B ASP 9   OD1 
43 1 Y 1 B ASP 123 ? OD2 ? B ASP 9   OD2 
44 1 Y 1 B GLN 124 ? CD  ? B GLN 10  CD  
45 1 Y 1 B GLN 124 ? OE1 ? B GLN 10  OE1 
46 1 Y 1 B GLN 124 ? NE2 ? B GLN 10  NE2 
47 1 Y 1 B LYS 127 ? CD  ? B LYS 13  CD  
48 1 Y 1 B LYS 127 ? CE  ? B LYS 13  CE  
49 1 Y 1 B LYS 127 ? NZ  ? B LYS 13  NZ  
50 1 Y 1 B GLU 136 ? CD  ? B GLU 22  CD  
51 1 Y 1 B GLU 136 ? OE1 ? B GLU 22  OE1 
52 1 Y 1 B GLU 136 ? OE2 ? B GLU 22  OE2 
53 1 Y 1 B ARG 156 ? CD  ? B ARG 42  CD  
54 1 Y 1 B ARG 156 ? NE  ? B ARG 42  NE  
55 1 Y 1 B ARG 156 ? CZ  ? B ARG 42  CZ  
56 1 Y 1 B ARG 156 ? NH1 ? B ARG 42  NH1 
57 1 Y 1 B ARG 156 ? NH2 ? B ARG 42  NH2 
58 1 Y 1 B GLU 162 ? CD  ? B GLU 48  CD  
59 1 Y 1 B GLU 162 ? OE1 ? B GLU 48  OE1 
60 1 Y 1 B GLU 162 ? OE2 ? B GLU 48  OE2 
61 1 Y 1 B ILE 165 ? CD1 ? B ILE 51  CD1 
62 1 Y 1 B GLN 168 ? CD  ? B GLN 54  CD  
63 1 Y 1 B GLN 168 ? OE1 ? B GLN 54  OE1 
64 1 Y 1 B GLN 168 ? NE2 ? B GLN 54  NE2 
65 1 Y 1 B LYS 183 ? CE  ? B LYS 69  CE  
66 1 Y 1 B LYS 183 ? NZ  ? B LYS 69  NZ  
67 1 Y 1 B ASP 197 ? OD1 ? B ASP 83  OD1 
68 1 Y 1 B ASP 197 ? OD2 ? B ASP 83  OD2 
69 1 Y 1 B GLN 198 ? CG  ? B GLN 84  CG  
70 1 Y 1 B GLN 198 ? CD  ? B GLN 84  CD  
71 1 Y 1 B GLN 198 ? OE1 ? B GLN 84  OE1 
72 1 Y 1 B GLN 198 ? NE2 ? B GLN 84  NE2 
73 1 Y 1 B GLN 204 ? CG  ? B GLN 90  CG  
74 1 Y 1 B GLN 204 ? CD  ? B GLN 90  CD  
75 1 Y 1 B GLN 204 ? OE1 ? B GLN 90  OE1 
76 1 Y 1 B GLN 204 ? NE2 ? B GLN 90  NE2 
77 1 Y 1 B LYS 211 ? CD  ? B LYS 97  CD  
78 1 Y 1 B LYS 211 ? CE  ? B LYS 97  CE  
79 1 Y 1 B LYS 211 ? NZ  ? B LYS 97  NZ  
80 1 Y 1 B LYS 213 ? NZ  ? B LYS 99  NZ  
81 1 Y 1 B ARG 222 ? CD  ? B ARG 108 CD  
82 1 Y 1 B ARG 222 ? NE  ? B ARG 108 NE  
83 1 Y 1 B ARG 222 ? CZ  ? B ARG 108 CZ  
84 1 Y 1 B ARG 222 ? NH1 ? B ARG 108 NH1 
85 1 Y 1 B ARG 222 ? NH2 ? B ARG 108 NH2 
86 1 Y 1 B SER 224 ? OG  ? B SER 110 OG  
87 1 Y 1 B TYR 229 ? CD1 ? B TYR 115 CD1 
88 1 Y 1 B TYR 229 ? CD2 ? B TYR 115 CD2 
89 1 Y 1 B TYR 229 ? CE1 ? B TYR 115 CE1 
90 1 Y 1 B TYR 229 ? CE2 ? B TYR 115 CE2 
91 1 Y 1 B TYR 229 ? CZ  ? B TYR 115 CZ  
92 1 Y 1 B TYR 229 ? OH  ? B TYR 115 OH  
93 1 Y 1 B LYS 230 ? CD  ? B LYS 116 CD  
94 1 Y 1 B LYS 230 ? CE  ? B LYS 116 CE  
95 1 Y 1 B LYS 230 ? NZ  ? B LYS 116 NZ  
# 
loop_
_software.name 
_software.classification 
_software.version 
_software.citation_id 
_software.pdbx_ordinal 
REFMAC   refinement        5.2.0019 ? 1 
HKL-2000 'data collection' .        ? 2 
HKL-2000 'data reduction'  .        ? 3 
HKL-2000 'data scaling'    .        ? 4 
PHASER   phasing           .        ? 5 
# 
_cell.entry_id           2O2T 
_cell.length_a           100.366 
_cell.length_b           32.660 
_cell.length_c           92.803 
_cell.angle_alpha        90.00 
_cell.angle_beta         110.68 
_cell.angle_gamma        90.00 
_cell.Z_PDB              8 
_cell.pdbx_unique_axis   ? 
_cell.length_a_esd       ? 
_cell.length_b_esd       ? 
_cell.length_c_esd       ? 
_cell.angle_alpha_esd    ? 
_cell.angle_beta_esd     ? 
_cell.angle_gamma_esd    ? 
# 
_symmetry.entry_id                         2O2T 
_symmetry.space_group_name_H-M             'C 1 2 1' 
_symmetry.pdbx_full_space_group_name_H-M   ? 
_symmetry.cell_setting                     ? 
_symmetry.Int_Tables_number                5 
_symmetry.space_group_name_Hall            ? 
# 
_exptl.entry_id          2O2T 
_exptl.method            'X-RAY DIFFRACTION' 
_exptl.crystals_number   1 
# 
_exptl_crystal.id                    1 
_exptl_crystal.density_meas          ? 
_exptl_crystal.density_Matthews      2.26 
_exptl_crystal.density_percent_sol   55.38 
_exptl_crystal.description           ? 
_exptl_crystal.F_000                 ? 
_exptl_crystal.preparation           ? 
# 
_exptl_crystal_grow.crystal_id      1 
_exptl_crystal_grow.method          'VAPOR DIFFUSION, SITTING DROP' 
_exptl_crystal_grow.temp            298 
_exptl_crystal_grow.temp_details    ? 
_exptl_crystal_grow.pH              7.0 
_exptl_crystal_grow.pdbx_details    
'0.5% Jeffamine 2001, 1.1M Sodium Malonate, pH 7.0, VAPOR DIFFUSION, SITTING DROP, temperature 298K' 
_exptl_crystal_grow.pdbx_pH_range   . 
# 
_diffrn.id                     1 
_diffrn.ambient_temp           100 
_diffrn.ambient_temp_details   ? 
_diffrn.crystal_id             1 
# 
_diffrn_detector.diffrn_id              1 
_diffrn_detector.detector               CCD 
_diffrn_detector.type                   'MARMOSAIC 225 mm CCD' 
_diffrn_detector.pdbx_collection_date   2006-10-19 
_diffrn_detector.details                ? 
# 
_diffrn_radiation.diffrn_id                        1 
_diffrn_radiation.wavelength_id                    1 
_diffrn_radiation.pdbx_monochromatic_or_laue_m_l   M 
_diffrn_radiation.monochromator                    'Si(111)' 
_diffrn_radiation.pdbx_diffrn_protocol             'SINGLE WAVELENGTH' 
_diffrn_radiation.pdbx_scattering_type             x-ray 
# 
_diffrn_radiation_wavelength.id           1 
_diffrn_radiation_wavelength.wavelength   0.97945 
_diffrn_radiation_wavelength.wt           1.0 
# 
_diffrn_source.diffrn_id                   1 
_diffrn_source.source                      SYNCHROTRON 
_diffrn_source.type                        'SLS BEAMLINE X10SA' 
_diffrn_source.pdbx_synchrotron_site       SLS 
_diffrn_source.pdbx_synchrotron_beamline   X10SA 
_diffrn_source.pdbx_wavelength             0.97945 
_diffrn_source.pdbx_wavelength_list        ? 
# 
_reflns.entry_id                     2O2T 
_reflns.observed_criterion_sigma_F   0 
_reflns.observed_criterion_sigma_I   0 
_reflns.d_resolution_high            2.70 
_reflns.d_resolution_low             29.78 
_reflns.number_all                   8048 
_reflns.number_obs                   8029 
_reflns.percent_possible_obs         99.8 
_reflns.pdbx_Rmerge_I_obs            0.078 
_reflns.pdbx_Rsym_value              0.0835 
_reflns.pdbx_netI_over_sigmaI        ? 
_reflns.B_iso_Wilson_estimate        ? 
_reflns.pdbx_redundancy              3.60 
_reflns.R_free_details               ? 
_reflns.limit_h_max                  ? 
_reflns.limit_h_min                  ? 
_reflns.limit_k_max                  ? 
_reflns.limit_k_min                  ? 
_reflns.limit_l_max                  ? 
_reflns.limit_l_min                  ? 
_reflns.observed_criterion_F_max     ? 
_reflns.observed_criterion_F_min     ? 
_reflns.pdbx_chi_squared             ? 
_reflns.pdbx_scaling_rejects         ? 
_reflns.pdbx_ordinal                 1 
_reflns.pdbx_diffrn_id               1 
# 
_reflns_shell.d_res_high             2.70 
_reflns_shell.d_res_low              2.80 
_reflns_shell.percent_possible_all   99.4 
_reflns_shell.Rmerge_I_obs           0.5129 
_reflns_shell.pdbx_Rsym_value        0.545 
_reflns_shell.meanI_over_sigI_obs    1.93 
_reflns_shell.pdbx_redundancy        3.50 
_reflns_shell.percent_possible_obs   ? 
_reflns_shell.number_unique_all      823 
_reflns_shell.number_measured_all    ? 
_reflns_shell.number_measured_obs    ? 
_reflns_shell.number_unique_obs      ? 
_reflns_shell.pdbx_chi_squared       ? 
_reflns_shell.pdbx_ordinal           1 
_reflns_shell.pdbx_diffrn_id         1 
# 
_refine.entry_id                                 2O2T 
_refine.ls_number_reflns_obs                     7639 
_refine.ls_number_reflns_all                     8029 
_refine.pdbx_ls_sigma_I                          0 
_refine.pdbx_ls_sigma_F                          0 
_refine.pdbx_data_cutoff_high_absF               ? 
_refine.pdbx_data_cutoff_low_absF                ? 
_refine.pdbx_data_cutoff_high_rms_absF           ? 
_refine.ls_d_res_low                             29.78 
_refine.ls_d_res_high                            2.70 
_refine.ls_percent_reflns_obs                    99.86 
_refine.ls_R_factor_obs                          0.22681 
_refine.ls_R_factor_all                          ? 
_refine.ls_R_factor_R_work                       0.22361 
_refine.ls_R_factor_R_free                       0.29131 
_refine.ls_R_factor_R_free_error                 ? 
_refine.ls_R_factor_R_free_error_details         ? 
_refine.ls_percent_reflns_R_free                 4.9 
_refine.ls_number_reflns_R_free                  390 
_refine.ls_number_parameters                     ? 
_refine.ls_number_restraints                     ? 
_refine.occupancy_min                            ? 
_refine.occupancy_max                            ? 
_refine.correlation_coeff_Fo_to_Fc               0.934 
_refine.correlation_coeff_Fo_to_Fc_free          0.881 
_refine.B_iso_mean                               24.951 
_refine.aniso_B[1][1]                            5.67 
_refine.aniso_B[2][2]                            0.26 
_refine.aniso_B[3][3]                            -5.77 
_refine.aniso_B[1][2]                            0.00 
_refine.aniso_B[1][3]                            0.24 
_refine.aniso_B[2][3]                            0.00 
_refine.solvent_model_details                    MASK 
_refine.solvent_model_param_ksol                 ? 
_refine.solvent_model_param_bsol                 ? 
_refine.pdbx_solvent_vdw_probe_radii             1.40 
_refine.pdbx_solvent_ion_probe_radii             0.80 
_refine.pdbx_solvent_shrinkage_radii             0.80 
_refine.pdbx_ls_cross_valid_method               THROUGHOUT 
_refine.details                                  'HYDROGENS HAVE BEEN ADDED IN THE RIDING POSITIONS' 
_refine.pdbx_starting_model                      ? 
_refine.pdbx_method_to_determine_struct          'MOLECULAR REPLACEMENT' 
_refine.pdbx_isotropic_thermal_model             ? 
_refine.pdbx_stereochemistry_target_values       'MAXIMUM LIKELIHOOD' 
_refine.pdbx_stereochem_target_val_spec_case     ? 
_refine.pdbx_R_Free_selection_details            RANDOM 
_refine.pdbx_overall_ESU_R                       0.754 
_refine.pdbx_overall_ESU_R_Free                  0.370 
_refine.overall_SU_ML                            0.299 
_refine.overall_SU_B                             31.678 
_refine.ls_redundancy_reflns_obs                 ? 
_refine.B_iso_min                                ? 
_refine.B_iso_max                                ? 
_refine.overall_SU_R_Cruickshank_DPI             ? 
_refine.overall_SU_R_free                        ? 
_refine.ls_wR_factor_R_free                      ? 
_refine.ls_wR_factor_R_work                      ? 
_refine.overall_FOM_free_R_set                   ? 
_refine.overall_FOM_work_R_set                   ? 
_refine.pdbx_refine_id                           'X-RAY DIFFRACTION' 
_refine.pdbx_TLS_residual_ADP_flag               'LIKELY RESIDUAL' 
_refine.pdbx_diffrn_id                           1 
_refine.pdbx_overall_phase_error                 ? 
_refine.pdbx_overall_SU_R_free_Cruickshank_DPI   ? 
_refine.pdbx_overall_SU_R_Blow_DPI               ? 
_refine.pdbx_overall_SU_R_free_Blow_DPI          ? 
# 
_refine_hist.pdbx_refine_id                   'X-RAY DIFFRACTION' 
_refine_hist.cycle_id                         LAST 
_refine_hist.pdbx_number_atoms_protein        1613 
_refine_hist.pdbx_number_atoms_nucleic_acid   0 
_refine_hist.pdbx_number_atoms_ligand         0 
_refine_hist.number_atoms_solvent             25 
_refine_hist.number_atoms_total               1638 
_refine_hist.d_res_high                       2.70 
_refine_hist.d_res_low                        29.78 
# 
loop_
_refine_ls_restr.type 
_refine_ls_restr.dev_ideal 
_refine_ls_restr.dev_ideal_target 
_refine_ls_restr.weight 
_refine_ls_restr.number 
_refine_ls_restr.pdbx_refine_id 
_refine_ls_restr.pdbx_restraint_function 
r_bond_refined_d             0.011  0.022  ? 1631 'X-RAY DIFFRACTION' ? 
r_bond_other_d               0.001  0.020  ? 1058 'X-RAY DIFFRACTION' ? 
r_angle_refined_deg          1.250  1.966  ? 2207 'X-RAY DIFFRACTION' ? 
r_angle_other_deg            0.880  3.000  ? 2605 'X-RAY DIFFRACTION' ? 
r_dihedral_angle_1_deg       5.884  5.000  ? 215  'X-RAY DIFFRACTION' ? 
r_dihedral_angle_2_deg       35.494 25.152 ? 66   'X-RAY DIFFRACTION' ? 
r_dihedral_angle_3_deg       17.449 15.000 ? 272  'X-RAY DIFFRACTION' ? 
r_dihedral_angle_4_deg       13.653 15.000 ? 8    'X-RAY DIFFRACTION' ? 
r_chiral_restr               0.073  0.200  ? 266  'X-RAY DIFFRACTION' ? 
r_gen_planes_refined         0.003  0.020  ? 1836 'X-RAY DIFFRACTION' ? 
r_gen_planes_other           0.001  0.020  ? 300  'X-RAY DIFFRACTION' ? 
r_nbd_refined                0.214  0.200  ? 331  'X-RAY DIFFRACTION' ? 
r_nbd_other                  0.192  0.200  ? 1091 'X-RAY DIFFRACTION' ? 
r_nbtor_refined              0.179  0.200  ? 791  'X-RAY DIFFRACTION' ? 
r_nbtor_other                0.085  0.200  ? 931  'X-RAY DIFFRACTION' ? 
r_xyhbond_nbd_refined        0.155  0.200  ? 44   'X-RAY DIFFRACTION' ? 
r_xyhbond_nbd_other          ?      ?      ? ?    'X-RAY DIFFRACTION' ? 
r_metal_ion_refined          ?      ?      ? ?    'X-RAY DIFFRACTION' ? 
r_metal_ion_other            ?      ?      ? ?    'X-RAY DIFFRACTION' ? 
r_symmetry_vdw_refined       0.111  0.200  ? 5    'X-RAY DIFFRACTION' ? 
r_symmetry_vdw_other         0.151  0.200  ? 22   'X-RAY DIFFRACTION' ? 
r_symmetry_hbond_refined     0.293  0.200  ? 5    'X-RAY DIFFRACTION' ? 
r_symmetry_hbond_other       ?      ?      ? ?    'X-RAY DIFFRACTION' ? 
r_symmetry_metal_ion_refined ?      ?      ? ?    'X-RAY DIFFRACTION' ? 
r_symmetry_metal_ion_other   ?      ?      ? ?    'X-RAY DIFFRACTION' ? 
r_mcbond_it                  0.334  1.500  ? 1113 'X-RAY DIFFRACTION' ? 
r_mcbond_other               0.117  1.500  ? 450  'X-RAY DIFFRACTION' ? 
r_mcangle_it                 0.503  2.000  ? 1719 'X-RAY DIFFRACTION' ? 
r_scbond_it                  1.004  3.000  ? 569  'X-RAY DIFFRACTION' ? 
r_scangle_it                 1.664  4.500  ? 488  'X-RAY DIFFRACTION' ? 
r_rigid_bond_restr           ?      ?      ? ?    'X-RAY DIFFRACTION' ? 
r_sphericity_free            ?      ?      ? ?    'X-RAY DIFFRACTION' ? 
r_sphericity_bonded          ?      ?      ? ?    'X-RAY DIFFRACTION' ? 
# 
loop_
_refine_ls_restr_ncs.dom_id 
_refine_ls_restr_ncs.pdbx_auth_asym_id 
_refine_ls_restr_ncs.pdbx_number 
_refine_ls_restr_ncs.rms_dev_position 
_refine_ls_restr_ncs.weight_position 
_refine_ls_restr_ncs.pdbx_type 
_refine_ls_restr_ncs.pdbx_ens_id 
_refine_ls_restr_ncs.pdbx_refine_id 
_refine_ls_restr_ncs.pdbx_ordinal 
_refine_ls_restr_ncs.ncs_model_details 
_refine_ls_restr_ncs.rms_dev_B_iso 
_refine_ls_restr_ncs.weight_B_iso 
_refine_ls_restr_ncs.pdbx_asym_id 
_refine_ls_restr_ncs.pdbx_rms 
_refine_ls_restr_ncs.pdbx_weight 
1 A 220 0.04 0.05 'tight positional'  1 'X-RAY DIFFRACTION' 1 ? ? ? ? ? ? 
1 A 408 0.03 0.05 'tight positional'  2 'X-RAY DIFFRACTION' 2 ? ? ? ? ? ? 
1 A 222 0.46 0.50 'medium positional' 1 'X-RAY DIFFRACTION' 3 ? ? ? ? ? ? 
1 A 408 0.73 0.50 'medium positional' 2 'X-RAY DIFFRACTION' 4 ? ? ? ? ? ? 
1 A 220 0.06 0.50 'tight thermal'     1 'X-RAY DIFFRACTION' 5 ? ? ? ? ? ? 
1 A 408 0.06 0.50 'tight thermal'     2 'X-RAY DIFFRACTION' 6 ? ? ? ? ? ? 
1 A 222 0.28 2.00 'medium thermal'    1 'X-RAY DIFFRACTION' 7 ? ? ? ? ? ? 
1 A 408 0.35 2.00 'medium thermal'    2 'X-RAY DIFFRACTION' 8 ? ? ? ? ? ? 
# 
_refine_ls_shell.pdbx_total_number_of_bins_used   20 
_refine_ls_shell.d_res_high                       2.700 
_refine_ls_shell.d_res_low                        2.770 
_refine_ls_shell.number_reflns_R_work             555 
_refine_ls_shell.R_factor_R_work                  0.373 
_refine_ls_shell.percent_reflns_obs               98.97 
_refine_ls_shell.R_factor_R_free                  0.426 
_refine_ls_shell.R_factor_R_free_error            ? 
_refine_ls_shell.percent_reflns_R_free            ? 
_refine_ls_shell.number_reflns_R_free             23 
_refine_ls_shell.number_reflns_all                ? 
_refine_ls_shell.R_factor_all                     ? 
_refine_ls_shell.number_reflns_obs                ? 
_refine_ls_shell.redundancy_reflns_obs            ? 
_refine_ls_shell.pdbx_refine_id                   'X-RAY DIFFRACTION' 
# 
loop_
_struct_ncs_dom.pdbx_ens_id 
_struct_ncs_dom.id 
_struct_ncs_dom.details 
1 1 A 
1 2 B 
2 1 A 
2 2 B 
# 
loop_
_struct_ncs_dom_lim.pdbx_ens_id 
_struct_ncs_dom_lim.dom_id 
_struct_ncs_dom_lim.pdbx_component_id 
_struct_ncs_dom_lim.beg_label_asym_id 
_struct_ncs_dom_lim.beg_label_comp_id 
_struct_ncs_dom_lim.beg_label_seq_id 
_struct_ncs_dom_lim.beg_label_alt_id 
_struct_ncs_dom_lim.end_label_asym_id 
_struct_ncs_dom_lim.end_label_comp_id 
_struct_ncs_dom_lim.end_label_seq_id 
_struct_ncs_dom_lim.end_label_alt_id 
_struct_ncs_dom_lim.beg_auth_asym_id 
_struct_ncs_dom_lim.beg_auth_comp_id 
_struct_ncs_dom_lim.beg_auth_seq_id 
_struct_ncs_dom_lim.end_auth_asym_id 
_struct_ncs_dom_lim.end_auth_comp_id 
_struct_ncs_dom_lim.end_auth_seq_id 
_struct_ncs_dom_lim.pdbx_refine_code 
_struct_ncs_dom_lim.selection_details 
1 1 1 A CYS 5  . A GLU 44  . A CYS 119 A GLU 158 2 ? 
1 2 1 B GLU 7  . B GLU 44  . B GLU 121 B GLU 158 2 ? 
2 1 1 A LEU 49 . A VAL 117 . A LEU 163 A VAL 231 2 ? 
2 2 1 B LEU 49 . B VAL 117 . B LEU 163 B VAL 231 2 ? 
# 
loop_
_struct_ncs_ens.id 
_struct_ncs_ens.details 
1 ? 
2 ? 
# 
_struct.entry_id                  2O2T 
_struct.title                     'The crystal structure of the 1st PDZ domain of MPDZ' 
_struct.pdbx_model_details        ? 
_struct.pdbx_CASP_flag            ? 
_struct.pdbx_model_type_details   ? 
# 
_struct_keywords.entry_id        2O2T 
_struct_keywords.pdbx_keywords   'STRUCTURAL PROTEIN' 
_struct_keywords.text            'STRUCTURAL PROTEIN, Structural Genomics, Structural Genomics Consortium, SGC' 
# 
loop_
_struct_asym.id 
_struct_asym.pdbx_blank_PDB_chainid_flag 
_struct_asym.pdbx_modified 
_struct_asym.entity_id 
_struct_asym.details 
A N N 1 ? 
B N N 1 ? 
C N N 2 ? 
D N N 2 ? 
# 
_struct_ref.id                         1 
_struct_ref.db_name                    UNP 
_struct_ref.db_code                    MPDZ_HUMAN 
_struct_ref.pdbx_db_accession          O75970 
_struct_ref.entity_id                  1 
_struct_ref.pdbx_seq_one_letter_code   
;PACDEFDQLIKNMAQGRHVEVFELLKPPSGGLGFSVVGLRSENRGELGIFVQEIQEGSVAHRDGRLKETDQILAINGQAL
DQTITHQQAISILQKAKDTVQLVIARGSLPQ
;
_struct_ref.pdbx_align_begin           117 
_struct_ref.pdbx_db_isoform            ? 
# 
loop_
_struct_ref_seq.align_id 
_struct_ref_seq.ref_id 
_struct_ref_seq.pdbx_PDB_id_code 
_struct_ref_seq.pdbx_strand_id 
_struct_ref_seq.seq_align_beg 
_struct_ref_seq.pdbx_seq_align_beg_ins_code 
_struct_ref_seq.seq_align_end 
_struct_ref_seq.pdbx_seq_align_end_ins_code 
_struct_ref_seq.pdbx_db_accession 
_struct_ref_seq.db_align_beg 
_struct_ref_seq.pdbx_db_align_beg_ins_code 
_struct_ref_seq.db_align_end 
_struct_ref_seq.pdbx_db_align_end_ins_code 
_struct_ref_seq.pdbx_auth_seq_align_beg 
_struct_ref_seq.pdbx_auth_seq_align_end 
1 1 2O2T A 3 ? 113 ? O75970 117 ? 227 ? 117 227 
2 1 2O2T B 3 ? 113 ? O75970 117 ? 227 ? 117 227 
# 
loop_
_struct_ref_seq_dif.align_id 
_struct_ref_seq_dif.pdbx_pdb_id_code 
_struct_ref_seq_dif.mon_id 
_struct_ref_seq_dif.pdbx_pdb_strand_id 
_struct_ref_seq_dif.seq_num 
_struct_ref_seq_dif.pdbx_pdb_ins_code 
_struct_ref_seq_dif.pdbx_seq_db_name 
_struct_ref_seq_dif.pdbx_seq_db_accession_code 
_struct_ref_seq_dif.db_mon_id 
_struct_ref_seq_dif.pdbx_seq_db_seq_num 
_struct_ref_seq_dif.details 
_struct_ref_seq_dif.pdbx_auth_seq_num 
_struct_ref_seq_dif.pdbx_ordinal 
1 2O2T SER A 1   ? UNP O75970 ? ? 'cloning artifact' 115 1  
1 2O2T MET A 2   ? UNP O75970 ? ? 'cloning artifact' 116 2  
1 2O2T TYR A 114 ? UNP O75970 ? ? 'cloning artifact' 228 3  
1 2O2T TYR A 115 ? UNP O75970 ? ? 'cloning artifact' 229 4  
1 2O2T LYS A 116 ? UNP O75970 ? ? 'cloning artifact' 230 5  
1 2O2T VAL A 117 ? UNP O75970 ? ? 'cloning artifact' 231 6  
2 2O2T SER B 1   ? UNP O75970 ? ? 'cloning artifact' 115 7  
2 2O2T MET B 2   ? UNP O75970 ? ? 'cloning artifact' 116 8  
2 2O2T TYR B 114 ? UNP O75970 ? ? 'cloning artifact' 228 9  
2 2O2T TYR B 115 ? UNP O75970 ? ? 'cloning artifact' 229 10 
2 2O2T LYS B 116 ? UNP O75970 ? ? 'cloning artifact' 230 11 
2 2O2T VAL B 117 ? UNP O75970 ? ? 'cloning artifact' 231 12 
# 
loop_
_pdbx_struct_assembly.id 
_pdbx_struct_assembly.details 
_pdbx_struct_assembly.method_details 
_pdbx_struct_assembly.oligomeric_details 
_pdbx_struct_assembly.oligomeric_count 
1 author_defined_assembly ? monomeric 1 
2 author_defined_assembly ? monomeric 1 
# 
loop_
_pdbx_struct_assembly_gen.assembly_id 
_pdbx_struct_assembly_gen.oper_expression 
_pdbx_struct_assembly_gen.asym_id_list 
1 1 A,C 
2 1 B,D 
# 
_pdbx_struct_oper_list.id                   1 
_pdbx_struct_oper_list.type                 'identity operation' 
_pdbx_struct_oper_list.name                 1_555 
_pdbx_struct_oper_list.symmetry_operation   x,y,z 
_pdbx_struct_oper_list.matrix[1][1]         1.0000000000 
_pdbx_struct_oper_list.matrix[1][2]         0.0000000000 
_pdbx_struct_oper_list.matrix[1][3]         0.0000000000 
_pdbx_struct_oper_list.vector[1]            0.0000000000 
_pdbx_struct_oper_list.matrix[2][1]         0.0000000000 
_pdbx_struct_oper_list.matrix[2][2]         1.0000000000 
_pdbx_struct_oper_list.matrix[2][3]         0.0000000000 
_pdbx_struct_oper_list.vector[2]            0.0000000000 
_pdbx_struct_oper_list.matrix[3][1]         0.0000000000 
_pdbx_struct_oper_list.matrix[3][2]         0.0000000000 
_pdbx_struct_oper_list.matrix[3][3]         1.0000000000 
_pdbx_struct_oper_list.vector[3]            0.0000000000 
# 
loop_
_struct_biol.id 
_struct_biol.details 
_struct_biol.pdbx_parent_biol_id 
1 'Each monomer represents the biological assembly. Two biological units in the asu' ? 
2 ?                                                                                  ? 
# 
loop_
_struct_conf.conf_type_id 
_struct_conf.id 
_struct_conf.pdbx_PDB_helix_id 
_struct_conf.beg_label_comp_id 
_struct_conf.beg_label_asym_id 
_struct_conf.beg_label_seq_id 
_struct_conf.pdbx_beg_PDB_ins_code 
_struct_conf.end_label_comp_id 
_struct_conf.end_label_asym_id 
_struct_conf.end_label_seq_id 
_struct_conf.pdbx_end_PDB_ins_code 
_struct_conf.beg_auth_comp_id 
_struct_conf.beg_auth_asym_id 
_struct_conf.beg_auth_seq_id 
_struct_conf.end_auth_comp_id 
_struct_conf.end_auth_asym_id 
_struct_conf.end_auth_seq_id 
_struct_conf.pdbx_PDB_helix_class 
_struct_conf.details 
_struct_conf.pdbx_PDB_helix_length 
HELX_P HELX_P1 1 CYS A 5   ? GLN A 17  ? CYS A 119 GLN A 131 1 ? 13 
HELX_P HELX_P2 2 SER A 60  ? GLY A 66  ? SER A 174 GLY A 180 1 ? 7  
HELX_P HELX_P3 3 THR A 87  ? ALA A 98  ? THR A 201 ALA A 212 1 ? 12 
HELX_P HELX_P4 4 LEU A 111 ? LYS A 116 ? LEU A 225 LYS A 230 5 ? 6  
HELX_P HELX_P5 5 GLU B 7   ? GLN B 17  ? GLU B 121 GLN B 131 1 ? 11 
HELX_P HELX_P6 6 SER B 60  ? GLY B 66  ? SER B 174 GLY B 180 1 ? 7  
HELX_P HELX_P7 7 THR B 87  ? ALA B 98  ? THR B 201 ALA B 212 1 ? 12 
HELX_P HELX_P8 8 LEU B 111 ? LYS B 116 ? LEU B 225 LYS B 230 5 ? 6  
# 
_struct_conf_type.id          HELX_P 
_struct_conf_type.criteria    ? 
_struct_conf_type.reference   ? 
# 
loop_
_struct_sheet.id 
_struct_sheet.type 
_struct_sheet.number_strands 
_struct_sheet.details 
A ? 5 ? 
B ? 4 ? 
C ? 4 ? 
D ? 2 ? 
# 
loop_
_struct_sheet_order.sheet_id 
_struct_sheet_order.range_id_1 
_struct_sheet_order.range_id_2 
_struct_sheet_order.offset 
_struct_sheet_order.sense 
A 1 2 ? anti-parallel 
A 2 3 ? anti-parallel 
A 3 4 ? anti-parallel 
A 4 5 ? anti-parallel 
B 1 2 ? anti-parallel 
B 2 3 ? anti-parallel 
B 3 4 ? anti-parallel 
C 1 2 ? anti-parallel 
C 2 3 ? anti-parallel 
C 3 4 ? anti-parallel 
D 1 2 ? anti-parallel 
# 
loop_
_struct_sheet_range.sheet_id 
_struct_sheet_range.id 
_struct_sheet_range.beg_label_comp_id 
_struct_sheet_range.beg_label_asym_id 
_struct_sheet_range.beg_label_seq_id 
_struct_sheet_range.pdbx_beg_PDB_ins_code 
_struct_sheet_range.end_label_comp_id 
_struct_sheet_range.end_label_asym_id 
_struct_sheet_range.end_label_seq_id 
_struct_sheet_range.pdbx_end_PDB_ins_code 
_struct_sheet_range.beg_auth_comp_id 
_struct_sheet_range.beg_auth_asym_id 
_struct_sheet_range.beg_auth_seq_id 
_struct_sheet_range.end_auth_comp_id 
_struct_sheet_range.end_auth_asym_id 
_struct_sheet_range.end_auth_seq_id 
A 1 VAL A 21  ? LEU A 27  ? VAL A 135 LEU A 141 
A 2 THR A 101 ? ALA A 107 ? THR A 215 ALA A 221 
A 3 GLN A 73  ? ILE A 77  ? GLN A 187 ILE A 191 
A 4 LEU A 49  ? VAL A 53  ? LEU A 163 VAL A 167 
A 5 VAL A 38  ? ARG A 42  ? VAL A 152 ARG A 156 
B 1 VAL A 21  ? LEU A 27  ? VAL A 135 LEU A 141 
B 2 THR A 101 ? ALA A 107 ? THR A 215 ALA A 221 
B 3 GLN A 73  ? ILE A 77  ? GLN A 187 ILE A 191 
B 4 GLN A 80  ? ALA A 81  ? GLN A 194 ALA A 195 
C 1 VAL B 21  ? LEU B 27  ? VAL B 135 LEU B 141 
C 2 THR B 101 ? ALA B 107 ? THR B 215 ALA B 221 
C 3 GLN B 73  ? ILE B 77  ? GLN B 187 ILE B 191 
C 4 GLN B 80  ? ALA B 81  ? GLN B 194 ALA B 195 
D 1 VAL B 38  ? ARG B 42  ? VAL B 152 ARG B 156 
D 2 LEU B 49  ? VAL B 53  ? LEU B 163 VAL B 167 
# 
loop_
_pdbx_struct_sheet_hbond.sheet_id 
_pdbx_struct_sheet_hbond.range_id_1 
_pdbx_struct_sheet_hbond.range_id_2 
_pdbx_struct_sheet_hbond.range_1_label_atom_id 
_pdbx_struct_sheet_hbond.range_1_label_comp_id 
_pdbx_struct_sheet_hbond.range_1_label_asym_id 
_pdbx_struct_sheet_hbond.range_1_label_seq_id 
_pdbx_struct_sheet_hbond.range_1_PDB_ins_code 
_pdbx_struct_sheet_hbond.range_1_auth_atom_id 
_pdbx_struct_sheet_hbond.range_1_auth_comp_id 
_pdbx_struct_sheet_hbond.range_1_auth_asym_id 
_pdbx_struct_sheet_hbond.range_1_auth_seq_id 
_pdbx_struct_sheet_hbond.range_2_label_atom_id 
_pdbx_struct_sheet_hbond.range_2_label_comp_id 
_pdbx_struct_sheet_hbond.range_2_label_asym_id 
_pdbx_struct_sheet_hbond.range_2_label_seq_id 
_pdbx_struct_sheet_hbond.range_2_PDB_ins_code 
_pdbx_struct_sheet_hbond.range_2_auth_atom_id 
_pdbx_struct_sheet_hbond.range_2_auth_comp_id 
_pdbx_struct_sheet_hbond.range_2_auth_asym_id 
_pdbx_struct_sheet_hbond.range_2_auth_seq_id 
A 1 2 N GLU A 22  ? N GLU A 136 O ILE A 106 ? O ILE A 220 
A 2 3 O VAL A 105 ? O VAL A 219 N LEU A 75  ? N LEU A 189 
A 3 4 O ILE A 74  ? O ILE A 188 N ILE A 51  ? N ILE A 165 
A 4 5 O PHE A 52  ? O PHE A 166 N VAL A 39  ? N VAL A 153 
B 1 2 N GLU A 22  ? N GLU A 136 O ILE A 106 ? O ILE A 220 
B 2 3 O VAL A 105 ? O VAL A 219 N LEU A 75  ? N LEU A 189 
B 3 4 N ILE A 77  ? N ILE A 191 O GLN A 80  ? O GLN A 194 
C 1 2 N LEU B 26  ? N LEU B 140 O VAL B 102 ? O VAL B 216 
C 2 3 O ALA B 107 ? O ALA B 221 N GLN B 73  ? N GLN B 187 
C 3 4 N ILE B 77  ? N ILE B 191 O GLN B 80  ? O GLN B 194 
D 1 2 N VAL B 39  ? N VAL B 153 O PHE B 52  ? O PHE B 166 
# 
loop_
_pdbx_validate_torsion.id 
_pdbx_validate_torsion.PDB_model_num 
_pdbx_validate_torsion.auth_comp_id 
_pdbx_validate_torsion.auth_asym_id 
_pdbx_validate_torsion.auth_seq_id 
_pdbx_validate_torsion.PDB_ins_code 
_pdbx_validate_torsion.label_alt_id 
_pdbx_validate_torsion.phi 
_pdbx_validate_torsion.psi 
1 1 GLN A 168 ? ? -107.68 -62.09  
2 1 THR A 185 ? ? 96.43   -14.15  
3 1 ASP A 214 ? ? 55.81   -128.48 
4 1 SER B 157 ? ? -97.03  -157.45 
5 1 THR B 185 ? ? 92.13   -12.85  
6 1 ASP B 214 ? ? 56.34   -129.82 
7 1 SER B 224 ? ? -113.48 -168.46 
# 
_pdbx_SG_project.id                    1 
_pdbx_SG_project.project_name          ? 
_pdbx_SG_project.full_name_of_center   'Structural Genomics Consortium' 
_pdbx_SG_project.initial_of_center     SGC 
# 
loop_
_pdbx_refine_tls.id 
_pdbx_refine_tls.details 
_pdbx_refine_tls.method 
_pdbx_refine_tls.origin_x 
_pdbx_refine_tls.origin_y 
_pdbx_refine_tls.origin_z 
_pdbx_refine_tls.T[1][1] 
_pdbx_refine_tls.T[2][2] 
_pdbx_refine_tls.T[3][3] 
_pdbx_refine_tls.T[1][2] 
_pdbx_refine_tls.T[1][3] 
_pdbx_refine_tls.T[2][3] 
_pdbx_refine_tls.L[1][1] 
_pdbx_refine_tls.L[2][2] 
_pdbx_refine_tls.L[3][3] 
_pdbx_refine_tls.L[1][2] 
_pdbx_refine_tls.L[1][3] 
_pdbx_refine_tls.L[2][3] 
_pdbx_refine_tls.S[1][1] 
_pdbx_refine_tls.S[1][2] 
_pdbx_refine_tls.S[1][3] 
_pdbx_refine_tls.S[2][1] 
_pdbx_refine_tls.S[2][2] 
_pdbx_refine_tls.S[2][3] 
_pdbx_refine_tls.S[3][1] 
_pdbx_refine_tls.S[3][2] 
_pdbx_refine_tls.S[3][3] 
_pdbx_refine_tls.pdbx_refine_id 
1 ? refined 5.8858  14.7640  -0.6475 0.0179 0.0303 0.0986 -0.0335 0.0008  -0.0533 7.1009 5.2081 4.4387 1.6734 -1.4105 -0.2073 -0.0853 0.3550  0.4484  -0.2445 0.1560  0.3039  -0.1021 -0.0662 -0.0707 'X-RAY DIFFRACTION' 
2 ? refined -5.2778 -15.1718 0.2919  0.0640 0.0603 0.0795 0.0166  -0.0975 0.0600  4.0060 7.5688 5.3656 1.0334 -0.5007 3.1461  0.2351  -0.2716 -0.3311 0.4901  -0.0023 -0.3273 0.4527  0.1108  -0.2327 'X-RAY DIFFRACTION' 
# 
loop_
_pdbx_refine_tls_group.id 
_pdbx_refine_tls_group.refine_tls_id 
_pdbx_refine_tls_group.beg_label_asym_id 
_pdbx_refine_tls_group.beg_label_seq_id 
_pdbx_refine_tls_group.end_label_asym_id 
_pdbx_refine_tls_group.end_label_seq_id 
_pdbx_refine_tls_group.selection 
_pdbx_refine_tls_group.beg_auth_asym_id 
_pdbx_refine_tls_group.beg_auth_seq_id 
_pdbx_refine_tls_group.end_auth_asym_id 
_pdbx_refine_tls_group.end_auth_seq_id 
_pdbx_refine_tls_group.pdbx_refine_id 
_pdbx_refine_tls_group.selection_details 
1 1 A 5 A 117 ALL A 119 A 231 'X-RAY DIFFRACTION' ? 
2 2 B 7 B 117 ALL B 121 B 231 'X-RAY DIFFRACTION' ? 
# 
loop_
_pdbx_unobs_or_zero_occ_residues.id 
_pdbx_unobs_or_zero_occ_residues.PDB_model_num 
_pdbx_unobs_or_zero_occ_residues.polymer_flag 
_pdbx_unobs_or_zero_occ_residues.occupancy_flag 
_pdbx_unobs_or_zero_occ_residues.auth_asym_id 
_pdbx_unobs_or_zero_occ_residues.auth_comp_id 
_pdbx_unobs_or_zero_occ_residues.auth_seq_id 
_pdbx_unobs_or_zero_occ_residues.PDB_ins_code 
_pdbx_unobs_or_zero_occ_residues.label_asym_id 
_pdbx_unobs_or_zero_occ_residues.label_comp_id 
_pdbx_unobs_or_zero_occ_residues.label_seq_id 
1  1 Y 1 A SER 115 ? A SER 1  
2  1 Y 1 A MET 116 ? A MET 2  
3  1 Y 1 A PRO 117 ? A PRO 3  
4  1 Y 1 A ALA 118 ? A ALA 4  
5  1 Y 1 A ARG 160 ? A ARG 46 
6  1 Y 1 A GLY 161 ? A GLY 47 
7  1 Y 1 B SER 115 ? B SER 1  
8  1 Y 1 B MET 116 ? B MET 2  
9  1 Y 1 B PRO 117 ? B PRO 3  
10 1 Y 1 B ALA 118 ? B ALA 4  
11 1 Y 1 B CYS 119 ? B CYS 5  
12 1 Y 1 B ASP 120 ? B ASP 6  
13 1 Y 1 B ASN 159 ? B ASN 45 
14 1 Y 1 B ARG 160 ? B ARG 46 
15 1 Y 1 B GLY 161 ? B GLY 47 
# 
loop_
_chem_comp_atom.comp_id 
_chem_comp_atom.atom_id 
_chem_comp_atom.type_symbol 
_chem_comp_atom.pdbx_aromatic_flag 
_chem_comp_atom.pdbx_stereo_config 
_chem_comp_atom.pdbx_ordinal 
ALA N    N N N 1   
ALA CA   C N S 2   
ALA C    C N N 3   
ALA O    O N N 4   
ALA CB   C N N 5   
ALA OXT  O N N 6   
ALA H    H N N 7   
ALA H2   H N N 8   
ALA HA   H N N 9   
ALA HB1  H N N 10  
ALA HB2  H N N 11  
ALA HB3  H N N 12  
ALA HXT  H N N 13  
ARG N    N N N 14  
ARG CA   C N S 15  
ARG C    C N N 16  
ARG O    O N N 17  
ARG CB   C N N 18  
ARG CG   C N N 19  
ARG CD   C N N 20  
ARG NE   N N N 21  
ARG CZ   C N N 22  
ARG NH1  N N N 23  
ARG NH2  N N N 24  
ARG OXT  O N N 25  
ARG H    H N N 26  
ARG H2   H N N 27  
ARG HA   H N N 28  
ARG HB2  H N N 29  
ARG HB3  H N N 30  
ARG HG2  H N N 31  
ARG HG3  H N N 32  
ARG HD2  H N N 33  
ARG HD3  H N N 34  
ARG HE   H N N 35  
ARG HH11 H N N 36  
ARG HH12 H N N 37  
ARG HH21 H N N 38  
ARG HH22 H N N 39  
ARG HXT  H N N 40  
ASN N    N N N 41  
ASN CA   C N S 42  
ASN C    C N N 43  
ASN O    O N N 44  
ASN CB   C N N 45  
ASN CG   C N N 46  
ASN OD1  O N N 47  
ASN ND2  N N N 48  
ASN OXT  O N N 49  
ASN H    H N N 50  
ASN H2   H N N 51  
ASN HA   H N N 52  
ASN HB2  H N N 53  
ASN HB3  H N N 54  
ASN HD21 H N N 55  
ASN HD22 H N N 56  
ASN HXT  H N N 57  
ASP N    N N N 58  
ASP CA   C N S 59  
ASP C    C N N 60  
ASP O    O N N 61  
ASP CB   C N N 62  
ASP CG   C N N 63  
ASP OD1  O N N 64  
ASP OD2  O N N 65  
ASP OXT  O N N 66  
ASP H    H N N 67  
ASP H2   H N N 68  
ASP HA   H N N 69  
ASP HB2  H N N 70  
ASP HB3  H N N 71  
ASP HD2  H N N 72  
ASP HXT  H N N 73  
CYS N    N N N 74  
CYS CA   C N R 75  
CYS C    C N N 76  
CYS O    O N N 77  
CYS CB   C N N 78  
CYS SG   S N N 79  
CYS OXT  O N N 80  
CYS H    H N N 81  
CYS H2   H N N 82  
CYS HA   H N N 83  
CYS HB2  H N N 84  
CYS HB3  H N N 85  
CYS HG   H N N 86  
CYS HXT  H N N 87  
GLN N    N N N 88  
GLN CA   C N S 89  
GLN C    C N N 90  
GLN O    O N N 91  
GLN CB   C N N 92  
GLN CG   C N N 93  
GLN CD   C N N 94  
GLN OE1  O N N 95  
GLN NE2  N N N 96  
GLN OXT  O N N 97  
GLN H    H N N 98  
GLN H2   H N N 99  
GLN HA   H N N 100 
GLN HB2  H N N 101 
GLN HB3  H N N 102 
GLN HG2  H N N 103 
GLN HG3  H N N 104 
GLN HE21 H N N 105 
GLN HE22 H N N 106 
GLN HXT  H N N 107 
GLU N    N N N 108 
GLU CA   C N S 109 
GLU C    C N N 110 
GLU O    O N N 111 
GLU CB   C N N 112 
GLU CG   C N N 113 
GLU CD   C N N 114 
GLU OE1  O N N 115 
GLU OE2  O N N 116 
GLU OXT  O N N 117 
GLU H    H N N 118 
GLU H2   H N N 119 
GLU HA   H N N 120 
GLU HB2  H N N 121 
GLU HB3  H N N 122 
GLU HG2  H N N 123 
GLU HG3  H N N 124 
GLU HE2  H N N 125 
GLU HXT  H N N 126 
GLY N    N N N 127 
GLY CA   C N N 128 
GLY C    C N N 129 
GLY O    O N N 130 
GLY OXT  O N N 131 
GLY H    H N N 132 
GLY H2   H N N 133 
GLY HA2  H N N 134 
GLY HA3  H N N 135 
GLY HXT  H N N 136 
HIS N    N N N 137 
HIS CA   C N S 138 
HIS C    C N N 139 
HIS O    O N N 140 
HIS CB   C N N 141 
HIS CG   C Y N 142 
HIS ND1  N Y N 143 
HIS CD2  C Y N 144 
HIS CE1  C Y N 145 
HIS NE2  N Y N 146 
HIS OXT  O N N 147 
HIS H    H N N 148 
HIS H2   H N N 149 
HIS HA   H N N 150 
HIS HB2  H N N 151 
HIS HB3  H N N 152 
HIS HD1  H N N 153 
HIS HD2  H N N 154 
HIS HE1  H N N 155 
HIS HE2  H N N 156 
HIS HXT  H N N 157 
HOH O    O N N 158 
HOH H1   H N N 159 
HOH H2   H N N 160 
ILE N    N N N 161 
ILE CA   C N S 162 
ILE C    C N N 163 
ILE O    O N N 164 
ILE CB   C N S 165 
ILE CG1  C N N 166 
ILE CG2  C N N 167 
ILE CD1  C N N 168 
ILE OXT  O N N 169 
ILE H    H N N 170 
ILE H2   H N N 171 
ILE HA   H N N 172 
ILE HB   H N N 173 
ILE HG12 H N N 174 
ILE HG13 H N N 175 
ILE HG21 H N N 176 
ILE HG22 H N N 177 
ILE HG23 H N N 178 
ILE HD11 H N N 179 
ILE HD12 H N N 180 
ILE HD13 H N N 181 
ILE HXT  H N N 182 
LEU N    N N N 183 
LEU CA   C N S 184 
LEU C    C N N 185 
LEU O    O N N 186 
LEU CB   C N N 187 
LEU CG   C N N 188 
LEU CD1  C N N 189 
LEU CD2  C N N 190 
LEU OXT  O N N 191 
LEU H    H N N 192 
LEU H2   H N N 193 
LEU HA   H N N 194 
LEU HB2  H N N 195 
LEU HB3  H N N 196 
LEU HG   H N N 197 
LEU HD11 H N N 198 
LEU HD12 H N N 199 
LEU HD13 H N N 200 
LEU HD21 H N N 201 
LEU HD22 H N N 202 
LEU HD23 H N N 203 
LEU HXT  H N N 204 
LYS N    N N N 205 
LYS CA   C N S 206 
LYS C    C N N 207 
LYS O    O N N 208 
LYS CB   C N N 209 
LYS CG   C N N 210 
LYS CD   C N N 211 
LYS CE   C N N 212 
LYS NZ   N N N 213 
LYS OXT  O N N 214 
LYS H    H N N 215 
LYS H2   H N N 216 
LYS HA   H N N 217 
LYS HB2  H N N 218 
LYS HB3  H N N 219 
LYS HG2  H N N 220 
LYS HG3  H N N 221 
LYS HD2  H N N 222 
LYS HD3  H N N 223 
LYS HE2  H N N 224 
LYS HE3  H N N 225 
LYS HZ1  H N N 226 
LYS HZ2  H N N 227 
LYS HZ3  H N N 228 
LYS HXT  H N N 229 
MET N    N N N 230 
MET CA   C N S 231 
MET C    C N N 232 
MET O    O N N 233 
MET CB   C N N 234 
MET CG   C N N 235 
MET SD   S N N 236 
MET CE   C N N 237 
MET OXT  O N N 238 
MET H    H N N 239 
MET H2   H N N 240 
MET HA   H N N 241 
MET HB2  H N N 242 
MET HB3  H N N 243 
MET HG2  H N N 244 
MET HG3  H N N 245 
MET HE1  H N N 246 
MET HE2  H N N 247 
MET HE3  H N N 248 
MET HXT  H N N 249 
PHE N    N N N 250 
PHE CA   C N S 251 
PHE C    C N N 252 
PHE O    O N N 253 
PHE CB   C N N 254 
PHE CG   C Y N 255 
PHE CD1  C Y N 256 
PHE CD2  C Y N 257 
PHE CE1  C Y N 258 
PHE CE2  C Y N 259 
PHE CZ   C Y N 260 
PHE OXT  O N N 261 
PHE H    H N N 262 
PHE H2   H N N 263 
PHE HA   H N N 264 
PHE HB2  H N N 265 
PHE HB3  H N N 266 
PHE HD1  H N N 267 
PHE HD2  H N N 268 
PHE HE1  H N N 269 
PHE HE2  H N N 270 
PHE HZ   H N N 271 
PHE HXT  H N N 272 
PRO N    N N N 273 
PRO CA   C N S 274 
PRO C    C N N 275 
PRO O    O N N 276 
PRO CB   C N N 277 
PRO CG   C N N 278 
PRO CD   C N N 279 
PRO OXT  O N N 280 
PRO H    H N N 281 
PRO HA   H N N 282 
PRO HB2  H N N 283 
PRO HB3  H N N 284 
PRO HG2  H N N 285 
PRO HG3  H N N 286 
PRO HD2  H N N 287 
PRO HD3  H N N 288 
PRO HXT  H N N 289 
SER N    N N N 290 
SER CA   C N S 291 
SER C    C N N 292 
SER O    O N N 293 
SER CB   C N N 294 
SER OG   O N N 295 
SER OXT  O N N 296 
SER H    H N N 297 
SER H2   H N N 298 
SER HA   H N N 299 
SER HB2  H N N 300 
SER HB3  H N N 301 
SER HG   H N N 302 
SER HXT  H N N 303 
THR N    N N N 304 
THR CA   C N S 305 
THR C    C N N 306 
THR O    O N N 307 
THR CB   C N R 308 
THR OG1  O N N 309 
THR CG2  C N N 310 
THR OXT  O N N 311 
THR H    H N N 312 
THR H2   H N N 313 
THR HA   H N N 314 
THR HB   H N N 315 
THR HG1  H N N 316 
THR HG21 H N N 317 
THR HG22 H N N 318 
THR HG23 H N N 319 
THR HXT  H N N 320 
TYR N    N N N 321 
TYR CA   C N S 322 
TYR C    C N N 323 
TYR O    O N N 324 
TYR CB   C N N 325 
TYR CG   C Y N 326 
TYR CD1  C Y N 327 
TYR CD2  C Y N 328 
TYR CE1  C Y N 329 
TYR CE2  C Y N 330 
TYR CZ   C Y N 331 
TYR OH   O N N 332 
TYR OXT  O N N 333 
TYR H    H N N 334 
TYR H2   H N N 335 
TYR HA   H N N 336 
TYR HB2  H N N 337 
TYR HB3  H N N 338 
TYR HD1  H N N 339 
TYR HD2  H N N 340 
TYR HE1  H N N 341 
TYR HE2  H N N 342 
TYR HH   H N N 343 
TYR HXT  H N N 344 
VAL N    N N N 345 
VAL CA   C N S 346 
VAL C    C N N 347 
VAL O    O N N 348 
VAL CB   C N N 349 
VAL CG1  C N N 350 
VAL CG2  C N N 351 
VAL OXT  O N N 352 
VAL H    H N N 353 
VAL H2   H N N 354 
VAL HA   H N N 355 
VAL HB   H N N 356 
VAL HG11 H N N 357 
VAL HG12 H N N 358 
VAL HG13 H N N 359 
VAL HG21 H N N 360 
VAL HG22 H N N 361 
VAL HG23 H N N 362 
VAL HXT  H N N 363 
# 
loop_
_chem_comp_bond.comp_id 
_chem_comp_bond.atom_id_1 
_chem_comp_bond.atom_id_2 
_chem_comp_bond.value_order 
_chem_comp_bond.pdbx_aromatic_flag 
_chem_comp_bond.pdbx_stereo_config 
_chem_comp_bond.pdbx_ordinal 
ALA N   CA   sing N N 1   
ALA N   H    sing N N 2   
ALA N   H2   sing N N 3   
ALA CA  C    sing N N 4   
ALA CA  CB   sing N N 5   
ALA CA  HA   sing N N 6   
ALA C   O    doub N N 7   
ALA C   OXT  sing N N 8   
ALA CB  HB1  sing N N 9   
ALA CB  HB2  sing N N 10  
ALA CB  HB3  sing N N 11  
ALA OXT HXT  sing N N 12  
ARG N   CA   sing N N 13  
ARG N   H    sing N N 14  
ARG N   H2   sing N N 15  
ARG CA  C    sing N N 16  
ARG CA  CB   sing N N 17  
ARG CA  HA   sing N N 18  
ARG C   O    doub N N 19  
ARG C   OXT  sing N N 20  
ARG CB  CG   sing N N 21  
ARG CB  HB2  sing N N 22  
ARG CB  HB3  sing N N 23  
ARG CG  CD   sing N N 24  
ARG CG  HG2  sing N N 25  
ARG CG  HG3  sing N N 26  
ARG CD  NE   sing N N 27  
ARG CD  HD2  sing N N 28  
ARG CD  HD3  sing N N 29  
ARG NE  CZ   sing N N 30  
ARG NE  HE   sing N N 31  
ARG CZ  NH1  sing N N 32  
ARG CZ  NH2  doub N N 33  
ARG NH1 HH11 sing N N 34  
ARG NH1 HH12 sing N N 35  
ARG NH2 HH21 sing N N 36  
ARG NH2 HH22 sing N N 37  
ARG OXT HXT  sing N N 38  
ASN N   CA   sing N N 39  
ASN N   H    sing N N 40  
ASN N   H2   sing N N 41  
ASN CA  C    sing N N 42  
ASN CA  CB   sing N N 43  
ASN CA  HA   sing N N 44  
ASN C   O    doub N N 45  
ASN C   OXT  sing N N 46  
ASN CB  CG   sing N N 47  
ASN CB  HB2  sing N N 48  
ASN CB  HB3  sing N N 49  
ASN CG  OD1  doub N N 50  
ASN CG  ND2  sing N N 51  
ASN ND2 HD21 sing N N 52  
ASN ND2 HD22 sing N N 53  
ASN OXT HXT  sing N N 54  
ASP N   CA   sing N N 55  
ASP N   H    sing N N 56  
ASP N   H2   sing N N 57  
ASP CA  C    sing N N 58  
ASP CA  CB   sing N N 59  
ASP CA  HA   sing N N 60  
ASP C   O    doub N N 61  
ASP C   OXT  sing N N 62  
ASP CB  CG   sing N N 63  
ASP CB  HB2  sing N N 64  
ASP CB  HB3  sing N N 65  
ASP CG  OD1  doub N N 66  
ASP CG  OD2  sing N N 67  
ASP OD2 HD2  sing N N 68  
ASP OXT HXT  sing N N 69  
CYS N   CA   sing N N 70  
CYS N   H    sing N N 71  
CYS N   H2   sing N N 72  
CYS CA  C    sing N N 73  
CYS CA  CB   sing N N 74  
CYS CA  HA   sing N N 75  
CYS C   O    doub N N 76  
CYS C   OXT  sing N N 77  
CYS CB  SG   sing N N 78  
CYS CB  HB2  sing N N 79  
CYS CB  HB3  sing N N 80  
CYS SG  HG   sing N N 81  
CYS OXT HXT  sing N N 82  
GLN N   CA   sing N N 83  
GLN N   H    sing N N 84  
GLN N   H2   sing N N 85  
GLN CA  C    sing N N 86  
GLN CA  CB   sing N N 87  
GLN CA  HA   sing N N 88  
GLN C   O    doub N N 89  
GLN C   OXT  sing N N 90  
GLN CB  CG   sing N N 91  
GLN CB  HB2  sing N N 92  
GLN CB  HB3  sing N N 93  
GLN CG  CD   sing N N 94  
GLN CG  HG2  sing N N 95  
GLN CG  HG3  sing N N 96  
GLN CD  OE1  doub N N 97  
GLN CD  NE2  sing N N 98  
GLN NE2 HE21 sing N N 99  
GLN NE2 HE22 sing N N 100 
GLN OXT HXT  sing N N 101 
GLU N   CA   sing N N 102 
GLU N   H    sing N N 103 
GLU N   H2   sing N N 104 
GLU CA  C    sing N N 105 
GLU CA  CB   sing N N 106 
GLU CA  HA   sing N N 107 
GLU C   O    doub N N 108 
GLU C   OXT  sing N N 109 
GLU CB  CG   sing N N 110 
GLU CB  HB2  sing N N 111 
GLU CB  HB3  sing N N 112 
GLU CG  CD   sing N N 113 
GLU CG  HG2  sing N N 114 
GLU CG  HG3  sing N N 115 
GLU CD  OE1  doub N N 116 
GLU CD  OE2  sing N N 117 
GLU OE2 HE2  sing N N 118 
GLU OXT HXT  sing N N 119 
GLY N   CA   sing N N 120 
GLY N   H    sing N N 121 
GLY N   H2   sing N N 122 
GLY CA  C    sing N N 123 
GLY CA  HA2  sing N N 124 
GLY CA  HA3  sing N N 125 
GLY C   O    doub N N 126 
GLY C   OXT  sing N N 127 
GLY OXT HXT  sing N N 128 
HIS N   CA   sing N N 129 
HIS N   H    sing N N 130 
HIS N   H2   sing N N 131 
HIS CA  C    sing N N 132 
HIS CA  CB   sing N N 133 
HIS CA  HA   sing N N 134 
HIS C   O    doub N N 135 
HIS C   OXT  sing N N 136 
HIS CB  CG   sing N N 137 
HIS CB  HB2  sing N N 138 
HIS CB  HB3  sing N N 139 
HIS CG  ND1  sing Y N 140 
HIS CG  CD2  doub Y N 141 
HIS ND1 CE1  doub Y N 142 
HIS ND1 HD1  sing N N 143 
HIS CD2 NE2  sing Y N 144 
HIS CD2 HD2  sing N N 145 
HIS CE1 NE2  sing Y N 146 
HIS CE1 HE1  sing N N 147 
HIS NE2 HE2  sing N N 148 
HIS OXT HXT  sing N N 149 
HOH O   H1   sing N N 150 
HOH O   H2   sing N N 151 
ILE N   CA   sing N N 152 
ILE N   H    sing N N 153 
ILE N   H2   sing N N 154 
ILE CA  C    sing N N 155 
ILE CA  CB   sing N N 156 
ILE CA  HA   sing N N 157 
ILE C   O    doub N N 158 
ILE C   OXT  sing N N 159 
ILE CB  CG1  sing N N 160 
ILE CB  CG2  sing N N 161 
ILE CB  HB   sing N N 162 
ILE CG1 CD1  sing N N 163 
ILE CG1 HG12 sing N N 164 
ILE CG1 HG13 sing N N 165 
ILE CG2 HG21 sing N N 166 
ILE CG2 HG22 sing N N 167 
ILE CG2 HG23 sing N N 168 
ILE CD1 HD11 sing N N 169 
ILE CD1 HD12 sing N N 170 
ILE CD1 HD13 sing N N 171 
ILE OXT HXT  sing N N 172 
LEU N   CA   sing N N 173 
LEU N   H    sing N N 174 
LEU N   H2   sing N N 175 
LEU CA  C    sing N N 176 
LEU CA  CB   sing N N 177 
LEU CA  HA   sing N N 178 
LEU C   O    doub N N 179 
LEU C   OXT  sing N N 180 
LEU CB  CG   sing N N 181 
LEU CB  HB2  sing N N 182 
LEU CB  HB3  sing N N 183 
LEU CG  CD1  sing N N 184 
LEU CG  CD2  sing N N 185 
LEU CG  HG   sing N N 186 
LEU CD1 HD11 sing N N 187 
LEU CD1 HD12 sing N N 188 
LEU CD1 HD13 sing N N 189 
LEU CD2 HD21 sing N N 190 
LEU CD2 HD22 sing N N 191 
LEU CD2 HD23 sing N N 192 
LEU OXT HXT  sing N N 193 
LYS N   CA   sing N N 194 
LYS N   H    sing N N 195 
LYS N   H2   sing N N 196 
LYS CA  C    sing N N 197 
LYS CA  CB   sing N N 198 
LYS CA  HA   sing N N 199 
LYS C   O    doub N N 200 
LYS C   OXT  sing N N 201 
LYS CB  CG   sing N N 202 
LYS CB  HB2  sing N N 203 
LYS CB  HB3  sing N N 204 
LYS CG  CD   sing N N 205 
LYS CG  HG2  sing N N 206 
LYS CG  HG3  sing N N 207 
LYS CD  CE   sing N N 208 
LYS CD  HD2  sing N N 209 
LYS CD  HD3  sing N N 210 
LYS CE  NZ   sing N N 211 
LYS CE  HE2  sing N N 212 
LYS CE  HE3  sing N N 213 
LYS NZ  HZ1  sing N N 214 
LYS NZ  HZ2  sing N N 215 
LYS NZ  HZ3  sing N N 216 
LYS OXT HXT  sing N N 217 
MET N   CA   sing N N 218 
MET N   H    sing N N 219 
MET N   H2   sing N N 220 
MET CA  C    sing N N 221 
MET CA  CB   sing N N 222 
MET CA  HA   sing N N 223 
MET C   O    doub N N 224 
MET C   OXT  sing N N 225 
MET CB  CG   sing N N 226 
MET CB  HB2  sing N N 227 
MET CB  HB3  sing N N 228 
MET CG  SD   sing N N 229 
MET CG  HG2  sing N N 230 
MET CG  HG3  sing N N 231 
MET SD  CE   sing N N 232 
MET CE  HE1  sing N N 233 
MET CE  HE2  sing N N 234 
MET CE  HE3  sing N N 235 
MET OXT HXT  sing N N 236 
PHE N   CA   sing N N 237 
PHE N   H    sing N N 238 
PHE N   H2   sing N N 239 
PHE CA  C    sing N N 240 
PHE CA  CB   sing N N 241 
PHE CA  HA   sing N N 242 
PHE C   O    doub N N 243 
PHE C   OXT  sing N N 244 
PHE CB  CG   sing N N 245 
PHE CB  HB2  sing N N 246 
PHE CB  HB3  sing N N 247 
PHE CG  CD1  doub Y N 248 
PHE CG  CD2  sing Y N 249 
PHE CD1 CE1  sing Y N 250 
PHE CD1 HD1  sing N N 251 
PHE CD2 CE2  doub Y N 252 
PHE CD2 HD2  sing N N 253 
PHE CE1 CZ   doub Y N 254 
PHE CE1 HE1  sing N N 255 
PHE CE2 CZ   sing Y N 256 
PHE CE2 HE2  sing N N 257 
PHE CZ  HZ   sing N N 258 
PHE OXT HXT  sing N N 259 
PRO N   CA   sing N N 260 
PRO N   CD   sing N N 261 
PRO N   H    sing N N 262 
PRO CA  C    sing N N 263 
PRO CA  CB   sing N N 264 
PRO CA  HA   sing N N 265 
PRO C   O    doub N N 266 
PRO C   OXT  sing N N 267 
PRO CB  CG   sing N N 268 
PRO CB  HB2  sing N N 269 
PRO CB  HB3  sing N N 270 
PRO CG  CD   sing N N 271 
PRO CG  HG2  sing N N 272 
PRO CG  HG3  sing N N 273 
PRO CD  HD2  sing N N 274 
PRO CD  HD3  sing N N 275 
PRO OXT HXT  sing N N 276 
SER N   CA   sing N N 277 
SER N   H    sing N N 278 
SER N   H2   sing N N 279 
SER CA  C    sing N N 280 
SER CA  CB   sing N N 281 
SER CA  HA   sing N N 282 
SER C   O    doub N N 283 
SER C   OXT  sing N N 284 
SER CB  OG   sing N N 285 
SER CB  HB2  sing N N 286 
SER CB  HB3  sing N N 287 
SER OG  HG   sing N N 288 
SER OXT HXT  sing N N 289 
THR N   CA   sing N N 290 
THR N   H    sing N N 291 
THR N   H2   sing N N 292 
THR CA  C    sing N N 293 
THR CA  CB   sing N N 294 
THR CA  HA   sing N N 295 
THR C   O    doub N N 296 
THR C   OXT  sing N N 297 
THR CB  OG1  sing N N 298 
THR CB  CG2  sing N N 299 
THR CB  HB   sing N N 300 
THR OG1 HG1  sing N N 301 
THR CG2 HG21 sing N N 302 
THR CG2 HG22 sing N N 303 
THR CG2 HG23 sing N N 304 
THR OXT HXT  sing N N 305 
TYR N   CA   sing N N 306 
TYR N   H    sing N N 307 
TYR N   H2   sing N N 308 
TYR CA  C    sing N N 309 
TYR CA  CB   sing N N 310 
TYR CA  HA   sing N N 311 
TYR C   O    doub N N 312 
TYR C   OXT  sing N N 313 
TYR CB  CG   sing N N 314 
TYR CB  HB2  sing N N 315 
TYR CB  HB3  sing N N 316 
TYR CG  CD1  doub Y N 317 
TYR CG  CD2  sing Y N 318 
TYR CD1 CE1  sing Y N 319 
TYR CD1 HD1  sing N N 320 
TYR CD2 CE2  doub Y N 321 
TYR CD2 HD2  sing N N 322 
TYR CE1 CZ   doub Y N 323 
TYR CE1 HE1  sing N N 324 
TYR CE2 CZ   sing Y N 325 
TYR CE2 HE2  sing N N 326 
TYR CZ  OH   sing N N 327 
TYR OH  HH   sing N N 328 
TYR OXT HXT  sing N N 329 
VAL N   CA   sing N N 330 
VAL N   H    sing N N 331 
VAL N   H2   sing N N 332 
VAL CA  C    sing N N 333 
VAL CA  CB   sing N N 334 
VAL CA  HA   sing N N 335 
VAL C   O    doub N N 336 
VAL C   OXT  sing N N 337 
VAL CB  CG1  sing N N 338 
VAL CB  CG2  sing N N 339 
VAL CB  HB   sing N N 340 
VAL CG1 HG11 sing N N 341 
VAL CG1 HG12 sing N N 342 
VAL CG1 HG13 sing N N 343 
VAL CG2 HG21 sing N N 344 
VAL CG2 HG22 sing N N 345 
VAL CG2 HG23 sing N N 346 
VAL OXT HXT  sing N N 347 
# 
_atom_sites.entry_id                    2O2T 
_atom_sites.fract_transf_matrix[1][1]   0.00424491 
_atom_sites.fract_transf_matrix[1][2]   -0.00528141 
_atom_sites.fract_transf_matrix[1][3]   0.00821668 
_atom_sites.fract_transf_matrix[2][1]   0.01878103 
_atom_sites.fract_transf_matrix[2][2]   -0.01473459 
_atom_sites.fract_transf_matrix[2][3]   -0.01917360 
_atom_sites.fract_transf_matrix[3][1]   0.00896843 
_atom_sites.fract_transf_matrix[3][2]   0.00577217 
_atom_sites.fract_transf_matrix[3][3]   0.00434899 
_atom_sites.fract_transf_vector[1]      0.272306 
_atom_sites.fract_transf_vector[2]      0.083970 
_atom_sites.fract_transf_vector[3]      0.243529 
# 
loop_
_atom_type.symbol 
C 
N 
O 
S 
# 
loop_
_atom_site.group_PDB 
_atom_site.id 
_atom_site.type_symbol 
_atom_site.label_atom_id 
_atom_site.label_alt_id 
_atom_site.label_comp_id 
_atom_site.label_asym_id 
_atom_site.label_entity_id 
_atom_site.label_seq_id 
_atom_site.pdbx_PDB_ins_code 
_atom_site.Cartn_x 
_atom_site.Cartn_y 
_atom_site.Cartn_z 
_atom_site.occupancy 
_atom_site.B_iso_or_equiv 
_atom_site.pdbx_formal_charge 
_atom_site.auth_seq_id 
_atom_site.auth_comp_id 
_atom_site.auth_asym_id 
_atom_site.auth_atom_id 
_atom_site.pdbx_PDB_model_num 
ATOM   1    N N   . CYS A 1 5   ? -10.693 22.912  -10.621 1.00 31.67 ? 119 CYS A N   1 
ATOM   2    C CA  . CYS A 1 5   ? -10.426 21.548  -10.063 1.00 31.88 ? 119 CYS A CA  1 
ATOM   3    C C   . CYS A 1 5   ? -9.647  20.647  -11.041 1.00 31.88 ? 119 CYS A C   1 
ATOM   4    O O   . CYS A 1 5   ? -8.709  19.957  -10.641 1.00 31.94 ? 119 CYS A O   1 
ATOM   5    C CB  . CYS A 1 5   ? -11.740 20.865  -9.656  1.00 32.02 ? 119 CYS A CB  1 
ATOM   6    N N   . ASP A 1 6   ? -10.045 20.647  -12.315 1.00 31.86 ? 120 ASP A N   1 
ATOM   7    C CA  . ASP A 1 6   ? -9.265  19.990  -13.383 1.00 31.66 ? 120 ASP A CA  1 
ATOM   8    C C   . ASP A 1 6   ? -7.901  20.675  -13.503 1.00 31.51 ? 120 ASP A C   1 
ATOM   9    O O   . ASP A 1 6   ? -6.910  20.067  -13.917 1.00 31.43 ? 120 ASP A O   1 
ATOM   10   C CB  . ASP A 1 6   ? -10.008 20.037  -14.731 1.00 31.55 ? 120 ASP A CB  1 
ATOM   11   N N   . GLU A 1 7   ? -7.867  21.951  -13.126 1.00 31.26 ? 121 GLU A N   1 
ATOM   12   C CA  . GLU A 1 7   ? -6.630  22.727  -13.087 1.00 31.12 ? 121 GLU A CA  1 
ATOM   13   C C   . GLU A 1 7   ? -5.608  22.168  -12.084 1.00 31.02 ? 121 GLU A C   1 
ATOM   14   O O   . GLU A 1 7   ? -4.403  22.197  -12.341 1.00 31.00 ? 121 GLU A O   1 
ATOM   15   C CB  . GLU A 1 7   ? -6.930  24.203  -12.768 1.00 30.96 ? 121 GLU A CB  1 
ATOM   16   N N   . PHE A 1 8   ? -6.082  21.668  -10.944 1.00 31.00 ? 122 PHE A N   1 
ATOM   17   C CA  . PHE A 1 8   ? -5.195  21.047  -9.948  1.00 30.97 ? 122 PHE A CA  1 
ATOM   18   C C   . PHE A 1 8   ? -4.421  19.893  -10.582 1.00 31.20 ? 122 PHE A C   1 
ATOM   19   O O   . PHE A 1 8   ? -3.208  19.811  -10.452 1.00 31.49 ? 122 PHE A O   1 
ATOM   20   C CB  . PHE A 1 8   ? -6.006  20.567  -8.734  1.00 30.73 ? 122 PHE A CB  1 
ATOM   21   C CG  . PHE A 1 8   ? -5.249  19.669  -7.783  1.00 30.14 ? 122 PHE A CG  1 
ATOM   22   C CD1 . PHE A 1 8   ? -4.588  20.199  -6.682  1.00 29.87 ? 122 PHE A CD1 1 
ATOM   23   C CD2 . PHE A 1 8   ? -5.239  18.287  -7.966  1.00 29.73 ? 122 PHE A CD2 1 
ATOM   24   C CE1 . PHE A 1 8   ? -3.897  19.374  -5.790  1.00 29.99 ? 122 PHE A CE1 1 
ATOM   25   C CE2 . PHE A 1 8   ? -4.562  17.447  -7.081  1.00 29.67 ? 122 PHE A CE2 1 
ATOM   26   C CZ  . PHE A 1 8   ? -3.887  17.990  -5.987  1.00 30.14 ? 122 PHE A CZ  1 
ATOM   27   N N   . ASP A 1 9   ? -5.125  19.017  -11.292 1.00 31.34 ? 123 ASP A N   1 
ATOM   28   C CA  . ASP A 1 9   ? -4.490  17.877  -11.957 1.00 31.29 ? 123 ASP A CA  1 
ATOM   29   C C   . ASP A 1 9   ? -3.333  18.311  -12.869 1.00 30.97 ? 123 ASP A C   1 
ATOM   30   O O   . ASP A 1 9   ? -2.285  17.672  -12.894 1.00 30.67 ? 123 ASP A O   1 
ATOM   31   C CB  . ASP A 1 9   ? -5.539  17.093  -12.767 1.00 31.46 ? 123 ASP A CB  1 
ATOM   32   C CG  . ASP A 1 9   ? -5.021  15.752  -13.262 1.00 32.09 ? 123 ASP A CG  1 
ATOM   33   O OD1 . ASP A 1 9   ? -4.048  15.218  -12.676 1.00 33.56 ? 123 ASP A OD1 1 
ATOM   34   O OD2 . ASP A 1 9   ? -5.596  15.224  -14.234 1.00 32.56 ? 123 ASP A OD2 1 
ATOM   35   N N   . GLN A 1 10  ? -3.541  19.392  -13.617 1.00 30.90 ? 124 GLN A N   1 
ATOM   36   C CA  . GLN A 1 10  ? -2.507  19.944  -14.495 1.00 30.87 ? 124 GLN A CA  1 
ATOM   37   C C   . GLN A 1 10  ? -1.356  20.523  -13.674 1.00 30.85 ? 124 GLN A C   1 
ATOM   38   O O   . GLN A 1 10  ? -0.183  20.318  -14.002 1.00 30.84 ? 124 GLN A O   1 
ATOM   39   C CB  . GLN A 1 10  ? -3.095  21.027  -15.413 1.00 30.82 ? 124 GLN A CB  1 
ATOM   40   C CG  . GLN A 1 10  ? -2.072  21.795  -16.274 1.00 30.80 ? 124 GLN A CG  1 
ATOM   41   C CD  . GLN A 1 10  ? -1.374  20.933  -17.317 1.00 30.89 ? 124 GLN A CD  1 
ATOM   42   O OE1 . GLN A 1 10  ? -1.805  19.827  -17.611 1.00 32.14 ? 124 GLN A OE1 1 
ATOM   43   N NE2 . GLN A 1 10  ? -0.300  21.452  -17.892 1.00 30.70 ? 124 GLN A NE2 1 
ATOM   44   N N   . LEU A 1 11  ? -1.692  21.257  -12.616 1.00 30.70 ? 125 LEU A N   1 
ATOM   45   C CA  . LEU A 1 11  ? -0.670  21.828  -11.742 1.00 30.62 ? 125 LEU A CA  1 
ATOM   46   C C   . LEU A 1 11  ? 0.281   20.736  -11.314 1.00 30.63 ? 125 LEU A C   1 
ATOM   47   O O   . LEU A 1 11  ? 1.487   20.930  -11.326 1.00 31.00 ? 125 LEU A O   1 
ATOM   48   C CB  . LEU A 1 11  ? -1.286  22.478  -10.495 1.00 30.62 ? 125 LEU A CB  1 
ATOM   49   C CG  . LEU A 1 11  ? -0.329  23.133  -9.489  1.00 30.30 ? 125 LEU A CG  1 
ATOM   50   N N   . ILE A 1 12  ? -0.270  19.583  -10.950 1.00 30.53 ? 126 ILE A N   1 
ATOM   51   C CA  . ILE A 1 12  ? 0.534   18.460  -10.489 1.00 30.47 ? 126 ILE A CA  1 
ATOM   52   C C   . ILE A 1 12  ? 1.408   17.904  -11.616 1.00 30.58 ? 126 ILE A C   1 
ATOM   53   O O   . ILE A 1 12  ? 2.598   17.673  -11.416 1.00 30.99 ? 126 ILE A O   1 
ATOM   54   C CB  . ILE A 1 12  ? -0.337  17.341  -9.893  1.00 30.38 ? 126 ILE A CB  1 
ATOM   55   C CG1 . ILE A 1 12  ? -1.200  17.874  -8.741  1.00 30.30 ? 126 ILE A CG1 1 
ATOM   56   C CG2 . ILE A 1 12  ? 0.540   16.210  -9.372  1.00 30.45 ? 126 ILE A CG2 1 
ATOM   57   C CD1 . ILE A 1 12  ? -0.513  17.921  -7.402  1.00 29.90 ? 126 ILE A CD1 1 
ATOM   58   N N   . LYS A 1 13  ? 0.829   17.714  -12.800 1.00 30.55 ? 127 LYS A N   1 
ATOM   59   C CA  . LYS A 1 13  ? 1.585   17.249  -13.975 1.00 30.39 ? 127 LYS A CA  1 
ATOM   60   C C   . LYS A 1 13  ? 2.764   18.166  -14.268 1.00 30.41 ? 127 LYS A C   1 
ATOM   61   O O   . LYS A 1 13  ? 3.834   17.691  -14.639 1.00 30.42 ? 127 LYS A O   1 
ATOM   62   C CB  . LYS A 1 13  ? 0.687   17.166  -15.222 1.00 30.15 ? 127 LYS A CB  1 
ATOM   63   N N   . ASN A 1 14  ? 2.558   19.475  -14.100 1.00 30.46 ? 128 ASN A N   1 
ATOM   64   C CA  . ASN A 1 14  ? 3.622   20.474  -14.283 1.00 30.41 ? 128 ASN A CA  1 
ATOM   65   C C   . ASN A 1 14  ? 4.732   20.355  -13.274 1.00 30.55 ? 128 ASN A C   1 
ATOM   66   O O   . ASN A 1 14  ? 5.890   20.554  -13.603 1.00 30.56 ? 128 ASN A O   1 
ATOM   67   C CB  . ASN A 1 14  ? 3.089   21.891  -14.138 1.00 30.20 ? 128 ASN A CB  1 
ATOM   68   C CG  . ASN A 1 14  ? 2.199   22.281  -15.249 1.00 29.89 ? 128 ASN A CG  1 
ATOM   69   O OD1 . ASN A 1 14  ? 2.099   21.584  -16.258 1.00 29.65 ? 128 ASN A OD1 1 
ATOM   70   N ND2 . ASN A 1 14  ? 1.533   23.409  -15.085 1.00 29.37 ? 128 ASN A ND2 1 
ATOM   71   N N   . MET A 1 15  ? 4.369   20.095  -12.026 1.00 30.84 ? 129 MET A N   1 
ATOM   72   C CA  . MET A 1 15  ? 5.368   19.885  -10.995 1.00 31.42 ? 129 MET A CA  1 
ATOM   73   C C   . MET A 1 15  ? 6.097   18.588  -11.291 1.00 31.45 ? 129 MET A C   1 
ATOM   74   O O   . MET A 1 15  ? 7.322   18.536  -11.230 1.00 31.99 ? 129 MET A O   1 
ATOM   75   C CB  . MET A 1 15  ? 4.754   19.786  -9.596  1.00 31.63 ? 129 MET A CB  1 
ATOM   76   C CG  . MET A 1 15  ? 4.115   21.075  -9.037  1.00 32.13 ? 129 MET A CG  1 
ATOM   77   S SD  . MET A 1 15  ? 3.417   20.834  -7.369  1.00 32.28 ? 129 MET A SD  1 
ATOM   78   C CE  . MET A 1 15  ? 4.918   20.780  -6.392  1.00 32.57 ? 129 MET A CE  1 
ATOM   79   N N   . ALA A 1 16  ? 5.347   17.546  -11.633 1.00 31.35 ? 130 ALA A N   1 
ATOM   80   C CA  . ALA A 1 16  ? 5.934   16.223  -11.868 1.00 31.37 ? 130 ALA A CA  1 
ATOM   81   C C   . ALA A 1 16  ? 6.869   16.183  -13.078 1.00 31.46 ? 130 ALA A C   1 
ATOM   82   O O   . ALA A 1 16  ? 7.842   15.433  -13.093 1.00 31.50 ? 130 ALA A O   1 
ATOM   83   C CB  . ALA A 1 16  ? 4.846   15.180  -12.023 1.00 31.27 ? 130 ALA A CB  1 
ATOM   84   N N   . GLN A 1 17  ? 6.562   16.981  -14.095 1.00 31.61 ? 131 GLN A N   1 
ATOM   85   C CA  . GLN A 1 17  ? 7.376   17.043  -15.306 1.00 31.69 ? 131 GLN A CA  1 
ATOM   86   C C   . GLN A 1 17  ? 7.745   15.649  -15.785 1.00 31.51 ? 131 GLN A C   1 
ATOM   87   O O   . GLN A 1 17  ? 8.926   15.321  -15.944 1.00 31.39 ? 131 GLN A O   1 
ATOM   88   C CB  . GLN A 1 17  ? 8.625   17.885  -15.072 1.00 31.75 ? 131 GLN A CB  1 
ATOM   89   C CG  . GLN A 1 17  ? 8.294   19.265  -14.588 1.00 32.80 ? 131 GLN A CG  1 
ATOM   90   C CD  . GLN A 1 17  ? 9.511   20.155  -14.458 1.00 34.63 ? 131 GLN A CD  1 
ATOM   91   O OE1 . GLN A 1 17  ? 10.274  20.338  -15.416 1.00 35.47 ? 131 GLN A OE1 1 
ATOM   92   N NE2 . GLN A 1 17  ? 9.695   20.731  -13.267 1.00 35.49 ? 131 GLN A NE2 1 
ATOM   93   N N   . GLY A 1 18  ? 6.715   14.827  -15.987 1.00 31.38 ? 132 GLY A N   1 
ATOM   94   C CA  . GLY A 1 18  ? 6.881   13.518  -16.613 1.00 31.34 ? 132 GLY A CA  1 
ATOM   95   C C   . GLY A 1 18  ? 7.273   12.404  -15.668 1.00 31.25 ? 132 GLY A C   1 
ATOM   96   O O   . GLY A 1 18  ? 7.364   11.249  -16.081 1.00 31.18 ? 132 GLY A O   1 
ATOM   97   N N   . ARG A 1 19  ? 7.511   12.736  -14.403 1.00 31.16 ? 133 ARG A N   1 
ATOM   98   C CA  . ARG A 1 19  ? 7.666   11.708  -13.390 1.00 31.35 ? 133 ARG A CA  1 
ATOM   99   C C   . ARG A 1 19  ? 6.336   10.993  -13.154 1.00 31.47 ? 133 ARG A C   1 
ATOM   100  O O   . ARG A 1 19  ? 5.255   11.575  -13.335 1.00 31.31 ? 133 ARG A O   1 
ATOM   101  C CB  . ARG A 1 19  ? 8.172   12.300  -12.071 1.00 31.40 ? 133 ARG A CB  1 
ATOM   102  C CG  . ARG A 1 19  ? 9.649   12.597  -12.083 1.00 31.67 ? 133 ARG A CG  1 
ATOM   103  C CD  . ARG A 1 19  ? 10.062  13.295  -10.840 1.00 32.35 ? 133 ARG A CD  1 
ATOM   104  N NE  . ARG A 1 19  ? 9.506   14.641  -10.780 1.00 32.37 ? 133 ARG A NE  1 
ATOM   105  C CZ  . ARG A 1 19  ? 9.651   15.454  -9.741  1.00 32.90 ? 133 ARG A CZ  1 
ATOM   106  N NH1 . ARG A 1 19  ? 10.357  15.064  -8.681  1.00 33.29 ? 133 ARG A NH1 1 
ATOM   107  N NH2 . ARG A 1 19  ? 9.096   16.663  -9.775  1.00 32.70 ? 133 ARG A NH2 1 
ATOM   108  N N   . HIS A 1 20  ? 6.429   9.728   -12.749 1.00 31.68 ? 134 HIS A N   1 
ATOM   109  C CA  . HIS A 1 20  ? 5.256   8.961   -12.352 1.00 31.85 ? 134 HIS A CA  1 
ATOM   110  C C   . HIS A 1 20  ? 4.742   9.589   -11.088 1.00 31.45 ? 134 HIS A C   1 
ATOM   111  O O   . HIS A 1 20  ? 5.513   9.812   -10.151 1.00 31.34 ? 134 HIS A O   1 
ATOM   112  C CB  . HIS A 1 20  ? 5.614   7.496   -12.093 1.00 32.41 ? 134 HIS A CB  1 
ATOM   113  C CG  . HIS A 1 20  ? 4.428   6.582   -11.963 1.00 33.89 ? 134 HIS A CG  1 
ATOM   114  N ND1 . HIS A 1 20  ? 3.937   6.164   -10.742 1.00 34.45 ? 134 HIS A ND1 1 
ATOM   115  C CD2 . HIS A 1 20  ? 3.665   5.972   -12.905 1.00 35.42 ? 134 HIS A CD2 1 
ATOM   116  C CE1 . HIS A 1 20  ? 2.910   5.354   -10.937 1.00 35.26 ? 134 HIS A CE1 1 
ATOM   117  N NE2 . HIS A 1 20  ? 2.723   5.220   -12.240 1.00 35.93 ? 134 HIS A NE2 1 
ATOM   118  N N   . VAL A 1 21  ? 3.452   9.909   -11.099 1.00 31.25 ? 135 VAL A N   1 
ATOM   119  C CA  . VAL A 1 21  ? 2.758   10.500  -9.972  1.00 31.04 ? 135 VAL A CA  1 
ATOM   120  C C   . VAL A 1 21  ? 1.904   9.414   -9.339  1.00 31.28 ? 135 VAL A C   1 
ATOM   121  O O   . VAL A 1 21  ? 1.452   8.494   -10.029 1.00 31.15 ? 135 VAL A O   1 
ATOM   122  C CB  . VAL A 1 21  ? 1.860   11.667  -10.462 1.00 30.96 ? 135 VAL A CB  1 
ATOM   123  C CG1 . VAL A 1 21  ? 0.808   12.054  -9.423  1.00 30.41 ? 135 VAL A CG1 1 
ATOM   124  C CG2 . VAL A 1 21  ? 2.715   12.862  -10.852 1.00 30.75 ? 135 VAL A CG2 1 
ATOM   125  N N   . GLU A 1 22  ? 1.698   9.503   -8.028  1.00 31.56 ? 136 GLU A N   1 
ATOM   126  C CA  . GLU A 1 22  ? 0.743   8.628   -7.336  1.00 32.04 ? 136 GLU A CA  1 
ATOM   127  C C   . GLU A 1 22  ? 0.102   9.368   -6.177  1.00 31.69 ? 136 GLU A C   1 
ATOM   128  O O   . GLU A 1 22  ? 0.758   10.133  -5.469  1.00 31.45 ? 136 GLU A O   1 
ATOM   129  C CB  . GLU A 1 22  ? 1.422   7.361   -6.816  1.00 32.06 ? 136 GLU A CB  1 
ATOM   130  C CG  . GLU A 1 22  ? 2.146   6.583   -7.902  1.00 33.44 ? 136 GLU A CG  1 
ATOM   131  C CD  . GLU A 1 22  ? 2.655   5.238   -7.436  1.00 34.48 ? 136 GLU A CD  1 
ATOM   132  O OE1 . GLU A 1 22  ? 1.864   4.458   -6.851  1.00 40.18 ? 136 GLU A OE1 1 
ATOM   133  O OE2 . GLU A 1 22  ? 3.843   4.946   -7.685  1.00 37.35 ? 136 GLU A OE2 1 
ATOM   134  N N   . VAL A 1 23  ? -1.192  9.151   -6.000  1.00 31.59 ? 137 VAL A N   1 
ATOM   135  C CA  . VAL A 1 23  ? -1.882  9.670   -4.833  1.00 31.56 ? 137 VAL A CA  1 
ATOM   136  C C   . VAL A 1 23  ? -2.041  8.529   -3.847  1.00 31.67 ? 137 VAL A C   1 
ATOM   137  O O   . VAL A 1 23  ? -2.434  7.420   -4.223  1.00 31.79 ? 137 VAL A O   1 
ATOM   138  C CB  . VAL A 1 23  ? -3.269  10.255  -5.157  1.00 31.37 ? 137 VAL A CB  1 
ATOM   139  C CG1 . VAL A 1 23  ? -4.090  9.302   -5.993  1.00 31.88 ? 137 VAL A CG1 1 
ATOM   140  C CG2 . VAL A 1 23  ? -4.006  10.595  -3.860  1.00 31.61 ? 137 VAL A CG2 1 
ATOM   141  N N   . PHE A 1 24  ? -1.743  8.781   -2.581  1.00 31.85 ? 138 PHE A N   1 
ATOM   142  C CA  . PHE A 1 24  ? -2.187  7.843   -1.568  1.00 31.96 ? 138 PHE A CA  1 
ATOM   143  C C   . PHE A 1 24  ? -2.408  8.402   -0.178  1.00 31.95 ? 138 PHE A C   1 
ATOM   144  O O   . PHE A 1 24  ? -1.831  9.397   0.216   1.00 31.94 ? 138 PHE A O   1 
ATOM   145  C CB  . PHE A 1 24  ? -1.334  6.560   -1.509  1.00 32.11 ? 138 PHE A CB  1 
ATOM   146  C CG  . PHE A 1 24  ? 0.137   6.749   -1.770  1.00 32.20 ? 138 PHE A CG  1 
ATOM   147  C CD1 . PHE A 1 24  ? 0.936   7.441   -0.879  1.00 31.67 ? 138 PHE A CD1 1 
ATOM   148  C CD2 . PHE A 1 24  ? 0.741   6.142   -2.879  1.00 32.65 ? 138 PHE A CD2 1 
ATOM   149  C CE1 . PHE A 1 24  ? 2.314   7.577   -1.119  1.00 32.33 ? 138 PHE A CE1 1 
ATOM   150  C CE2 . PHE A 1 24  ? 2.124   6.277   -3.126  1.00 32.72 ? 138 PHE A CE2 1 
ATOM   151  C CZ  . PHE A 1 24  ? 2.904   6.996   -2.250  1.00 31.98 ? 138 PHE A CZ  1 
ATOM   152  N N   . GLU A 1 25  ? -3.278  7.687   0.531   1.00 32.18 ? 139 GLU A N   1 
ATOM   153  C CA  . GLU A 1 25  ? -3.749  8.007   1.854   1.00 32.21 ? 139 GLU A CA  1 
ATOM   154  C C   . GLU A 1 25  ? -3.013  7.157   2.900   1.00 31.87 ? 139 GLU A C   1 
ATOM   155  O O   . GLU A 1 25  ? -2.834  5.944   2.716   1.00 31.42 ? 139 GLU A O   1 
ATOM   156  C CB  . GLU A 1 25  ? -5.262  7.731   1.918   1.00 32.61 ? 139 GLU A CB  1 
ATOM   157  C CG  . GLU A 1 25  ? -6.133  8.903   1.447   1.00 34.54 ? 139 GLU A CG  1 
ATOM   158  C CD  . GLU A 1 25  ? -7.019  8.547   0.280   1.00 37.38 ? 139 GLU A CD  1 
ATOM   159  O OE1 . GLU A 1 25  ? -6.553  8.668   -0.879  1.00 40.11 ? 139 GLU A OE1 1 
ATOM   160  O OE2 . GLU A 1 25  ? -8.180  8.156   0.516   1.00 39.01 ? 139 GLU A OE2 1 
ATOM   161  N N   . LEU A 1 26  ? -2.591  7.822   3.982   1.00 31.58 ? 140 LEU A N   1 
ATOM   162  C CA  . LEU A 1 26  ? -1.977  7.184   5.135   1.00 31.34 ? 140 LEU A CA  1 
ATOM   163  C C   . LEU A 1 26  ? -2.726  7.602   6.375   1.00 31.28 ? 140 LEU A C   1 
ATOM   164  O O   . LEU A 1 26  ? -3.041  8.769   6.514   1.00 31.50 ? 140 LEU A O   1 
ATOM   165  C CB  . LEU A 1 26  ? -0.537  7.646   5.270   1.00 31.60 ? 140 LEU A CB  1 
ATOM   166  C CG  . LEU A 1 26  ? 0.435   7.265   4.152   1.00 32.02 ? 140 LEU A CG  1 
ATOM   167  C CD1 . LEU A 1 26  ? 1.647   8.183   4.201   1.00 31.84 ? 140 LEU A CD1 1 
ATOM   168  C CD2 . LEU A 1 26  ? 0.858   5.812   4.265   1.00 31.66 ? 140 LEU A CD2 1 
ATOM   169  N N   . LEU A 1 27  ? -3.010  6.666   7.282   1.00 31.51 ? 141 LEU A N   1 
ATOM   170  C CA  . LEU A 1 27  ? -3.605  7.017   8.585   1.00 31.56 ? 141 LEU A CA  1 
ATOM   171  C C   . LEU A 1 27  ? -2.509  7.414   9.550   1.00 31.84 ? 141 LEU A C   1 
ATOM   172  O O   . LEU A 1 27  ? -1.696  6.578   9.935   1.00 32.57 ? 141 LEU A O   1 
ATOM   173  C CB  . LEU A 1 27  ? -4.388  5.852   9.204   1.00 31.58 ? 141 LEU A CB  1 
ATOM   174  C CG  . LEU A 1 27  ? -5.115  6.191   10.520  1.00 31.53 ? 141 LEU A CG  1 
ATOM   175  C CD1 . LEU A 1 27  ? -6.230  7.216   10.290  1.00 31.06 ? 141 LEU A CD1 1 
ATOM   176  C CD2 . LEU A 1 27  ? -5.673  4.952   11.193  1.00 31.04 ? 141 LEU A CD2 1 
ATOM   177  N N   . LYS A 1 28  ? -2.487  8.677   9.949   1.00 31.80 ? 142 LYS A N   1 
ATOM   178  C CA  . LYS A 1 28  ? -1.529  9.148   10.944  1.00 31.83 ? 142 LYS A CA  1 
ATOM   179  C C   . LYS A 1 28  ? -2.027  8.726   12.325  1.00 31.41 ? 142 LYS A C   1 
ATOM   180  O O   . LYS A 1 28  ? -3.150  9.065   12.682  1.00 31.23 ? 142 LYS A O   1 
ATOM   181  C CB  . LYS A 1 28  ? -1.435  10.671  10.857  1.00 32.26 ? 142 LYS A CB  1 
ATOM   182  C CG  . LYS A 1 28  ? -0.398  11.348  11.755  1.00 32.72 ? 142 LYS A CG  1 
ATOM   183  C CD  . LYS A 1 28  ? 0.123   12.598  11.029  1.00 33.68 ? 142 LYS A CD  1 
ATOM   184  C CE  . LYS A 1 28  ? 0.543   13.699  11.950  1.00 34.09 ? 142 LYS A CE  1 
ATOM   185  N NZ  . LYS A 1 28  ? 0.758   14.911  11.127  1.00 34.03 ? 142 LYS A NZ  1 
ATOM   186  N N   . PRO A 1 29  ? -1.211  7.975   13.102  1.00 31.25 ? 143 PRO A N   1 
ATOM   187  C CA  . PRO A 1 29  ? -1.659  7.605   14.447  1.00 31.21 ? 143 PRO A CA  1 
ATOM   188  C C   . PRO A 1 29  ? -1.791  8.816   15.359  1.00 31.33 ? 143 PRO A C   1 
ATOM   189  O O   . PRO A 1 29  ? -1.255  9.879   15.048  1.00 31.42 ? 143 PRO A O   1 
ATOM   190  C CB  . PRO A 1 29  ? -0.562  6.658   14.948  1.00 30.99 ? 143 PRO A CB  1 
ATOM   191  C CG  . PRO A 1 29  ? 0.621   7.017   14.189  1.00 31.38 ? 143 PRO A CG  1 
ATOM   192  C CD  . PRO A 1 29  ? 0.126   7.430   12.819  1.00 31.39 ? 143 PRO A CD  1 
ATOM   193  N N   . PRO A 1 30  ? -2.511  8.665   16.480  1.00 31.69 ? 144 PRO A N   1 
ATOM   194  C CA  . PRO A 1 30  ? -2.740  9.795   17.391  1.00 31.87 ? 144 PRO A CA  1 
ATOM   195  C C   . PRO A 1 30  ? -1.459  10.324  18.026  1.00 32.07 ? 144 PRO A C   1 
ATOM   196  O O   . PRO A 1 30  ? -1.449  11.434  18.552  1.00 31.99 ? 144 PRO A O   1 
ATOM   197  C CB  . PRO A 1 30  ? -3.684  9.225   18.455  1.00 31.90 ? 144 PRO A CB  1 
ATOM   198  C CG  . PRO A 1 30  ? -3.602  7.747   18.335  1.00 31.92 ? 144 PRO A CG  1 
ATOM   199  C CD  . PRO A 1 30  ? -3.143  7.420   16.951  1.00 31.88 ? 144 PRO A CD  1 
ATOM   200  N N   . SER A 1 31  ? -0.393  9.526   17.953  1.00 32.47 ? 145 SER A N   1 
ATOM   201  C CA  . SER A 1 31  ? 0.930   9.905   18.441  1.00 32.69 ? 145 SER A CA  1 
ATOM   202  C C   . SER A 1 31  ? 2.021   9.079   17.724  1.00 32.78 ? 145 SER A C   1 
ATOM   203  O O   . SER A 1 31  ? 2.001   7.835   17.758  1.00 33.02 ? 145 SER A O   1 
ATOM   204  C CB  . SER A 1 31  ? 0.988   9.671   19.949  1.00 32.81 ? 145 SER A CB  1 
ATOM   205  O OG  . SER A 1 31  ? 2.242   9.131   20.321  1.00 33.71 ? 145 SER A OG  1 
ATOM   206  N N   . GLY A 1 32  ? 2.960   9.772   17.075  1.00 32.68 ? 146 GLY A N   1 
ATOM   207  C CA  . GLY A 1 32  ? 4.090   9.113   16.412  1.00 32.53 ? 146 GLY A CA  1 
ATOM   208  C C   . GLY A 1 32  ? 4.450   9.682   15.053  1.00 32.40 ? 146 GLY A C   1 
ATOM   209  O O   . GLY A 1 32  ? 5.577   9.526   14.578  1.00 32.34 ? 146 GLY A O   1 
ATOM   210  N N   . GLY A 1 33  ? 3.485   10.326  14.409  1.00 32.36 ? 147 GLY A N   1 
ATOM   211  C CA  . GLY A 1 33  ? 3.690   10.836  13.059  1.00 32.07 ? 147 GLY A CA  1 
ATOM   212  C C   . GLY A 1 33  ? 3.662   9.744   12.001  1.00 31.93 ? 147 GLY A C   1 
ATOM   213  O O   . GLY A 1 33  ? 3.559   8.540   12.299  1.00 31.93 ? 147 GLY A O   1 
ATOM   214  N N   . LEU A 1 34  ? 3.756   10.175  10.751  1.00 31.76 ? 148 LEU A N   1 
ATOM   215  C CA  . LEU A 1 34  ? 3.778   9.261   9.635   1.00 31.74 ? 148 LEU A CA  1 
ATOM   216  C C   . LEU A 1 34  ? 5.084   8.461   9.587   1.00 31.52 ? 148 LEU A C   1 
ATOM   217  O O   . LEU A 1 34  ? 5.101   7.347   9.087   1.00 31.78 ? 148 LEU A O   1 
ATOM   218  C CB  . LEU A 1 34  ? 3.592   10.041  8.336   1.00 32.02 ? 148 LEU A CB  1 
ATOM   219  C CG  . LEU A 1 34  ? 2.198   10.618  8.117   1.00 32.37 ? 148 LEU A CG  1 
ATOM   220  C CD1 . LEU A 1 34  ? 2.240   11.719  7.046   1.00 32.56 ? 148 LEU A CD1 1 
ATOM   221  C CD2 . LEU A 1 34  ? 1.211   9.495   7.751   1.00 32.37 ? 148 LEU A CD2 1 
ATOM   222  N N   . GLY A 1 35  ? 6.178   9.036   10.072  1.00 31.11 ? 149 GLY A N   1 
ATOM   223  C CA  . GLY A 1 35  ? 7.430   8.294   10.176  1.00 31.18 ? 149 GLY A CA  1 
ATOM   224  C C   . GLY A 1 35  ? 8.393   8.471   9.015   1.00 31.10 ? 149 GLY A C   1 
ATOM   225  O O   . GLY A 1 35  ? 9.056   7.536   8.575   1.00 30.96 ? 149 GLY A O   1 
ATOM   226  N N   . PHE A 1 36  ? 8.485   9.689   8.518   1.00 31.07 ? 150 PHE A N   1 
ATOM   227  C CA  . PHE A 1 36  ? 9.547   10.035  7.597   1.00 30.97 ? 150 PHE A CA  1 
ATOM   228  C C   . PHE A 1 36  ? 9.972   11.501  7.795   1.00 30.94 ? 150 PHE A C   1 
ATOM   229  O O   . PHE A 1 36  ? 9.283   12.286  8.455   1.00 30.54 ? 150 PHE A O   1 
ATOM   230  C CB  . PHE A 1 36  ? 9.134   9.733   6.159   1.00 31.16 ? 150 PHE A CB  1 
ATOM   231  C CG  . PHE A 1 36  ? 8.061   10.627  5.619   1.00 31.50 ? 150 PHE A CG  1 
ATOM   232  C CD1 . PHE A 1 36  ? 8.380   11.799  4.947   1.00 32.34 ? 150 PHE A CD1 1 
ATOM   233  C CD2 . PHE A 1 36  ? 6.722   10.288  5.754   1.00 33.01 ? 150 PHE A CD2 1 
ATOM   234  C CE1 . PHE A 1 36  ? 7.368   12.633  4.424   1.00 32.72 ? 150 PHE A CE1 1 
ATOM   235  C CE2 . PHE A 1 36  ? 5.714   11.116  5.233   1.00 32.49 ? 150 PHE A CE2 1 
ATOM   236  C CZ  . PHE A 1 36  ? 6.048   12.284  4.556   1.00 31.84 ? 150 PHE A CZ  1 
ATOM   237  N N   . SER A 1 37  ? 11.133  11.850  7.269   1.00 30.86 ? 151 SER A N   1 
ATOM   238  C CA  . SER A 1 37  ? 11.601  13.223  7.354   1.00 30.89 ? 151 SER A CA  1 
ATOM   239  C C   . SER A 1 37  ? 11.699  13.787  5.932   1.00 30.79 ? 151 SER A C   1 
ATOM   240  O O   . SER A 1 37  ? 11.639  13.031  4.954   1.00 30.85 ? 151 SER A O   1 
ATOM   241  C CB  . SER A 1 37  ? 12.937  13.283  8.074   1.00 30.60 ? 151 SER A CB  1 
ATOM   242  O OG  . SER A 1 37  ? 13.901  12.596  7.310   1.00 31.36 ? 151 SER A OG  1 
ATOM   243  N N   . VAL A 1 38  ? 11.806  15.107  5.818   1.00 30.63 ? 152 VAL A N   1 
ATOM   244  C CA  . VAL A 1 38  ? 11.889  15.750  4.507   1.00 30.71 ? 152 VAL A CA  1 
ATOM   245  C C   . VAL A 1 38  ? 12.991  16.801  4.415   1.00 30.75 ? 152 VAL A C   1 
ATOM   246  O O   . VAL A 1 38  ? 13.481  17.291  5.434   1.00 31.17 ? 152 VAL A O   1 
ATOM   247  C CB  . VAL A 1 38  ? 10.527  16.398  4.116   1.00 30.65 ? 152 VAL A CB  1 
ATOM   248  C CG1 . VAL A 1 38  ? 9.381   15.412  4.307   1.00 30.81 ? 152 VAL A CG1 1 
ATOM   249  C CG2 . VAL A 1 38  ? 10.262  17.629  4.911   1.00 30.31 ? 152 VAL A CG2 1 
ATOM   250  N N   . VAL A 1 39  ? 13.403  17.117  3.191   1.00 30.71 ? 153 VAL A N   1 
ATOM   251  C CA  . VAL A 1 39  ? 14.255  18.281  2.938   1.00 30.71 ? 153 VAL A CA  1 
ATOM   252  C C   . VAL A 1 39  ? 13.761  19.082  1.741   1.00 30.39 ? 153 VAL A C   1 
ATOM   253  O O   . VAL A 1 39  ? 13.192  18.536  0.814   1.00 30.60 ? 153 VAL A O   1 
ATOM   254  C CB  . VAL A 1 39  ? 15.729  17.890  2.672   1.00 30.97 ? 153 VAL A CB  1 
ATOM   255  C CG1 . VAL A 1 39  ? 16.434  17.546  3.986   1.00 31.64 ? 153 VAL A CG1 1 
ATOM   256  C CG2 . VAL A 1 39  ? 15.817  16.770  1.666   1.00 30.07 ? 153 VAL A CG2 1 
ATOM   257  N N   . GLY A 1 40  ? 13.990  20.385  1.769   1.00 30.31 ? 154 GLY A N   1 
ATOM   258  C CA  . GLY A 1 40  ? 13.672  21.245  0.632   1.00 30.23 ? 154 GLY A CA  1 
ATOM   259  C C   . GLY A 1 40  ? 14.835  21.320  -0.340  1.00 30.07 ? 154 GLY A C   1 
ATOM   260  O O   . GLY A 1 40  ? 15.989  21.473  0.074   1.00 30.30 ? 154 GLY A O   1 
ATOM   261  N N   . LEU A 1 41  ? 14.551  21.190  -1.628  1.00 29.71 ? 155 LEU A N   1 
ATOM   262  C CA  . LEU A 1 41  ? 15.560  21.419  -2.651  1.00 29.69 ? 155 LEU A CA  1 
ATOM   263  C C   . LEU A 1 41  ? 15.075  22.511  -3.613  1.00 30.44 ? 155 LEU A C   1 
ATOM   264  O O   . LEU A 1 41  ? 13.912  22.515  -4.032  1.00 30.26 ? 155 LEU A O   1 
ATOM   265  C CB  . LEU A 1 41  ? 15.861  20.140  -3.418  1.00 29.18 ? 155 LEU A CB  1 
ATOM   266  C CG  . LEU A 1 41  ? 16.563  19.018  -2.669  1.00 27.93 ? 155 LEU A CG  1 
ATOM   267  C CD1 . LEU A 1 41  ? 16.882  17.905  -3.630  1.00 26.91 ? 155 LEU A CD1 1 
ATOM   268  C CD2 . LEU A 1 41  ? 17.816  19.504  -2.009  1.00 27.15 ? 155 LEU A CD2 1 
ATOM   269  N N   . ARG A 1 42  ? 15.958  23.452  -3.938  1.00 30.94 ? 156 ARG A N   1 
ATOM   270  C CA  . ARG A 1 42  ? 15.608  24.482  -4.888  1.00 31.66 ? 156 ARG A CA  1 
ATOM   271  C C   . ARG A 1 42  ? 15.938  23.990  -6.295  1.00 31.77 ? 156 ARG A C   1 
ATOM   272  O O   . ARG A 1 42  ? 16.967  23.352  -6.524  1.00 32.02 ? 156 ARG A O   1 
ATOM   273  C CB  . ARG A 1 42  ? 16.328  25.784  -4.567  1.00 32.24 ? 156 ARG A CB  1 
ATOM   274  C CG  . ARG A 1 42  ? 15.969  26.946  -5.501  1.00 34.99 ? 156 ARG A CG  1 
ATOM   275  C CD  . ARG A 1 42  ? 15.752  28.270  -4.736  1.00 39.52 ? 156 ARG A CD  1 
ATOM   276  N NE  . ARG A 1 42  ? 14.458  28.301  -4.025  1.00 41.53 ? 156 ARG A NE  1 
ATOM   277  C CZ  . ARG A 1 42  ? 13.344  28.916  -4.447  1.00 42.52 ? 156 ARG A CZ  1 
ATOM   278  N NH1 . ARG A 1 42  ? 12.244  28.857  -3.699  1.00 42.69 ? 156 ARG A NH1 1 
ATOM   279  N NH2 . ARG A 1 42  ? 13.307  29.592  -5.598  1.00 43.16 ? 156 ARG A NH2 1 
ATOM   280  N N   . SER A 1 43  ? 15.021  24.248  -7.222  1.00 32.04 ? 157 SER A N   1 
ATOM   281  C CA  . SER A 1 43  ? 15.246  24.066  -8.660  1.00 32.01 ? 157 SER A CA  1 
ATOM   282  C C   . SER A 1 43  ? 15.603  25.430  -9.215  1.00 32.47 ? 157 SER A C   1 
ATOM   283  O O   . SER A 1 43  ? 16.039  26.312  -8.474  1.00 32.67 ? 157 SER A O   1 
ATOM   284  C CB  . SER A 1 43  ? 13.976  23.517  -9.328  1.00 32.05 ? 157 SER A CB  1 
ATOM   285  O OG  . SER A 1 43  ? 13.965  23.727  -10.725 1.00 31.07 ? 157 SER A OG  1 
ATOM   286  N N   . GLU A 1 44  ? 15.453  25.601  -10.521 1.00 33.25 ? 158 GLU A N   1 
ATOM   287  C CA  . GLU A 1 44  ? 15.569  26.927  -11.155 1.00 33.89 ? 158 GLU A CA  1 
ATOM   288  C C   . GLU A 1 44  ? 14.248  27.229  -11.891 1.00 34.33 ? 158 GLU A C   1 
ATOM   289  O O   . GLU A 1 44  ? 13.678  28.324  -11.747 1.00 34.35 ? 158 GLU A O   1 
ATOM   290  C CB  . GLU A 1 44  ? 16.776  26.985  -12.109 1.00 34.00 ? 158 GLU A CB  1 
ATOM   291  C CG  . GLU A 1 44  ? 17.804  25.829  -11.963 1.00 34.60 ? 158 GLU A CG  1 
ATOM   292  C CD  . GLU A 1 44  ? 17.693  24.773  -13.079 1.00 35.97 ? 158 GLU A CD  1 
ATOM   293  O OE1 . GLU A 1 44  ? 18.714  24.540  -13.770 1.00 37.00 ? 158 GLU A OE1 1 
ATOM   294  O OE2 . GLU A 1 44  ? 16.599  24.192  -13.292 1.00 35.73 ? 158 GLU A OE2 1 
ATOM   295  N N   . ASN A 1 45  ? 13.772  26.233  -12.653 1.00 35.10 ? 159 ASN A N   1 
ATOM   296  C CA  . ASN A 1 45  ? 12.461  26.253  -13.313 1.00 35.53 ? 159 ASN A CA  1 
ATOM   297  C C   . ASN A 1 45  ? 11.301  26.611  -12.372 1.00 35.70 ? 159 ASN A C   1 
ATOM   298  O O   . ASN A 1 45  ? 10.886  25.803  -11.531 1.00 36.14 ? 159 ASN A O   1 
ATOM   299  C CB  . ASN A 1 45  ? 12.192  24.885  -13.958 1.00 35.67 ? 159 ASN A CB  1 
ATOM   300  N N   . GLU A 1 48  ? 10.700  27.223  -8.484  1.00 34.04 ? 162 GLU A N   1 
ATOM   301  C CA  . GLU A 1 48  ? 11.064  27.450  -7.074  1.00 34.33 ? 162 GLU A CA  1 
ATOM   302  C C   . GLU A 1 48  ? 11.429  26.131  -6.297  1.00 34.38 ? 162 GLU A C   1 
ATOM   303  O O   . GLU A 1 48  ? 12.462  25.525  -6.616  1.00 34.87 ? 162 GLU A O   1 
ATOM   304  C CB  . GLU A 1 48  ? 9.980   28.282  -6.345  1.00 34.36 ? 162 GLU A CB  1 
ATOM   305  N N   . LEU A 1 49  ? 10.624  25.693  -5.309  1.00 33.45 ? 163 LEU A N   1 
ATOM   306  C CA  . LEU A 1 49  ? 11.092  24.691  -4.322  1.00 33.31 ? 163 LEU A CA  1 
ATOM   307  C C   . LEU A 1 49  ? 10.260  23.401  -4.196  1.00 33.03 ? 163 LEU A C   1 
ATOM   308  O O   . LEU A 1 49  ? 9.044   23.429  -4.388  1.00 33.48 ? 163 LEU A O   1 
ATOM   309  C CB  . LEU A 1 49  ? 11.233  25.339  -2.941  1.00 33.39 ? 163 LEU A CB  1 
ATOM   310  C CG  . LEU A 1 49  ? 11.688  24.389  -1.811  1.00 33.58 ? 163 LEU A CG  1 
ATOM   311  C CD1 . LEU A 1 49  ? 12.759  25.014  -0.897  1.00 33.44 ? 163 LEU A CD1 1 
ATOM   312  C CD2 . LEU A 1 49  ? 10.456  23.877  -1.022  1.00 33.36 ? 163 LEU A CD2 1 
ATOM   313  N N   . GLY A 1 50  ? 10.935  22.286  -3.861  1.00 32.41 ? 164 GLY A N   1 
ATOM   314  C CA  . GLY A 1 50  ? 10.318  20.969  -3.704  1.00 31.86 ? 164 GLY A CA  1 
ATOM   315  C C   . GLY A 1 50  ? 10.635  20.303  -2.368  1.00 31.68 ? 164 GLY A C   1 
ATOM   316  O O   . GLY A 1 50  ? 11.708  20.463  -1.809  1.00 31.57 ? 164 GLY A O   1 
ATOM   317  N N   . ILE A 1 51  ? 9.685   19.535  -1.857  1.00 31.56 ? 165 ILE A N   1 
ATOM   318  C CA  . ILE A 1 51  ? 9.835   18.841  -0.595  1.00 31.43 ? 165 ILE A CA  1 
ATOM   319  C C   . ILE A 1 51  ? 10.060  17.360  -0.896  1.00 31.22 ? 165 ILE A C   1 
ATOM   320  O O   . ILE A 1 51  ? 9.215   16.729  -1.516  1.00 31.05 ? 165 ILE A O   1 
ATOM   321  C CB  . ILE A 1 51  ? 8.556   18.994  0.275   1.00 31.61 ? 165 ILE A CB  1 
ATOM   322  C CG1 . ILE A 1 51  ? 8.177   20.475  0.463   1.00 32.43 ? 165 ILE A CG1 1 
ATOM   323  C CG2 . ILE A 1 51  ? 8.728   18.311  1.631   1.00 31.94 ? 165 ILE A CG2 1 
ATOM   324  C CD1 . ILE A 1 51  ? 9.316   21.386  0.994   1.00 33.27 ? 165 ILE A CD1 1 
ATOM   325  N N   . PHE A 1 52  ? 11.181  16.814  -0.428  1.00 30.84 ? 166 PHE A N   1 
ATOM   326  C CA  . PHE A 1 52  ? 11.592  15.472  -0.780  1.00 30.66 ? 166 PHE A CA  1 
ATOM   327  C C   . PHE A 1 52  ? 11.759  14.596  0.438   1.00 30.69 ? 166 PHE A C   1 
ATOM   328  O O   . PHE A 1 52  ? 12.300  15.039  1.447   1.00 30.76 ? 166 PHE A O   1 
ATOM   329  C CB  . PHE A 1 52  ? 12.901  15.535  -1.562  1.00 30.94 ? 166 PHE A CB  1 
ATOM   330  C CG  . PHE A 1 52  ? 12.751  16.174  -2.895  1.00 30.60 ? 166 PHE A CG  1 
ATOM   331  C CD1 . PHE A 1 52  ? 12.672  17.549  -3.007  1.00 30.17 ? 166 PHE A CD1 1 
ATOM   332  C CD2 . PHE A 1 52  ? 12.630  15.399  -4.034  1.00 30.75 ? 166 PHE A CD2 1 
ATOM   333  C CE1 . PHE A 1 52  ? 12.500  18.149  -4.238  1.00 30.84 ? 166 PHE A CE1 1 
ATOM   334  C CE2 . PHE A 1 52  ? 12.464  15.993  -5.280  1.00 31.04 ? 166 PHE A CE2 1 
ATOM   335  C CZ  . PHE A 1 52  ? 12.398  17.375  -5.377  1.00 31.27 ? 166 PHE A CZ  1 
ATOM   336  N N   . VAL A 1 53  ? 11.298  13.348  0.324   1.00 30.59 ? 167 VAL A N   1 
ATOM   337  C CA  . VAL A 1 53  ? 11.291  12.388  1.436   1.00 30.72 ? 167 VAL A CA  1 
ATOM   338  C C   . VAL A 1 53  ? 12.721  11.905  1.683   1.00 30.92 ? 167 VAL A C   1 
ATOM   339  O O   . VAL A 1 53  ? 13.403  11.555  0.752   1.00 31.11 ? 167 VAL A O   1 
ATOM   340  C CB  . VAL A 1 53  ? 10.321  11.189  1.106   1.00 30.59 ? 167 VAL A CB  1 
ATOM   341  C CG1 . VAL A 1 53  ? 10.356  10.099  2.159   1.00 29.97 ? 167 VAL A CG1 1 
ATOM   342  C CG2 . VAL A 1 53  ? 8.888   11.682  0.958   1.00 30.11 ? 167 VAL A CG2 1 
ATOM   343  N N   . GLN A 1 54  ? 13.189  11.904  2.927   1.00 31.64 ? 168 GLN A N   1 
ATOM   344  C CA  . GLN A 1 54  ? 14.589  11.551  3.211   1.00 32.15 ? 168 GLN A CA  1 
ATOM   345  C C   . GLN A 1 54  ? 14.755  10.200  3.867   1.00 32.60 ? 168 GLN A C   1 
ATOM   346  O O   . GLN A 1 54  ? 15.442  9.334   3.334   1.00 33.36 ? 168 GLN A O   1 
ATOM   347  C CB  . GLN A 1 54  ? 15.275  12.593  4.119   1.00 32.31 ? 168 GLN A CB  1 
ATOM   348  C CG  . GLN A 1 54  ? 15.790  13.835  3.427   1.00 33.70 ? 168 GLN A CG  1 
ATOM   349  C CD  . GLN A 1 54  ? 16.361  13.551  2.057   1.00 35.80 ? 168 GLN A CD  1 
ATOM   350  O OE1 . GLN A 1 54  ? 17.381  12.868  1.924   1.00 37.37 ? 168 GLN A OE1 1 
ATOM   351  N NE2 . GLN A 1 54  ? 15.684  14.052  1.015   1.00 36.38 ? 168 GLN A NE2 1 
ATOM   352  N N   . GLU A 1 55  ? 14.200  10.026  5.057   1.00 32.87 ? 169 GLU A N   1 
ATOM   353  C CA  . GLU A 1 55  ? 14.566  8.859   5.862   1.00 33.38 ? 169 GLU A CA  1 
ATOM   354  C C   . GLU A 1 55  ? 13.334  8.281   6.532   1.00 32.94 ? 169 GLU A C   1 
ATOM   355  O O   . GLU A 1 55  ? 12.854  8.803   7.548   1.00 33.08 ? 169 GLU A O   1 
ATOM   356  C CB  . GLU A 1 55  ? 15.652  9.208   6.895   1.00 33.44 ? 169 GLU A CB  1 
ATOM   357  C CG  . GLU A 1 55  ? 17.107  8.889   6.442   1.00 35.05 ? 169 GLU A CG  1 
ATOM   358  C CD  . GLU A 1 55  ? 18.161  9.086   7.559   1.00 35.45 ? 169 GLU A CD  1 
ATOM   359  O OE1 . GLU A 1 55  ? 17.844  9.759   8.576   1.00 38.07 ? 169 GLU A OE1 1 
ATOM   360  O OE2 . GLU A 1 55  ? 19.307  8.572   7.412   1.00 38.34 ? 169 GLU A OE2 1 
ATOM   361  N N   . ILE A 1 56  ? 12.841  7.194   5.947   1.00 32.45 ? 170 ILE A N   1 
ATOM   362  C CA  . ILE A 1 56  ? 11.644  6.537   6.417   1.00 31.92 ? 170 ILE A CA  1 
ATOM   363  C C   . ILE A 1 56  ? 11.980  5.728   7.656   1.00 31.89 ? 170 ILE A C   1 
ATOM   364  O O   . ILE A 1 56  ? 12.905  4.925   7.680   1.00 31.71 ? 170 ILE A O   1 
ATOM   365  C CB  . ILE A 1 56  ? 11.047  5.649   5.342   1.00 31.89 ? 170 ILE A CB  1 
ATOM   366  C CG1 . ILE A 1 56  ? 10.581  6.515   4.173   1.00 31.89 ? 170 ILE A CG1 1 
ATOM   367  C CG2 . ILE A 1 56  ? 9.878   4.862   5.900   1.00 32.23 ? 170 ILE A CG2 1 
ATOM   368  C CD1 . ILE A 1 56  ? 10.185  5.722   2.952   1.00 31.83 ? 170 ILE A CD1 1 
ATOM   369  N N   . GLN A 1 57  ? 11.220  5.977   8.699   1.00 32.09 ? 171 GLN A N   1 
ATOM   370  C CA  . GLN A 1 57  ? 11.506  5.416   9.991   1.00 32.78 ? 171 GLN A CA  1 
ATOM   371  C C   . GLN A 1 57  ? 10.977  3.977   10.047  1.00 32.24 ? 171 GLN A C   1 
ATOM   372  O O   . GLN A 1 57  ? 9.845   3.702   9.639   1.00 32.11 ? 171 GLN A O   1 
ATOM   373  C CB  . GLN A 1 57  ? 10.883  6.310   11.069  1.00 32.85 ? 171 GLN A CB  1 
ATOM   374  C CG  . GLN A 1 57  ? 11.012  5.784   12.500  1.00 34.51 ? 171 GLN A CG  1 
ATOM   375  C CD  . GLN A 1 57  ? 10.776  6.874   13.532  1.00 35.28 ? 171 GLN A CD  1 
ATOM   376  O OE1 . GLN A 1 57  ? 10.572  8.048   13.177  1.00 39.30 ? 171 GLN A OE1 1 
ATOM   377  N NE2 . GLN A 1 57  ? 10.813  6.501   14.817  1.00 37.41 ? 171 GLN A NE2 1 
ATOM   378  N N   . GLU A 1 58  ? 11.801  3.062   10.544  1.00 32.00 ? 172 GLU A N   1 
ATOM   379  C CA  . GLU A 1 58  ? 11.430  1.649   10.631  1.00 31.92 ? 172 GLU A CA  1 
ATOM   380  C C   . GLU A 1 58  ? 10.306  1.423   11.628  1.00 31.33 ? 172 GLU A C   1 
ATOM   381  O O   . GLU A 1 58  ? 10.366  1.918   12.748  1.00 31.35 ? 172 GLU A O   1 
ATOM   382  C CB  . GLU A 1 58  ? 12.641  0.807   11.045  1.00 32.34 ? 172 GLU A CB  1 
ATOM   383  C CG  . GLU A 1 58  ? 12.495  -0.684  10.780  1.00 33.65 ? 172 GLU A CG  1 
ATOM   384  C CD  . GLU A 1 58  ? 13.819  -1.327  10.439  1.00 35.54 ? 172 GLU A CD  1 
ATOM   385  O OE1 . GLU A 1 58  ? 14.534  -1.732  11.382  1.00 37.14 ? 172 GLU A OE1 1 
ATOM   386  O OE2 . GLU A 1 58  ? 14.145  -1.415  9.233   1.00 35.78 ? 172 GLU A OE2 1 
ATOM   387  N N   . GLY A 1 59  ? 9.293   0.670   11.205  1.00 30.78 ? 173 GLY A N   1 
ATOM   388  C CA  . GLY A 1 59  ? 8.110   0.405   12.009  1.00 30.31 ? 173 GLY A CA  1 
ATOM   389  C C   . GLY A 1 59  ? 7.007   1.423   11.823  1.00 30.11 ? 173 GLY A C   1 
ATOM   390  O O   . GLY A 1 59  ? 5.938   1.286   12.395  1.00 29.81 ? 173 GLY A O   1 
ATOM   391  N N   . SER A 1 60  ? 7.251   2.448   11.012  1.00 30.12 ? 174 SER A N   1 
ATOM   392  C CA  . SER A 1 60  ? 6.303   3.546   10.886  1.00 29.89 ? 174 SER A CA  1 
ATOM   393  C C   . SER A 1 60  ? 5.177   3.198   9.937   1.00 29.80 ? 174 SER A C   1 
ATOM   394  O O   . SER A 1 60  ? 5.268   2.237   9.182   1.00 29.99 ? 174 SER A O   1 
ATOM   395  C CB  . SER A 1 60  ? 7.008   4.790   10.391  1.00 29.64 ? 174 SER A CB  1 
ATOM   396  O OG  . SER A 1 60  ? 7.670   4.516   9.175   1.00 29.64 ? 174 SER A OG  1 
ATOM   397  N N   . VAL A 1 61  ? 4.114   3.990   10.000  1.00 29.66 ? 175 VAL A N   1 
ATOM   398  C CA  . VAL A 1 61  ? 3.010   3.902   9.058   1.00 29.73 ? 175 VAL A CA  1 
ATOM   399  C C   . VAL A 1 61  ? 3.561   3.995   7.638   1.00 29.85 ? 175 VAL A C   1 
ATOM   400  O O   . VAL A 1 61  ? 3.278   3.150   6.790   1.00 30.19 ? 175 VAL A O   1 
ATOM   401  C CB  . VAL A 1 61  ? 1.987   5.048   9.277   1.00 29.53 ? 175 VAL A CB  1 
ATOM   402  C CG1 . VAL A 1 61  ? 0.920   5.026   8.224   1.00 29.22 ? 175 VAL A CG1 1 
ATOM   403  C CG2 . VAL A 1 61  ? 1.351   4.931   10.634  1.00 29.99 ? 175 VAL A CG2 1 
ATOM   404  N N   . ALA A 1 62  ? 4.379   5.012   7.399   1.00 29.85 ? 176 ALA A N   1 
ATOM   405  C CA  . ALA A 1 62  ? 4.980   5.261   6.077   1.00 29.80 ? 176 ALA A CA  1 
ATOM   406  C C   . ALA A 1 62  ? 5.760   4.036   5.561   1.00 29.65 ? 176 ALA A C   1 
ATOM   407  O O   . ALA A 1 62  ? 5.678   3.667   4.388   1.00 29.27 ? 176 ALA A O   1 
ATOM   408  C CB  . ALA A 1 62  ? 5.896   6.514   6.147   1.00 29.38 ? 176 ALA A CB  1 
ATOM   409  N N   . HIS A 1 63  ? 6.500   3.422   6.479   1.00 29.66 ? 177 HIS A N   1 
ATOM   410  C CA  . HIS A 1 63  ? 7.333   2.267   6.203   1.00 29.74 ? 177 HIS A CA  1 
ATOM   411  C C   . HIS A 1 63  ? 6.525   0.993   6.027   1.00 29.70 ? 177 HIS A C   1 
ATOM   412  O O   . HIS A 1 63  ? 6.829   0.170   5.168   1.00 29.64 ? 177 HIS A O   1 
ATOM   413  C CB  . HIS A 1 63  ? 8.305   2.065   7.362   1.00 30.06 ? 177 HIS A CB  1 
ATOM   414  C CG  . HIS A 1 63  ? 9.119   0.812   7.267   1.00 29.94 ? 177 HIS A CG  1 
ATOM   415  N ND1 . HIS A 1 63  ? 8.832   -0.315  8.005   1.00 29.59 ? 177 HIS A ND1 1 
ATOM   416  C CD2 . HIS A 1 63  ? 10.215  0.514   6.533   1.00 30.03 ? 177 HIS A CD2 1 
ATOM   417  C CE1 . HIS A 1 63  ? 9.717   -1.255  7.727   1.00 29.93 ? 177 HIS A CE1 1 
ATOM   418  N NE2 . HIS A 1 63  ? 10.567  -0.778  6.836   1.00 29.88 ? 177 HIS A NE2 1 
ATOM   419  N N   . ARG A 1 64  ? 5.513   0.815   6.865   1.00 29.66 ? 178 ARG A N   1 
ATOM   420  C CA  . ARG A 1 64  ? 4.696   -0.382  6.821   1.00 29.47 ? 178 ARG A CA  1 
ATOM   421  C C   . ARG A 1 64  ? 3.722   -0.355  5.673   1.00 29.60 ? 178 ARG A C   1 
ATOM   422  O O   . ARG A 1 64  ? 3.361   -1.392  5.134   1.00 29.44 ? 178 ARG A O   1 
ATOM   423  C CB  . ARG A 1 64  ? 3.966   -0.565  8.141   1.00 29.44 ? 178 ARG A CB  1 
ATOM   424  C CG  . ARG A 1 64  ? 4.846   -1.219  9.188   1.00 29.65 ? 178 ARG A CG  1 
ATOM   425  C CD  . ARG A 1 64  ? 4.066   -1.650  10.405  1.00 30.11 ? 178 ARG A CD  1 
ATOM   426  N NE  . ARG A 1 64  ? 3.873   -0.534  11.338  1.00 31.18 ? 178 ARG A NE  1 
ATOM   427  C CZ  . ARG A 1 64  ? 2.754   0.189   11.490  1.00 31.14 ? 178 ARG A CZ  1 
ATOM   428  N NH1 . ARG A 1 64  ? 1.649   -0.072  10.796  1.00 31.83 ? 178 ARG A NH1 1 
ATOM   429  N NH2 . ARG A 1 64  ? 2.736   1.179   12.375  1.00 30.07 ? 178 ARG A NH2 1 
ATOM   430  N N   . ASP A 1 65  ? 3.298   0.844   5.302   1.00 30.07 ? 179 ASP A N   1 
ATOM   431  C CA  . ASP A 1 65  ? 2.500   1.046   4.113   1.00 30.11 ? 179 ASP A CA  1 
ATOM   432  C C   . ASP A 1 65  ? 3.279   0.648   2.864   1.00 30.16 ? 179 ASP A C   1 
ATOM   433  O O   . ASP A 1 65  ? 2.691   0.201   1.891   1.00 30.42 ? 179 ASP A O   1 
ATOM   434  C CB  . ASP A 1 65  ? 2.079   2.502   4.059   1.00 30.03 ? 179 ASP A CB  1 
ATOM   435  C CG  . ASP A 1 65  ? 1.156   2.785   2.937   1.00 30.77 ? 179 ASP A CG  1 
ATOM   436  O OD1 . ASP A 1 65  ? -0.073  2.772   3.171   1.00 32.27 ? 179 ASP A OD1 1 
ATOM   437  O OD2 . ASP A 1 65  ? 1.659   3.003   1.822   1.00 32.15 ? 179 ASP A OD2 1 
ATOM   438  N N   . GLY A 1 66  ? 4.596   0.839   2.895   1.00 30.29 ? 180 GLY A N   1 
ATOM   439  C CA  . GLY A 1 66  ? 5.504   0.327   1.876   1.00 30.39 ? 180 GLY A CA  1 
ATOM   440  C C   . GLY A 1 66  ? 5.611   1.097   0.575   1.00 30.48 ? 180 GLY A C   1 
ATOM   441  O O   . GLY A 1 66  ? 6.552   0.870   -0.188  1.00 30.66 ? 180 GLY A O   1 
ATOM   442  N N   . ARG A 1 67  ? 4.661   1.991   0.306   1.00 30.49 ? 181 ARG A N   1 
ATOM   443  C CA  . ARG A 1 67  ? 4.604   2.664   -0.989  1.00 30.75 ? 181 ARG A CA  1 
ATOM   444  C C   . ARG A 1 67  ? 5.565   3.840   -1.085  1.00 31.08 ? 181 ARG A C   1 
ATOM   445  O O   . ARG A 1 67  ? 6.293   3.941   -2.068  1.00 31.76 ? 181 ARG A O   1 
ATOM   446  C CB  . ARG A 1 67  ? 3.176   3.109   -1.309  1.00 30.83 ? 181 ARG A CB  1 
ATOM   447  C CG  . ARG A 1 67  ? 2.173   1.951   -1.379  1.00 30.41 ? 181 ARG A CG  1 
ATOM   448  C CD  . ARG A 1 67  ? 0.783   2.453   -1.717  1.00 30.65 ? 181 ARG A CD  1 
ATOM   449  N NE  . ARG A 1 67  ? 0.145   3.099   -0.568  1.00 30.58 ? 181 ARG A NE  1 
ATOM   450  C CZ  . ARG A 1 67  ? -1.142  3.426   -0.508  1.00 30.44 ? 181 ARG A CZ  1 
ATOM   451  N NH1 . ARG A 1 67  ? -1.951  3.225   -1.544  1.00 29.92 ? 181 ARG A NH1 1 
ATOM   452  N NH2 . ARG A 1 67  ? -1.613  3.997   0.593   1.00 30.67 ? 181 ARG A NH2 1 
ATOM   453  N N   . LEU A 1 68  ? 5.592   4.710   -0.076  1.00 31.13 ? 182 LEU A N   1 
ATOM   454  C CA  . LEU A 1 68  ? 6.441   5.898   -0.113  1.00 31.20 ? 182 LEU A CA  1 
ATOM   455  C C   . LEU A 1 68  ? 7.943   5.554   -0.073  1.00 31.65 ? 182 LEU A C   1 
ATOM   456  O O   . LEU A 1 68  ? 8.344   4.619   0.622   1.00 31.75 ? 182 LEU A O   1 
ATOM   457  C CB  . LEU A 1 68  ? 6.082   6.784   1.060   1.00 31.06 ? 182 LEU A CB  1 
ATOM   458  C CG  . LEU A 1 68  ? 6.610   8.213   1.060   1.00 30.44 ? 182 LEU A CG  1 
ATOM   459  C CD1 . LEU A 1 68  ? 6.076   9.052   -0.105  1.00 29.26 ? 182 LEU A CD1 1 
ATOM   460  C CD2 . LEU A 1 68  ? 6.187   8.793   2.378   1.00 30.10 ? 182 LEU A CD2 1 
ATOM   461  N N   . LYS A 1 69  ? 8.768   6.298   -0.819  1.00 32.15 ? 183 LYS A N   1 
ATOM   462  C CA  . LYS A 1 69  ? 10.225  6.038   -0.865  1.00 32.63 ? 183 LYS A CA  1 
ATOM   463  C C   . LYS A 1 69  ? 11.082  7.289   -0.728  1.00 32.63 ? 183 LYS A C   1 
ATOM   464  O O   . LYS A 1 69  ? 10.655  8.402   -1.038  1.00 32.93 ? 183 LYS A O   1 
ATOM   465  C CB  . LYS A 1 69  ? 10.616  5.318   -2.160  1.00 32.95 ? 183 LYS A CB  1 
ATOM   466  C CG  . LYS A 1 69  ? 10.098  3.867   -2.296  1.00 33.54 ? 183 LYS A CG  1 
ATOM   467  C CD  . LYS A 1 69  ? 10.614  2.937   -1.195  1.00 34.12 ? 183 LYS A CD  1 
ATOM   468  C CE  . LYS A 1 69  ? 9.978   1.545   -1.279  1.00 34.68 ? 183 LYS A CE  1 
ATOM   469  N NZ  . LYS A 1 69  ? 10.023  0.838   0.043   1.00 34.85 ? 183 LYS A NZ  1 
ATOM   470  N N   . GLU A 1 70  ? 12.300  7.091   -0.247  1.00 32.57 ? 184 GLU A N   1 
ATOM   471  C CA  . GLU A 1 70  ? 13.285  8.158   -0.169  1.00 32.77 ? 184 GLU A CA  1 
ATOM   472  C C   . GLU A 1 70  ? 13.454  8.755   -1.552  1.00 32.24 ? 184 GLU A C   1 
ATOM   473  O O   . GLU A 1 70  ? 13.540  8.010   -2.525  1.00 32.20 ? 184 GLU A O   1 
ATOM   474  C CB  . GLU A 1 70  ? 14.616  7.584   0.324   1.00 33.10 ? 184 GLU A CB  1 
ATOM   475  C CG  . GLU A 1 70  ? 14.654  7.296   1.841   1.00 35.37 ? 184 GLU A CG  1 
ATOM   476  C CD  . GLU A 1 70  ? 14.313  5.846   2.281   1.00 38.99 ? 184 GLU A CD  1 
ATOM   477  O OE1 . GLU A 1 70  ? 13.648  5.069   1.518   1.00 40.54 ? 184 GLU A OE1 1 
ATOM   478  O OE2 . GLU A 1 70  ? 14.721  5.496   3.432   1.00 40.03 ? 184 GLU A OE2 1 
ATOM   479  N N   . THR A 1 71  ? 13.486  10.084  -1.656  1.00 31.90 ? 185 THR A N   1 
ATOM   480  C CA  . THR A 1 71  ? 13.748  10.755  -2.935  1.00 31.78 ? 185 THR A CA  1 
ATOM   481  C C   . THR A 1 71  ? 12.469  11.178  -3.658  1.00 31.34 ? 185 THR A C   1 
ATOM   482  O O   . THR A 1 71  ? 12.517  11.977  -4.587  1.00 31.13 ? 185 THR A O   1 
ATOM   483  C CB  . THR A 1 71  ? 14.614  9.823   -3.844  1.00 32.15 ? 185 THR A CB  1 
ATOM   484  O OG1 . THR A 1 71  ? 15.808  9.460   -3.130  1.00 31.69 ? 185 THR A OG1 1 
ATOM   485  C CG2 . THR A 1 71  ? 14.985  10.476  -5.158  1.00 33.41 ? 185 THR A CG2 1 
ATOM   486  N N   . ASP A 1 72  ? 11.325  10.660  -3.232  1.00 30.96 ? 186 ASP A N   1 
ATOM   487  C CA  . ASP A 1 72  ? 10.064  11.081  -3.815  1.00 30.99 ? 186 ASP A CA  1 
ATOM   488  C C   . ASP A 1 72  ? 9.766   12.508  -3.367  1.00 30.90 ? 186 ASP A C   1 
ATOM   489  O O   . ASP A 1 72  ? 10.232  12.933  -2.300  1.00 31.00 ? 186 ASP A O   1 
ATOM   490  C CB  . ASP A 1 72  ? 8.913   10.166  -3.371  1.00 31.07 ? 186 ASP A CB  1 
ATOM   491  C CG  . ASP A 1 72  ? 9.023   8.750   -3.929  1.00 30.82 ? 186 ASP A CG  1 
ATOM   492  O OD1 . ASP A 1 72  ? 9.677   8.535   -4.970  1.00 28.85 ? 186 ASP A OD1 1 
ATOM   493  O OD2 . ASP A 1 72  ? 8.443   7.847   -3.296  1.00 32.02 ? 186 ASP A OD2 1 
ATOM   494  N N   . GLN A 1 73  ? 8.974   13.221  -4.167  1.00 30.39 ? 187 GLN A N   1 
ATOM   495  C CA  . GLN A 1 73  ? 8.605   14.576  -3.866  1.00 30.25 ? 187 GLN A CA  1 
ATOM   496  C C   . GLN A 1 73  ? 7.133   14.700  -3.517  1.00 30.28 ? 187 GLN A C   1 
ATOM   497  O O   . GLN A 1 73  ? 6.295   14.293  -4.288  1.00 30.82 ? 187 GLN A O   1 
ATOM   498  C CB  . GLN A 1 73  ? 8.895   15.438  -5.074  1.00 30.33 ? 187 GLN A CB  1 
ATOM   499  C CG  . GLN A 1 73  ? 8.689   16.913  -4.816  1.00 30.62 ? 187 GLN A CG  1 
ATOM   500  C CD  . GLN A 1 73  ? 8.996   17.755  -6.014  1.00 30.12 ? 187 GLN A CD  1 
ATOM   501  O OE1 . GLN A 1 73  ? 9.597   17.287  -6.969  1.00 28.92 ? 187 GLN A OE1 1 
ATOM   502  N NE2 . GLN A 1 73  ? 8.581   19.008  -5.973  1.00 30.34 ? 187 GLN A NE2 1 
ATOM   503  N N   . ILE A 1 74  ? 6.805   15.291  -2.371  1.00 30.32 ? 188 ILE A N   1 
ATOM   504  C CA  . ILE A 1 74  ? 5.403   15.524  -2.029  1.00 30.14 ? 188 ILE A CA  1 
ATOM   505  C C   . ILE A 1 74  ? 4.902   16.736  -2.814  1.00 30.33 ? 188 ILE A C   1 
ATOM   506  O O   . ILE A 1 74  ? 5.368   17.869  -2.622  1.00 30.49 ? 188 ILE A O   1 
ATOM   507  C CB  . ILE A 1 74  ? 5.169   15.729  -0.521  1.00 30.07 ? 188 ILE A CB  1 
ATOM   508  C CG1 . ILE A 1 74  ? 5.465   14.443  0.250   1.00 30.77 ? 188 ILE A CG1 1 
ATOM   509  C CG2 . ILE A 1 74  ? 3.729   16.114  -0.250  1.00 29.08 ? 188 ILE A CG2 1 
ATOM   510  C CD1 . ILE A 1 74  ? 6.869   14.304  0.680   1.00 31.43 ? 188 ILE A CD1 1 
ATOM   511  N N   . LEU A 1 75  ? 3.966   16.482  -3.718  1.00 30.19 ? 189 LEU A N   1 
ATOM   512  C CA  . LEU A 1 75  ? 3.402   17.522  -4.556  1.00 30.08 ? 189 LEU A CA  1 
ATOM   513  C C   . LEU A 1 75  ? 2.201   18.158  -3.885  1.00 29.92 ? 189 LEU A C   1 
ATOM   514  O O   . LEU A 1 75  ? 2.017   19.372  -3.971  1.00 30.17 ? 189 LEU A O   1 
ATOM   515  C CB  . LEU A 1 75  ? 2.998   16.944  -5.913  1.00 29.93 ? 189 LEU A CB  1 
ATOM   516  C CG  . LEU A 1 75  ? 4.087   16.156  -6.644  1.00 29.95 ? 189 LEU A CG  1 
ATOM   517  C CD1 . LEU A 1 75  ? 3.589   15.729  -8.012  1.00 31.27 ? 189 LEU A CD1 1 
ATOM   518  C CD2 . LEU A 1 75  ? 5.345   16.969  -6.776  1.00 29.78 ? 189 LEU A CD2 1 
ATOM   519  N N   . ALA A 1 76  ? 1.377   17.341  -3.234  1.00 29.75 ? 190 ALA A N   1 
ATOM   520  C CA  . ALA A 1 76  ? 0.169   17.831  -2.571  1.00 29.55 ? 190 ALA A CA  1 
ATOM   521  C C   . ALA A 1 76  ? -0.043  17.162  -1.210  1.00 29.53 ? 190 ALA A C   1 
ATOM   522  O O   . ALA A 1 76  ? 0.455   16.070  -0.963  1.00 29.41 ? 190 ALA A O   1 
ATOM   523  C CB  . ALA A 1 76  ? -1.018  17.624  -3.447  1.00 29.17 ? 190 ALA A CB  1 
ATOM   524  N N   . ILE A 1 77  ? -0.753  17.853  -0.324  1.00 29.75 ? 191 ILE A N   1 
ATOM   525  C CA  . ILE A 1 77  ? -1.165  17.303  0.968   1.00 29.79 ? 191 ILE A CA  1 
ATOM   526  C C   . ILE A 1 77  ? -2.627  17.629  1.175   1.00 30.10 ? 191 ILE A C   1 
ATOM   527  O O   . ILE A 1 77  ? -2.986  18.790  1.238   1.00 30.09 ? 191 ILE A O   1 
ATOM   528  C CB  . ILE A 1 77  ? -0.395  17.917  2.154   1.00 29.97 ? 191 ILE A CB  1 
ATOM   529  C CG1 . ILE A 1 77  ? 1.126   17.800  1.950   1.00 30.40 ? 191 ILE A CG1 1 
ATOM   530  C CG2 . ILE A 1 77  ? -0.811  17.231  3.449   1.00 29.09 ? 191 ILE A CG2 1 
ATOM   531  C CD1 . ILE A 1 77  ? 1.970   18.679  2.854   1.00 29.29 ? 191 ILE A CD1 1 
ATOM   532  N N   . ASN A 1 78  ? -3.470  16.611  1.286   1.00 30.51 ? 192 ASN A N   1 
ATOM   533  C CA  . ASN A 1 78  ? -4.901  16.819  1.508   1.00 30.92 ? 192 ASN A CA  1 
ATOM   534  C C   . ASN A 1 78  ? -5.490  17.874  0.567   1.00 31.11 ? 192 ASN A C   1 
ATOM   535  O O   . ASN A 1 78  ? -6.263  18.737  0.994   1.00 31.16 ? 192 ASN A O   1 
ATOM   536  C CB  . ASN A 1 78  ? -5.165  17.205  2.972   1.00 30.73 ? 192 ASN A CB  1 
ATOM   537  C CG  . ASN A 1 78  ? -4.810  16.095  3.955   1.00 31.09 ? 192 ASN A CG  1 
ATOM   538  O OD1 . ASN A 1 78  ? -4.919  14.897  3.656   1.00 30.18 ? 192 ASN A OD1 1 
ATOM   539  N ND2 . ASN A 1 78  ? -4.401  16.496  5.154   1.00 32.01 ? 192 ASN A ND2 1 
ATOM   540  N N   . GLY A 1 79  ? -5.096  17.808  -0.706  1.00 31.35 ? 193 GLY A N   1 
ATOM   541  C CA  . GLY A 1 79  ? -5.611  18.697  -1.753  1.00 31.50 ? 193 GLY A CA  1 
ATOM   542  C C   . GLY A 1 79  ? -4.890  20.025  -1.900  1.00 31.86 ? 193 GLY A C   1 
ATOM   543  O O   . GLY A 1 79  ? -5.175  20.777  -2.837  1.00 32.23 ? 193 GLY A O   1 
ATOM   544  N N   . GLN A 1 80  ? -3.985  20.335  -0.970  1.00 32.06 ? 194 GLN A N   1 
ATOM   545  C CA  . GLN A 1 80  ? -3.194  21.571  -1.015  1.00 32.23 ? 194 GLN A CA  1 
ATOM   546  C C   . GLN A 1 80  ? -1.945  21.289  -1.847  1.00 32.01 ? 194 GLN A C   1 
ATOM   547  O O   . GLN A 1 80  ? -1.090  20.490  -1.441  1.00 32.21 ? 194 GLN A O   1 
ATOM   548  C CB  . GLN A 1 80  ? -2.822  22.010  0.414   1.00 32.18 ? 194 GLN A CB  1 
ATOM   549  C CG  . GLN A 1 80  ? -1.975  23.260  0.520   1.00 33.37 ? 194 GLN A CG  1 
ATOM   550  C CD  . GLN A 1 80  ? -2.696  24.528  0.066   1.00 35.09 ? 194 GLN A CD  1 
ATOM   551  O OE1 . GLN A 1 80  ? -3.776  24.847  0.562   1.00 35.96 ? 194 GLN A OE1 1 
ATOM   552  N NE2 . GLN A 1 80  ? -2.086  25.267  -0.865  1.00 35.56 ? 194 GLN A NE2 1 
ATOM   553  N N   . ALA A 1 81  ? -1.848  21.917  -3.019  1.00 31.62 ? 195 ALA A N   1 
ATOM   554  C CA  . ALA A 1 81  ? -0.638  21.799  -3.836  1.00 31.32 ? 195 ALA A CA  1 
ATOM   555  C C   . ALA A 1 81  ? 0.463   22.595  -3.163  1.00 31.17 ? 195 ALA A C   1 
ATOM   556  O O   . ALA A 1 81  ? 0.239   23.728  -2.730  1.00 30.96 ? 195 ALA A O   1 
ATOM   557  C CB  . ALA A 1 81  ? -0.874  22.308  -5.241  1.00 31.33 ? 195 ALA A CB  1 
ATOM   558  N N   . LEU A 1 82  ? 1.649   22.000  -3.059  1.00 31.32 ? 196 LEU A N   1 
ATOM   559  C CA  . LEU A 1 82  ? 2.804   22.692  -2.461  1.00 31.46 ? 196 LEU A CA  1 
ATOM   560  C C   . LEU A 1 82  ? 3.502   23.623  -3.471  1.00 31.70 ? 196 LEU A C   1 
ATOM   561  O O   . LEU A 1 82  ? 4.689   23.457  -3.781  1.00 31.77 ? 196 LEU A O   1 
ATOM   562  C CB  . LEU A 1 82  ? 3.780   21.680  -1.855  1.00 31.13 ? 196 LEU A CB  1 
ATOM   563  C CG  . LEU A 1 82  ? 3.115   20.802  -0.794  1.00 31.48 ? 196 LEU A CG  1 
ATOM   564  C CD1 . LEU A 1 82  ? 4.121   19.991  0.025   1.00 31.28 ? 196 LEU A CD1 1 
ATOM   565  C CD2 . LEU A 1 82  ? 2.281   21.662  0.111   1.00 31.85 ? 196 LEU A CD2 1 
ATOM   566  N N   . ASP A 1 83  ? 2.749   24.615  -3.951  1.00 31.74 ? 197 ASP A N   1 
ATOM   567  C CA  . ASP A 1 83  ? 3.223   25.547  -4.965  1.00 32.05 ? 197 ASP A CA  1 
ATOM   568  C C   . ASP A 1 83  ? 4.041   26.639  -4.287  1.00 32.27 ? 197 ASP A C   1 
ATOM   569  O O   . ASP A 1 83  ? 4.379   26.515  -3.111  1.00 32.56 ? 197 ASP A O   1 
ATOM   570  C CB  . ASP A 1 83  ? 2.047   26.116  -5.782  1.00 32.41 ? 197 ASP A CB  1 
ATOM   571  C CG  . ASP A 1 83  ? 1.002   26.829  -4.922  1.00 33.46 ? 197 ASP A CG  1 
ATOM   572  O OD1 . ASP A 1 83  ? 1.259   27.062  -3.721  1.00 35.18 ? 197 ASP A OD1 1 
ATOM   573  O OD2 . ASP A 1 83  ? -0.085  27.157  -5.451  1.00 34.42 ? 197 ASP A OD2 1 
ATOM   574  N N   . GLN A 1 84  ? 4.372   27.695  -5.028  1.00 32.60 ? 198 GLN A N   1 
ATOM   575  C CA  . GLN A 1 84  ? 5.160   28.815  -4.501  1.00 32.85 ? 198 GLN A CA  1 
ATOM   576  C C   . GLN A 1 84  ? 4.443   29.574  -3.379  1.00 32.89 ? 198 GLN A C   1 
ATOM   577  O O   . GLN A 1 84  ? 5.084   30.301  -2.620  1.00 33.05 ? 198 GLN A O   1 
ATOM   578  C CB  . GLN A 1 84  ? 5.521   29.809  -5.629  1.00 32.97 ? 198 GLN A CB  1 
ATOM   579  C CG  . GLN A 1 84  ? 6.682   29.376  -6.524  1.00 33.35 ? 198 GLN A CG  1 
ATOM   580  N N   . THR A 1 85  ? 3.123   29.412  -3.282  1.00 33.03 ? 199 THR A N   1 
ATOM   581  C CA  . THR A 1 85  ? 2.316   30.085  -2.243  1.00 33.27 ? 199 THR A CA  1 
ATOM   582  C C   . THR A 1 85  ? 2.873   29.954  -0.818  1.00 33.27 ? 199 THR A C   1 
ATOM   583  O O   . THR A 1 85  ? 2.646   30.838  0.018   1.00 33.43 ? 199 THR A O   1 
ATOM   584  C CB  . THR A 1 85  ? 0.849   29.536  -2.189  1.00 33.26 ? 199 THR A CB  1 
ATOM   585  O OG1 . THR A 1 85  ? 0.386   29.215  -3.503  1.00 33.45 ? 199 THR A OG1 1 
ATOM   586  C CG2 . THR A 1 85  ? -0.094  30.559  -1.570  1.00 33.72 ? 199 THR A CG2 1 
ATOM   587  N N   . ILE A 1 86  ? 3.591   28.863  -0.533  1.00 33.15 ? 200 ILE A N   1 
ATOM   588  C CA  . ILE A 1 86  ? 3.998   28.572  0.844   1.00 33.07 ? 200 ILE A CA  1 
ATOM   589  C C   . ILE A 1 86  ? 5.403   27.997  0.985   1.00 32.77 ? 200 ILE A C   1 
ATOM   590  O O   . ILE A 1 86  ? 5.833   27.176  0.177   1.00 32.93 ? 200 ILE A O   1 
ATOM   591  C CB  . ILE A 1 86  ? 2.976   27.651  1.537   1.00 33.15 ? 200 ILE A CB  1 
ATOM   592  C CG1 . ILE A 1 86  ? 2.799   26.347  0.758   1.00 33.46 ? 200 ILE A CG1 1 
ATOM   593  C CG2 . ILE A 1 86  ? 1.637   28.393  1.702   1.00 33.39 ? 200 ILE A CG2 1 
ATOM   594  C CD1 . ILE A 1 86  ? 1.643   25.518  1.254   1.00 34.10 ? 200 ILE A CD1 1 
ATOM   595  N N   . THR A 1 87  ? 6.097   28.445  2.031   1.00 32.51 ? 201 THR A N   1 
ATOM   596  C CA  . THR A 1 87  ? 7.508   28.118  2.274   1.00 32.27 ? 201 THR A CA  1 
ATOM   597  C C   . THR A 1 87  ? 7.698   26.651  2.617   1.00 31.90 ? 201 THR A C   1 
ATOM   598  O O   . THR A 1 87  ? 6.741   25.923  2.848   1.00 31.49 ? 201 THR A O   1 
ATOM   599  C CB  . THR A 1 87  ? 8.109   28.989  3.416   1.00 32.37 ? 201 THR A CB  1 
ATOM   600  O OG1 . THR A 1 87  ? 7.507   28.624  4.660   1.00 32.09 ? 201 THR A OG1 1 
ATOM   601  C CG2 . THR A 1 87  ? 7.892   30.499  3.159   1.00 31.97 ? 201 THR A CG2 1 
ATOM   602  N N   . HIS A 1 88  ? 8.947   26.213  2.669   1.00 31.95 ? 202 HIS A N   1 
ATOM   603  C CA  . HIS A 1 88  ? 9.206   24.800  2.945   1.00 32.10 ? 202 HIS A CA  1 
ATOM   604  C C   . HIS A 1 88  ? 8.847   24.436  4.381   1.00 31.15 ? 202 HIS A C   1 
ATOM   605  O O   . HIS A 1 88  ? 8.290   23.370  4.636   1.00 31.00 ? 202 HIS A O   1 
ATOM   606  C CB  . HIS A 1 88  ? 10.646  24.386  2.564   1.00 32.72 ? 202 HIS A CB  1 
ATOM   607  C CG  . HIS A 1 88  ? 11.700  24.834  3.522   1.00 34.75 ? 202 HIS A CG  1 
ATOM   608  N ND1 . HIS A 1 88  ? 12.074  26.160  3.664   1.00 37.18 ? 202 HIS A ND1 1 
ATOM   609  C CD2 . HIS A 1 88  ? 12.502  24.123  4.355   1.00 36.65 ? 202 HIS A CD2 1 
ATOM   610  C CE1 . HIS A 1 88  ? 13.047  26.247  4.558   1.00 37.17 ? 202 HIS A CE1 1 
ATOM   611  N NE2 . HIS A 1 88  ? 13.322  25.026  4.996   1.00 37.88 ? 202 HIS A NE2 1 
ATOM   612  N N   . GLN A 1 89  ? 9.133   25.338  5.305   1.00 30.31 ? 203 GLN A N   1 
ATOM   613  C CA  . GLN A 1 89  ? 8.718   25.154  6.678   1.00 29.92 ? 203 GLN A CA  1 
ATOM   614  C C   . GLN A 1 89  ? 7.193   25.146  6.822   1.00 30.04 ? 203 GLN A C   1 
ATOM   615  O O   . GLN A 1 89  ? 6.663   24.413  7.652   1.00 30.20 ? 203 GLN A O   1 
ATOM   616  C CB  . GLN A 1 89  ? 9.334   26.238  7.560   1.00 30.11 ? 203 GLN A CB  1 
ATOM   617  C CG  . GLN A 1 89  ? 10.855  26.142  7.681   1.00 29.52 ? 203 GLN A CG  1 
ATOM   618  C CD  . GLN A 1 89  ? 11.427  27.061  8.736   1.00 29.08 ? 203 GLN A CD  1 
ATOM   619  O OE1 . GLN A 1 89  ? 10.910  28.141  8.996   1.00 27.86 ? 203 GLN A OE1 1 
ATOM   620  N NE2 . GLN A 1 89  ? 12.509  26.633  9.345   1.00 28.60 ? 203 GLN A NE2 1 
ATOM   621  N N   . GLN A 1 90  ? 6.489   25.933  6.010   1.00 30.24 ? 204 GLN A N   1 
ATOM   622  C CA  . GLN A 1 90  ? 5.018   25.900  5.980   1.00 30.46 ? 204 GLN A CA  1 
ATOM   623  C C   . GLN A 1 90  ? 4.526   24.530  5.478   1.00 30.62 ? 204 GLN A C   1 
ATOM   624  O O   . GLN A 1 90  ? 3.540   24.000  5.980   1.00 30.96 ? 204 GLN A O   1 
ATOM   625  C CB  . GLN A 1 90  ? 4.456   27.042  5.126   1.00 30.24 ? 204 GLN A CB  1 
ATOM   626  C CG  . GLN A 1 90  ? 4.573   28.409  5.779   1.00 30.98 ? 204 GLN A CG  1 
ATOM   627  C CD  . GLN A 1 90  ? 4.554   29.591  4.791   1.00 31.47 ? 204 GLN A CD  1 
ATOM   628  O OE1 . GLN A 1 90  ? 3.751   29.636  3.857   1.00 32.94 ? 204 GLN A OE1 1 
ATOM   629  N NE2 . GLN A 1 90  ? 5.440   30.564  5.017   1.00 33.07 ? 204 GLN A NE2 1 
ATOM   630  N N   . ALA A 1 91  ? 5.230   23.951  4.506   1.00 30.69 ? 205 ALA A N   1 
ATOM   631  C CA  . ALA A 1 91  ? 4.954   22.587  4.075   1.00 30.68 ? 205 ALA A CA  1 
ATOM   632  C C   . ALA A 1 91  ? 5.059   21.624  5.242   1.00 30.53 ? 205 ALA A C   1 
ATOM   633  O O   . ALA A 1 91  ? 4.152   20.839  5.481   1.00 30.88 ? 205 ALA A O   1 
ATOM   634  C CB  . ALA A 1 91  ? 5.917   22.171  2.966   1.00 30.81 ? 205 ALA A CB  1 
ATOM   635  N N   . ILE A 1 92  ? 6.161   21.694  5.974   1.00 30.35 ? 206 ILE A N   1 
ATOM   636  C CA  . ILE A 1 92  ? 6.390   20.766  7.073   1.00 30.41 ? 206 ILE A CA  1 
ATOM   637  C C   . ILE A 1 92  ? 5.305   20.963  8.116   1.00 30.66 ? 206 ILE A C   1 
ATOM   638  O O   . ILE A 1 92  ? 4.736   19.990  8.619   1.00 31.00 ? 206 ILE A O   1 
ATOM   639  C CB  . ILE A 1 92  ? 7.770   20.954  7.731   1.00 30.63 ? 206 ILE A CB  1 
ATOM   640  C CG1 . ILE A 1 92  ? 8.893   20.674  6.728   1.00 30.45 ? 206 ILE A CG1 1 
ATOM   641  C CG2 . ILE A 1 92  ? 7.926   20.009  8.916   1.00 30.41 ? 206 ILE A CG2 1 
ATOM   642  C CD1 . ILE A 1 92  ? 10.186  21.231  7.163   1.00 30.19 ? 206 ILE A CD1 1 
ATOM   643  N N   . SER A 1 93  ? 5.000   22.218  8.427   1.00 30.31 ? 207 SER A N   1 
ATOM   644  C CA  . SER A 1 93  ? 3.973   22.484  9.408   1.00 30.34 ? 207 SER A CA  1 
ATOM   645  C C   . SER A 1 93  ? 2.661   21.817  9.046   1.00 30.36 ? 207 SER A C   1 
ATOM   646  O O   . SER A 1 93  ? 1.994   21.255  9.906   1.00 30.23 ? 207 SER A O   1 
ATOM   647  C CB  . SER A 1 93  ? 3.722   23.969  9.547   1.00 30.35 ? 207 SER A CB  1 
ATOM   648  O OG  . SER A 1 93  ? 2.767   24.182  10.571  1.00 31.09 ? 207 SER A OG  1 
ATOM   649  N N   . ILE A 1 94  ? 2.282   21.901  7.774   1.00 30.55 ? 208 ILE A N   1 
ATOM   650  C CA  . ILE A 1 94  ? 1.027   21.310  7.313   1.00 30.56 ? 208 ILE A CA  1 
ATOM   651  C C   . ILE A 1 94  ? 1.069   19.804  7.526   1.00 30.82 ? 208 ILE A C   1 
ATOM   652  O O   . ILE A 1 94  ? 0.149   19.225  8.101   1.00 30.78 ? 208 ILE A O   1 
ATOM   653  C CB  . ILE A 1 94  ? 0.757   21.592  5.833   1.00 30.47 ? 208 ILE A CB  1 
ATOM   654  C CG1 . ILE A 1 94  ? 0.367   23.054  5.631   1.00 29.55 ? 208 ILE A CG1 1 
ATOM   655  C CG2 . ILE A 1 94  ? -0.364  20.692  5.333   1.00 31.02 ? 208 ILE A CG2 1 
ATOM   656  C CD1 . ILE A 1 94  ? 0.640   23.557  4.247   1.00 28.98 ? 208 ILE A CD1 1 
ATOM   657  N N   . LEU A 1 95  ? 2.150   19.179  7.072   1.00 30.99 ? 209 LEU A N   1 
ATOM   658  C CA  . LEU A 1 95  ? 2.363   17.753  7.318   1.00 31.28 ? 209 LEU A CA  1 
ATOM   659  C C   . LEU A 1 95  ? 2.224   17.399  8.786   1.00 31.08 ? 209 LEU A C   1 
ATOM   660  O O   . LEU A 1 95  ? 1.540   16.451  9.125   1.00 31.55 ? 209 LEU A O   1 
ATOM   661  C CB  . LEU A 1 95  ? 3.747   17.314  6.833   1.00 31.40 ? 209 LEU A CB  1 
ATOM   662  C CG  . LEU A 1 95  ? 3.872   16.969  5.342   1.00 32.04 ? 209 LEU A CG  1 
ATOM   663  C CD1 . LEU A 1 95  ? 5.337   16.768  4.939   1.00 32.50 ? 209 LEU A CD1 1 
ATOM   664  C CD2 . LEU A 1 95  ? 3.055   15.729  5.008   1.00 32.51 ? 209 LEU A CD2 1 
ATOM   665  N N   . GLN A 1 96  ? 2.874   18.162  9.650   1.00 30.86 ? 210 GLN A N   1 
ATOM   666  C CA  . GLN A 1 96  ? 2.866   17.869  11.079  1.00 30.73 ? 210 GLN A CA  1 
ATOM   667  C C   . GLN A 1 96  ? 1.494   18.037  11.716  1.00 30.82 ? 210 GLN A C   1 
ATOM   668  O O   . GLN A 1 96  ? 1.101   17.213  12.528  1.00 31.18 ? 210 GLN A O   1 
ATOM   669  C CB  . GLN A 1 96  ? 3.913   18.718  11.816  1.00 30.48 ? 210 GLN A CB  1 
ATOM   670  C CG  . GLN A 1 96  ? 5.312   18.271  11.486  1.00 29.83 ? 210 GLN A CG  1 
ATOM   671  C CD  . GLN A 1 96  ? 6.359   19.073  12.158  1.00 29.98 ? 210 GLN A CD  1 
ATOM   672  O OE1 . GLN A 1 96  ? 6.065   20.075  12.812  1.00 31.50 ? 210 GLN A OE1 1 
ATOM   673  N NE2 . GLN A 1 96  ? 7.614   18.646  12.007  1.00 30.07 ? 210 GLN A NE2 1 
ATOM   674  N N   . LYS A 1 97  ? 0.779   19.100  11.344  1.00 31.09 ? 211 LYS A N   1 
ATOM   675  C CA  . LYS A 1 97  ? -0.498  19.457  11.968  1.00 30.79 ? 211 LYS A CA  1 
ATOM   676  C C   . LYS A 1 97  ? -1.648  18.577  11.434  1.00 30.93 ? 211 LYS A C   1 
ATOM   677  O O   . LYS A 1 97  ? -2.701  18.477  12.078  1.00 31.02 ? 211 LYS A O   1 
ATOM   678  C CB  . LYS A 1 97  ? -0.794  20.948  11.760  1.00 30.16 ? 211 LYS A CB  1 
ATOM   679  N N   . ALA A 1 98  ? -1.444  17.932  10.278  1.00 30.77 ? 212 ALA A N   1 
ATOM   680  C CA  . ALA A 1 98  ? -2.458  17.056  9.696   1.00 30.66 ? 212 ALA A CA  1 
ATOM   681  C C   . ALA A 1 98  ? -2.786  15.927  10.671  1.00 30.91 ? 212 ALA A C   1 
ATOM   682  O O   . ALA A 1 98  ? -1.883  15.314  11.249  1.00 31.05 ? 212 ALA A O   1 
ATOM   683  C CB  . ALA A 1 98  ? -1.990  16.496  8.363   1.00 30.22 ? 212 ALA A CB  1 
ATOM   684  N N   . LYS A 1 99  ? -4.081  15.683  10.858  1.00 30.98 ? 213 LYS A N   1 
ATOM   685  C CA  . LYS A 1 99  ? -4.576  14.652  11.761  1.00 31.08 ? 213 LYS A CA  1 
ATOM   686  C C   . LYS A 1 99  ? -5.211  13.503  10.958  1.00 31.26 ? 213 LYS A C   1 
ATOM   687  O O   . LYS A 1 99  ? -5.684  13.705  9.828   1.00 30.95 ? 213 LYS A O   1 
ATOM   688  C CB  . LYS A 1 99  ? -5.610  15.247  12.733  1.00 31.22 ? 213 LYS A CB  1 
ATOM   689  C CG  . LYS A 1 99  ? -5.086  16.333  13.701  1.00 31.61 ? 213 LYS A CG  1 
ATOM   690  C CD  . LYS A 1 99  ? -6.231  17.168  14.339  1.00 31.14 ? 213 LYS A CD  1 
ATOM   691  N N   . ASP A 1 100 ? -5.197  12.301  11.547  1.00 31.48 ? 214 ASP A N   1 
ATOM   692  C CA  . ASP A 1 100 ? -5.873  11.118  10.997  1.00 31.71 ? 214 ASP A CA  1 
ATOM   693  C C   . ASP A 1 100 ? -5.446  10.763  9.550   1.00 31.68 ? 214 ASP A C   1 
ATOM   694  O O   . ASP A 1 100 ? -4.248  10.657  9.266   1.00 31.72 ? 214 ASP A O   1 
ATOM   695  C CB  . ASP A 1 100 ? -7.392  11.303  11.130  1.00 31.98 ? 214 ASP A CB  1 
ATOM   696  C CG  . ASP A 1 100 ? -7.831  11.564  12.569  1.00 32.41 ? 214 ASP A CG  1 
ATOM   697  O OD1 . ASP A 1 100 ? -7.052  11.262  13.505  1.00 33.09 ? 214 ASP A OD1 1 
ATOM   698  O OD2 . ASP A 1 100 ? -8.961  12.064  12.756  1.00 32.39 ? 214 ASP A OD2 1 
ATOM   699  N N   . THR A 1 101 ? -6.413  10.588  8.645   1.00 31.46 ? 215 THR A N   1 
ATOM   700  C CA  . THR A 1 101 ? -6.128  10.176  7.280   1.00 31.26 ? 215 THR A CA  1 
ATOM   701  C C   . THR A 1 101 ? -5.562  11.307  6.465   1.00 31.15 ? 215 THR A C   1 
ATOM   702  O O   . THR A 1 101 ? -6.277  12.248  6.127   1.00 31.38 ? 215 THR A O   1 
ATOM   703  C CB  . THR A 1 101 ? -7.389  9.766   6.565   1.00 31.40 ? 215 THR A CB  1 
ATOM   704  O OG1 . THR A 1 101 ? -7.986  8.647   7.245   1.00 31.19 ? 215 THR A OG1 1 
ATOM   705  C CG2 . THR A 1 101 ? -7.057  9.446   5.090   1.00 31.20 ? 215 THR A CG2 1 
ATOM   706  N N   . VAL A 1 102 ? -4.285  11.196  6.135   1.00 31.06 ? 216 VAL A N   1 
ATOM   707  C CA  . VAL A 1 102 ? -3.581  12.190  5.345   1.00 31.14 ? 216 VAL A CA  1 
ATOM   708  C C   . VAL A 1 102 ? -3.473  11.722  3.886   1.00 31.12 ? 216 VAL A C   1 
ATOM   709  O O   . VAL A 1 102 ? -3.004  10.621  3.637   1.00 31.22 ? 216 VAL A O   1 
ATOM   710  C CB  . VAL A 1 102 ? -2.160  12.404  5.925   1.00 31.18 ? 216 VAL A CB  1 
ATOM   711  C CG1 . VAL A 1 102 ? -1.401  13.477  5.158   1.00 31.51 ? 216 VAL A CG1 1 
ATOM   712  C CG2 . VAL A 1 102 ? -2.231  12.755  7.415   1.00 31.05 ? 216 VAL A CG2 1 
ATOM   713  N N   . GLN A 1 103 ? -3.905  12.543  2.928   1.00 31.03 ? 217 GLN A N   1 
ATOM   714  C CA  . GLN A 1 103 ? -3.728  12.221  1.500   1.00 30.72 ? 217 GLN A CA  1 
ATOM   715  C C   . GLN A 1 103 ? -2.518  12.932  0.909   1.00 30.80 ? 217 GLN A C   1 
ATOM   716  O O   . GLN A 1 103 ? -2.478  14.165  0.878   1.00 31.11 ? 217 GLN A O   1 
ATOM   717  C CB  . GLN A 1 103 ? -4.965  12.608  0.684   1.00 30.71 ? 217 GLN A CB  1 
ATOM   718  C CG  . GLN A 1 103 ? -4.732  12.630  -0.833  1.00 30.32 ? 217 GLN A CG  1 
ATOM   719  C CD  . GLN A 1 103 ? -5.998  12.844  -1.617  1.00 30.13 ? 217 GLN A CD  1 
ATOM   720  O OE1 . GLN A 1 103 ? -6.984  12.140  -1.421  1.00 30.52 ? 217 GLN A OE1 1 
ATOM   721  N NE2 . GLN A 1 103 ? -5.978  13.807  -2.527  1.00 28.90 ? 217 GLN A NE2 1 
ATOM   722  N N   . LEU A 1 104 ? -1.558  12.156  0.412   1.00 30.70 ? 218 LEU A N   1 
ATOM   723  C CA  . LEU A 1 104 ? -0.366  12.695  -0.250  1.00 30.66 ? 218 LEU A CA  1 
ATOM   724  C C   . LEU A 1 104 ? -0.405  12.441  -1.720  1.00 30.49 ? 218 LEU A C   1 
ATOM   725  O O   . LEU A 1 104 ? -0.780  11.360  -2.136  1.00 30.69 ? 218 LEU A O   1 
ATOM   726  C CB  . LEU A 1 104 ? 0.884   12.010  0.256   1.00 30.84 ? 218 LEU A CB  1 
ATOM   727  C CG  . LEU A 1 104 ? 1.251   12.288  1.703   1.00 31.60 ? 218 LEU A CG  1 
ATOM   728  C CD1 . LEU A 1 104 ? 2.305   11.264  2.157   1.00 31.33 ? 218 LEU A CD1 1 
ATOM   729  C CD2 . LEU A 1 104 ? 1.731   13.723  1.831   1.00 31.22 ? 218 LEU A CD2 1 
ATOM   730  N N   . VAL A 1 105 ? 0.003   13.426  -2.506  1.00 30.46 ? 219 VAL A N   1 
ATOM   731  C CA  . VAL A 1 105 ? 0.244   13.217  -3.932  1.00 30.50 ? 219 VAL A CA  1 
ATOM   732  C C   . VAL A 1 105 ? 1.763   13.247  -4.125  1.00 30.59 ? 219 VAL A C   1 
ATOM   733  O O   . VAL A 1 105 ? 2.440   14.131  -3.623  1.00 30.78 ? 219 VAL A O   1 
ATOM   734  C CB  . VAL A 1 105 ? -0.498  14.258  -4.831  1.00 30.26 ? 219 VAL A CB  1 
ATOM   735  C CG1 . VAL A 1 105 ? -0.369  13.899  -6.302  1.00 29.71 ? 219 VAL A CG1 1 
ATOM   736  C CG2 . VAL A 1 105 ? -1.967  14.332  -4.464  1.00 29.92 ? 219 VAL A CG2 1 
ATOM   737  N N   . ILE A 1 106 ? 2.283   12.261  -4.840  1.00 30.78 ? 220 ILE A N   1 
ATOM   738  C CA  . ILE A 1 106 ? 3.712   11.959  -4.883  1.00 30.70 ? 220 ILE A CA  1 
ATOM   739  C C   . ILE A 1 106 ? 4.190   11.920  -6.314  1.00 30.95 ? 220 ILE A C   1 
ATOM   740  O O   . ILE A 1 106 ? 3.440   11.512  -7.211  1.00 31.30 ? 220 ILE A O   1 
ATOM   741  C CB  . ILE A 1 106 ? 3.964   10.548  -4.233  1.00 30.61 ? 220 ILE A CB  1 
ATOM   742  C CG1 . ILE A 1 106 ? 4.479   10.740  -2.830  1.00 30.67 ? 220 ILE A CG1 1 
ATOM   743  C CG2 . ILE A 1 106 ? 4.905   9.632   -5.056  1.00 29.28 ? 220 ILE A CG2 1 
ATOM   744  C CD1 . ILE A 1 106 ? 3.604   11.648  -2.032  1.00 31.61 ? 220 ILE A CD1 1 
ATOM   745  N N   . ALA A 1 107 ? 5.438   12.328  -6.517  1.00 30.68 ? 221 ALA A N   1 
ATOM   746  C CA  . ALA A 1 107 ? 6.153   12.052  -7.747  1.00 30.69 ? 221 ALA A CA  1 
ATOM   747  C C   . ALA A 1 107 ? 7.367   11.177  -7.416  1.00 30.84 ? 221 ALA A C   1 
ATOM   748  O O   . ALA A 1 107 ? 8.046   11.397  -6.417  1.00 30.67 ? 221 ALA A O   1 
ATOM   749  C CB  . ALA A 1 107 ? 6.577   13.339  -8.400  1.00 30.54 ? 221 ALA A CB  1 
ATOM   750  N N   . ARG A 1 108 ? 7.643   10.195  -8.265  1.00 31.16 ? 222 ARG A N   1 
ATOM   751  C CA  . ARG A 1 108 ? 8.726   9.232   -8.010  1.00 31.73 ? 222 ARG A CA  1 
ATOM   752  C C   . ARG A 1 108 ? 10.131  9.745   -8.321  1.00 31.63 ? 222 ARG A C   1 
ATOM   753  O O   . ARG A 1 108 ? 10.465  10.012  -9.478  1.00 31.66 ? 222 ARG A O   1 
ATOM   754  C CB  . ARG A 1 108 ? 8.486   7.924   -8.777  1.00 31.83 ? 222 ARG A CB  1 
ATOM   755  C CG  . ARG A 1 108 ? 7.267   7.160   -8.291  1.00 33.06 ? 222 ARG A CG  1 
ATOM   756  C CD  . ARG A 1 108 ? 7.342   6.915   -6.783  1.00 35.28 ? 222 ARG A CD  1 
ATOM   757  N NE  . ARG A 1 108 ? 6.384   5.925   -6.316  1.00 35.64 ? 222 ARG A NE  1 
ATOM   758  C CZ  . ARG A 1 108 ? 6.442   5.320   -5.130  1.00 36.17 ? 222 ARG A CZ  1 
ATOM   759  N NH1 . ARG A 1 108 ? 7.425   5.581   -4.274  1.00 35.82 ? 222 ARG A NH1 1 
ATOM   760  N NH2 . ARG A 1 108 ? 5.515   4.425   -4.817  1.00 37.19 ? 222 ARG A NH2 1 
ATOM   761  N N   . GLY A 1 109 ? 10.954  9.831   -7.278  1.00 31.79 ? 223 GLY A N   1 
ATOM   762  C CA  . GLY A 1 109 ? 12.301  10.369  -7.395  1.00 32.11 ? 223 GLY A CA  1 
ATOM   763  C C   . GLY A 1 109 ? 12.368  11.890  -7.573  1.00 32.37 ? 223 GLY A C   1 
ATOM   764  O O   . GLY A 1 109 ? 11.365  12.609  -7.429  1.00 32.41 ? 223 GLY A O   1 
ATOM   765  N N   . SER A 1 110 ? 13.573  12.373  -7.872  1.00 32.31 ? 224 SER A N   1 
ATOM   766  C CA  . SER A 1 110 ? 13.828  13.790  -8.126  1.00 32.43 ? 224 SER A CA  1 
ATOM   767  C C   . SER A 1 110 ? 14.090  14.002  -9.609  1.00 31.93 ? 224 SER A C   1 
ATOM   768  O O   . SER A 1 110 ? 13.892  13.099  -10.424 1.00 31.83 ? 224 SER A O   1 
ATOM   769  C CB  . SER A 1 110 ? 15.072  14.274  -7.369  1.00 32.53 ? 224 SER A CB  1 
ATOM   770  O OG  . SER A 1 110 ? 14.968  14.018  -5.993  1.00 34.52 ? 224 SER A OG  1 
ATOM   771  N N   . LEU A 1 111 ? 14.538  15.211  -9.937  1.00 31.49 ? 225 LEU A N   1 
ATOM   772  C CA  . LEU A 1 111 ? 14.932  15.558  -11.285 1.00 31.31 ? 225 LEU A CA  1 
ATOM   773  C C   . LEU A 1 111 ? 16.315  16.204  -11.237 1.00 31.10 ? 225 LEU A C   1 
ATOM   774  O O   . LEU A 1 111 ? 16.701  16.761  -10.211 1.00 31.25 ? 225 LEU A O   1 
ATOM   775  C CB  . LEU A 1 111 ? 13.918  16.538  -11.893 1.00 31.48 ? 225 LEU A CB  1 
ATOM   776  C CG  . LEU A 1 111 ? 12.613  15.968  -12.449 1.00 31.33 ? 225 LEU A CG  1 
ATOM   777  C CD1 . LEU A 1 111 ? 11.487  16.948  -12.214 1.00 31.61 ? 225 LEU A CD1 1 
ATOM   778  C CD2 . LEU A 1 111 ? 12.744  15.636  -13.935 1.00 31.33 ? 225 LEU A CD2 1 
ATOM   779  N N   . PRO A 1 112 ? 17.065  16.143  -12.348 1.00 30.87 ? 226 PRO A N   1 
ATOM   780  C CA  . PRO A 1 112 ? 18.351  16.838  -12.452 1.00 30.60 ? 226 PRO A CA  1 
ATOM   781  C C   . PRO A 1 112 ? 18.324  18.329  -12.093 1.00 30.38 ? 226 PRO A C   1 
ATOM   782  O O   . PRO A 1 112 ? 19.349  18.876  -11.714 1.00 30.06 ? 226 PRO A O   1 
ATOM   783  C CB  . PRO A 1 112 ? 18.726  16.665  -13.927 1.00 30.61 ? 226 PRO A CB  1 
ATOM   784  C CG  . PRO A 1 112 ? 18.061  15.428  -14.346 1.00 30.82 ? 226 PRO A CG  1 
ATOM   785  C CD  . PRO A 1 112 ? 16.763  15.379  -13.572 1.00 30.98 ? 226 PRO A CD  1 
ATOM   786  N N   . GLN A 1 113 ? 17.169  18.971  -12.223 1.00 30.44 ? 227 GLN A N   1 
ATOM   787  C CA  . GLN A 1 113 ? 17.013  20.396  -11.882 1.00 30.71 ? 227 GLN A CA  1 
ATOM   788  C C   . GLN A 1 113 ? 17.304  20.709  -10.422 1.00 30.59 ? 227 GLN A C   1 
ATOM   789  O O   . GLN A 1 113 ? 17.775  21.795  -10.096 1.00 30.55 ? 227 GLN A O   1 
ATOM   790  C CB  . GLN A 1 113 ? 15.584  20.868  -12.104 1.00 30.87 ? 227 GLN A CB  1 
ATOM   791  C CG  . GLN A 1 113 ? 14.967  20.572  -13.452 1.00 32.06 ? 227 GLN A CG  1 
ATOM   792  C CD  . GLN A 1 113 ? 13.452  20.623  -13.377 1.00 33.41 ? 227 GLN A CD  1 
ATOM   793  O OE1 . GLN A 1 113 ? 12.875  21.206  -12.440 1.00 32.30 ? 227 GLN A OE1 1 
ATOM   794  N NE2 . GLN A 1 113 ? 12.796  20.002  -14.354 1.00 34.78 ? 227 GLN A NE2 1 
ATOM   795  N N   . TYR A 1 114 ? 16.960  19.776  -9.542  1.00 30.51 ? 228 TYR A N   1 
ATOM   796  C CA  . TYR A 1 114 ? 17.130  19.966  -8.102  1.00 30.37 ? 228 TYR A CA  1 
ATOM   797  C C   . TYR A 1 114 ? 18.554  19.674  -7.637  1.00 30.37 ? 228 TYR A C   1 
ATOM   798  O O   . TYR A 1 114 ? 18.875  19.892  -6.465  1.00 30.51 ? 228 TYR A O   1 
ATOM   799  C CB  . TYR A 1 114 ? 16.143  19.073  -7.349  1.00 30.47 ? 228 TYR A CB  1 
ATOM   800  C CG  . TYR A 1 114 ? 14.717  19.521  -7.536  1.00 30.40 ? 228 TYR A CG  1 
ATOM   801  C CD1 . TYR A 1 114 ? 13.895  18.947  -8.495  1.00 30.10 ? 228 TYR A CD1 1 
ATOM   802  C CD2 . TYR A 1 114 ? 14.210  20.556  -6.774  1.00 30.37 ? 228 TYR A CD2 1 
ATOM   803  C CE1 . TYR A 1 114 ? 12.599  19.386  -8.660  1.00 30.00 ? 228 TYR A CE1 1 
ATOM   804  C CE2 . TYR A 1 114 ? 12.935  20.992  -6.928  1.00 30.19 ? 228 TYR A CE2 1 
ATOM   805  C CZ  . TYR A 1 114 ? 12.132  20.417  -7.863  1.00 30.17 ? 228 TYR A CZ  1 
ATOM   806  O OH  . TYR A 1 114 ? 10.856  20.899  -7.975  1.00 31.04 ? 228 TYR A OH  1 
ATOM   807  N N   . TYR A 1 115 ? 19.397  19.182  -8.548  1.00 30.12 ? 229 TYR A N   1 
ATOM   808  C CA  . TYR A 1 115 ? 20.754  18.771  -8.214  1.00 30.20 ? 229 TYR A CA  1 
ATOM   809  C C   . TYR A 1 115 ? 21.767  19.852  -8.561  1.00 29.88 ? 229 TYR A C   1 
ATOM   810  O O   . TYR A 1 115 ? 22.958  19.687  -8.333  1.00 29.81 ? 229 TYR A O   1 
ATOM   811  C CB  . TYR A 1 115 ? 21.082  17.443  -8.905  1.00 30.75 ? 229 TYR A CB  1 
ATOM   812  C CG  . TYR A 1 115 ? 20.446  16.289  -8.175  1.00 31.76 ? 229 TYR A CG  1 
ATOM   813  C CD1 . TYR A 1 115 ? 19.068  16.254  -7.970  1.00 32.52 ? 229 TYR A CD1 1 
ATOM   814  C CD2 . TYR A 1 115 ? 21.217  15.257  -7.637  1.00 32.83 ? 229 TYR A CD2 1 
ATOM   815  C CE1 . TYR A 1 115 ? 18.468  15.224  -7.269  1.00 33.25 ? 229 TYR A CE1 1 
ATOM   816  C CE2 . TYR A 1 115 ? 20.623  14.208  -6.927  1.00 33.22 ? 229 TYR A CE2 1 
ATOM   817  C CZ  . TYR A 1 115 ? 19.241  14.198  -6.748  1.00 33.05 ? 229 TYR A CZ  1 
ATOM   818  O OH  . TYR A 1 115 ? 18.624  13.170  -6.054  1.00 32.95 ? 229 TYR A OH  1 
ATOM   819  N N   . LYS A 1 116 ? 21.274  20.960  -9.108  1.00 29.62 ? 230 LYS A N   1 
ATOM   820  C CA  . LYS A 1 116 ? 22.094  22.129  -9.389  1.00 29.21 ? 230 LYS A CA  1 
ATOM   821  C C   . LYS A 1 116 ? 22.363  22.867  -8.095  1.00 29.05 ? 230 LYS A C   1 
ATOM   822  O O   . LYS A 1 116 ? 21.503  22.962  -7.234  1.00 28.93 ? 230 LYS A O   1 
ATOM   823  C CB  . LYS A 1 116 ? 21.397  23.088  -10.362 1.00 29.07 ? 230 LYS A CB  1 
ATOM   824  C CG  . LYS A 1 116 ? 21.954  23.078  -11.781 1.00 29.71 ? 230 LYS A CG  1 
ATOM   825  C CD  . LYS A 1 116 ? 21.419  21.931  -12.641 1.00 30.23 ? 230 LYS A CD  1 
ATOM   826  C CE  . LYS A 1 116 ? 21.449  22.281  -14.130 1.00 30.35 ? 230 LYS A CE  1 
ATOM   827  N NZ  . LYS A 1 116 ? 20.466  21.474  -14.915 1.00 30.99 ? 230 LYS A NZ  1 
ATOM   828  N N   . VAL A 1 117 ? 23.563  23.413  -7.992  1.00 29.09 ? 231 VAL A N   1 
ATOM   829  C CA  . VAL A 1 117 ? 24.049  24.018  -6.770  1.00 29.04 ? 231 VAL A CA  1 
ATOM   830  C C   . VAL A 1 117 ? 24.665  25.365  -7.101  1.00 29.10 ? 231 VAL A C   1 
ATOM   831  O O   . VAL A 1 117 ? 25.173  25.617  -8.197  1.00 29.13 ? 231 VAL A O   1 
ATOM   832  C CB  . VAL A 1 117 ? 25.077  23.084  -6.077  1.00 28.93 ? 231 VAL A CB  1 
ATOM   833  C CG1 . VAL A 1 117 ? 26.167  23.864  -5.372  1.00 28.81 ? 231 VAL A CG1 1 
ATOM   834  C CG2 . VAL A 1 117 ? 24.372  22.143  -5.110  1.00 28.97 ? 231 VAL A CG2 1 
ATOM   835  O OXT . VAL A 1 117 ? 24.638  26.249  -6.263  1.00 28.86 ? 231 VAL A OXT 1 
ATOM   836  N N   . GLU B 1 7   ? -2.985  -26.528 17.069  1.00 31.03 ? 121 GLU B N   1 
ATOM   837  C CA  . GLU B 1 7   ? -3.946  -27.160 16.119  1.00 31.04 ? 121 GLU B CA  1 
ATOM   838  C C   . GLU B 1 7   ? -4.153  -26.311 14.856  1.00 31.06 ? 121 GLU B C   1 
ATOM   839  O O   . GLU B 1 7   ? -4.302  -26.859 13.764  1.00 31.18 ? 121 GLU B O   1 
ATOM   840  C CB  . GLU B 1 7   ? -5.279  -27.425 16.827  1.00 30.89 ? 121 GLU B CB  1 
ATOM   841  N N   . PHE B 1 8   ? -4.173  -24.984 14.998  1.00 31.07 ? 122 PHE B N   1 
ATOM   842  C CA  . PHE B 1 8   ? -4.273  -24.085 13.834  1.00 31.13 ? 122 PHE B CA  1 
ATOM   843  C C   . PHE B 1 8   ? -3.105  -24.302 12.866  1.00 31.27 ? 122 PHE B C   1 
ATOM   844  O O   . PHE B 1 8   ? -3.318  -24.430 11.661  1.00 31.62 ? 122 PHE B O   1 
ATOM   845  C CB  . PHE B 1 8   ? -4.323  -22.610 14.256  1.00 31.01 ? 122 PHE B CB  1 
ATOM   846  N N   . ASP B 1 9   ? -1.878  -24.364 13.389  1.00 31.27 ? 123 ASP B N   1 
ATOM   847  C CA  . ASP B 1 9   ? -0.699  -24.550 12.528  1.00 31.07 ? 123 ASP B CA  1 
ATOM   848  C C   . ASP B 1 9   ? -0.792  -25.839 11.690  1.00 30.90 ? 123 ASP B C   1 
ATOM   849  O O   . ASP B 1 9   ? -0.387  -25.847 10.527  1.00 30.59 ? 123 ASP B O   1 
ATOM   850  C CB  . ASP B 1 9   ? 0.597   -24.494 13.340  1.00 30.79 ? 123 ASP B CB  1 
ATOM   851  N N   . GLN B 1 10  ? -1.351  -26.903 12.274  1.00 30.92 ? 124 GLN B N   1 
ATOM   852  C CA  . GLN B 1 10  ? -1.603  -28.158 11.550  1.00 30.85 ? 124 GLN B CA  1 
ATOM   853  C C   . GLN B 1 10  ? -2.706  -27.962 10.492  1.00 30.83 ? 124 GLN B C   1 
ATOM   854  O O   . GLN B 1 10  ? -2.562  -28.385 9.339   1.00 30.84 ? 124 GLN B O   1 
ATOM   855  C CB  . GLN B 1 10  ? -1.973  -29.285 12.528  1.00 30.66 ? 124 GLN B CB  1 
ATOM   856  C CG  . GLN B 1 10  ? -1.888  -30.676 11.928  1.00 30.39 ? 124 GLN B CG  1 
ATOM   857  N N   . LEU B 1 11  ? -3.797  -27.301 10.881  1.00 30.74 ? 125 LEU B N   1 
ATOM   858  C CA  . LEU B 1 11  ? -4.885  -27.020 9.953   1.00 30.72 ? 125 LEU B CA  1 
ATOM   859  C C   . LEU B 1 11  ? -4.316  -26.417 8.682   1.00 30.67 ? 125 LEU B C   1 
ATOM   860  O O   . LEU B 1 11  ? -4.649  -26.858 7.587   1.00 31.03 ? 125 LEU B O   1 
ATOM   861  C CB  . LEU B 1 11  ? -5.906  -26.060 10.567  1.00 30.77 ? 125 LEU B CB  1 
ATOM   862  C CG  . LEU B 1 11  ? -7.241  -26.052 9.823   1.00 31.06 ? 125 LEU B CG  1 
ATOM   863  C CD1 . LEU B 1 11  ? -8.091  -27.224 10.297  1.00 31.46 ? 125 LEU B CD1 1 
ATOM   864  C CD2 . LEU B 1 11  ? -7.987  -24.739 9.993   1.00 31.33 ? 125 LEU B CD2 1 
ATOM   865  N N   . ILE B 1 12  ? -3.429  -25.438 8.846   1.00 30.55 ? 126 ILE B N   1 
ATOM   866  C CA  . ILE B 1 12  ? -2.824  -24.742 7.718   1.00 30.55 ? 126 ILE B CA  1 
ATOM   867  C C   . ILE B 1 12  ? -1.944  -25.674 6.883   1.00 30.70 ? 126 ILE B C   1 
ATOM   868  O O   . ILE B 1 12  ? -2.009  -25.646 5.647   1.00 31.17 ? 126 ILE B O   1 
ATOM   869  C CB  . ILE B 1 12  ? -1.990  -23.525 8.172   1.00 30.61 ? 126 ILE B CB  1 
ATOM   870  C CG1 . ILE B 1 12  ? -2.888  -22.462 8.812   1.00 30.65 ? 126 ILE B CG1 1 
ATOM   871  C CG2 . ILE B 1 12  ? -1.224  -22.926 6.986   1.00 30.17 ? 126 ILE B CG2 1 
ATOM   872  C CD1 . ILE B 1 12  ? -3.826  -21.770 7.815   1.00 31.23 ? 126 ILE B CD1 1 
ATOM   873  N N   . LYS B 1 13  ? -1.130  -26.495 7.540   1.00 30.52 ? 127 LYS B N   1 
ATOM   874  C CA  . LYS B 1 13  ? -0.297  -27.453 6.822   1.00 30.46 ? 127 LYS B CA  1 
ATOM   875  C C   . LYS B 1 13  ? -1.161  -28.441 6.019   1.00 30.44 ? 127 LYS B C   1 
ATOM   876  O O   . LYS B 1 13  ? -0.777  -28.846 4.920   1.00 30.44 ? 127 LYS B O   1 
ATOM   877  C CB  . LYS B 1 13  ? 0.646   -28.184 7.789   1.00 30.74 ? 127 LYS B CB  1 
ATOM   878  C CG  . LYS B 1 13  ? 1.726   -27.288 8.419   1.00 30.67 ? 127 LYS B CG  1 
ATOM   879  N N   . ASN B 1 14  ? -2.327  -28.804 6.559   1.00 30.39 ? 128 ASN B N   1 
ATOM   880  C CA  . ASN B 1 14  ? -3.261  -29.701 5.869   1.00 30.46 ? 128 ASN B CA  1 
ATOM   881  C C   . ASN B 1 14  ? -3.891  -29.042 4.645   1.00 30.71 ? 128 ASN B C   1 
ATOM   882  O O   . ASN B 1 14  ? -4.138  -29.698 3.635   1.00 30.82 ? 128 ASN B O   1 
ATOM   883  C CB  . ASN B 1 14  ? -4.345  -30.212 6.834   1.00 30.32 ? 128 ASN B CB  1 
ATOM   884  C CG  . ASN B 1 14  ? -3.783  -31.140 7.933   1.00 30.11 ? 128 ASN B CG  1 
ATOM   885  O OD1 . ASN B 1 14  ? -2.766  -31.814 7.746   1.00 29.21 ? 128 ASN B OD1 1 
ATOM   886  N ND2 . ASN B 1 14  ? -4.457  -31.173 9.082   1.00 28.90 ? 128 ASN B ND2 1 
ATOM   887  N N   . MET B 1 15  ? -4.147  -27.747 4.732   1.00 30.92 ? 129 MET B N   1 
ATOM   888  C CA  . MET B 1 15  ? -4.648  -27.016 3.593   1.00 31.56 ? 129 MET B CA  1 
ATOM   889  C C   . MET B 1 15  ? -3.535  -26.875 2.565   1.00 31.55 ? 129 MET B C   1 
ATOM   890  O O   . MET B 1 15  ? -3.755  -27.119 1.375   1.00 32.00 ? 129 MET B O   1 
ATOM   891  C CB  . MET B 1 15  ? -5.173  -25.659 4.037   1.00 31.58 ? 129 MET B CB  1 
ATOM   892  C CG  . MET B 1 15  ? -6.360  -25.782 4.985   1.00 31.86 ? 129 MET B CG  1 
ATOM   893  S SD  . MET B 1 15  ? -6.857  -24.217 5.704   1.00 33.41 ? 129 MET B SD  1 
ATOM   894  C CE  . MET B 1 15  ? -7.135  -23.232 4.222   1.00 31.14 ? 129 MET B CE  1 
ATOM   895  N N   . ALA B 1 16  ? -2.339  -26.521 3.032   1.00 31.37 ? 130 ALA B N   1 
ATOM   896  C CA  . ALA B 1 16  ? -1.207  -26.263 2.144   1.00 31.38 ? 130 ALA B CA  1 
ATOM   897  C C   . ALA B 1 16  ? -0.769  -27.511 1.375   1.00 31.48 ? 130 ALA B C   1 
ATOM   898  O O   . ALA B 1 16  ? -0.320  -27.418 0.234   1.00 31.54 ? 130 ALA B O   1 
ATOM   899  C CB  . ALA B 1 16  ? -0.040  -25.689 2.936   1.00 31.44 ? 130 ALA B CB  1 
ATOM   900  N N   . GLN B 1 17  ? -0.901  -28.675 2.005   1.00 31.65 ? 131 GLN B N   1 
ATOM   901  C CA  . GLN B 1 17  ? -0.519  -29.949 1.389   1.00 31.73 ? 131 GLN B CA  1 
ATOM   902  C C   . GLN B 1 17  ? 0.854   -29.866 0.735   1.00 31.51 ? 131 GLN B C   1 
ATOM   903  O O   . GLN B 1 17  ? 1.006   -30.122 -0.458  1.00 31.44 ? 131 GLN B O   1 
ATOM   904  C CB  . GLN B 1 17  ? -1.568  -30.393 0.367   1.00 31.86 ? 131 GLN B CB  1 
ATOM   905  C CG  . GLN B 1 17  ? -2.941  -30.523 0.967   1.00 32.84 ? 131 GLN B CG  1 
ATOM   906  C CD  . GLN B 1 17  ? -3.966  -30.999 -0.022  1.00 33.88 ? 131 GLN B CD  1 
ATOM   907  O OE1 . GLN B 1 17  ? -3.901  -32.139 -0.501  1.00 34.35 ? 131 GLN B OE1 1 
ATOM   908  N NE2 . GLN B 1 17  ? -4.935  -30.135 -0.334  1.00 33.34 ? 131 GLN B NE2 1 
ATOM   909  N N   . GLY B 1 18  ? 1.848   -29.477 1.524   1.00 31.40 ? 132 GLY B N   1 
ATOM   910  C CA  . GLY B 1 18  ? 3.235   -29.505 1.072   1.00 31.33 ? 132 GLY B CA  1 
ATOM   911  C C   . GLY B 1 18  ? 3.669   -28.279 0.295   1.00 31.17 ? 132 GLY B C   1 
ATOM   912  O O   . GLY B 1 18  ? 4.836   -28.157 -0.067  1.00 31.05 ? 132 GLY B O   1 
ATOM   913  N N   . ARG B 1 19  ? 2.738   -27.369 0.028   1.00 31.18 ? 133 ARG B N   1 
ATOM   914  C CA  . ARG B 1 19  ? 3.103   -26.070 -0.544  1.00 31.40 ? 133 ARG B CA  1 
ATOM   915  C C   . ARG B 1 19  ? 3.823   -25.222 0.510   1.00 31.52 ? 133 ARG B C   1 
ATOM   916  O O   . ARG B 1 19  ? 3.616   -25.397 1.720   1.00 31.44 ? 133 ARG B O   1 
ATOM   917  C CB  . ARG B 1 19  ? 1.882   -25.342 -1.101  1.00 31.05 ? 133 ARG B CB  1 
ATOM   918  C CG  . ARG B 1 19  ? 1.257   -26.060 -2.276  1.00 31.31 ? 133 ARG B CG  1 
ATOM   919  C CD  . ARG B 1 19  ? 0.013   -25.352 -2.774  1.00 32.31 ? 133 ARG B CD  1 
ATOM   920  N NE  . ARG B 1 19  ? -1.092  -25.453 -1.829  1.00 32.35 ? 133 ARG B NE  1 
ATOM   921  C CZ  . ARG B 1 19  ? -2.208  -24.720 -1.880  1.00 33.00 ? 133 ARG B CZ  1 
ATOM   922  N NH1 . ARG B 1 19  ? -2.413  -23.834 -2.850  1.00 32.88 ? 133 ARG B NH1 1 
ATOM   923  N NH2 . ARG B 1 19  ? -3.139  -24.898 -0.953  1.00 33.15 ? 133 ARG B NH2 1 
ATOM   924  N N   . HIS B 1 20  ? 4.705   -24.342 0.043   1.00 31.67 ? 134 HIS B N   1 
ATOM   925  C CA  . HIS B 1 20  ? 5.372   -23.409 0.925   1.00 31.82 ? 134 HIS B CA  1 
ATOM   926  C C   . HIS B 1 20  ? 4.312   -22.446 1.440   1.00 31.43 ? 134 HIS B C   1 
ATOM   927  O O   . HIS B 1 20  ? 3.544   -21.884 0.659   1.00 31.41 ? 134 HIS B O   1 
ATOM   928  C CB  . HIS B 1 20  ? 6.483   -22.648 0.202   1.00 32.15 ? 134 HIS B CB  1 
ATOM   929  C CG  . HIS B 1 20  ? 7.364   -21.859 1.123   1.00 33.43 ? 134 HIS B CG  1 
ATOM   930  N ND1 . HIS B 1 20  ? 7.226   -20.497 1.306   1.00 33.55 ? 134 HIS B ND1 1 
ATOM   931  C CD2 . HIS B 1 20  ? 8.385   -22.249 1.926   1.00 34.50 ? 134 HIS B CD2 1 
ATOM   932  C CE1 . HIS B 1 20  ? 8.129   -20.079 2.175   1.00 34.26 ? 134 HIS B CE1 1 
ATOM   933  N NE2 . HIS B 1 20  ? 8.845   -21.123 2.568   1.00 35.56 ? 134 HIS B NE2 1 
ATOM   934  N N   . VAL B 1 21  ? 4.258   -22.301 2.757   1.00 31.16 ? 135 VAL B N   1 
ATOM   935  C CA  . VAL B 1 21  ? 3.350   -21.375 3.407   1.00 31.02 ? 135 VAL B CA  1 
ATOM   936  C C   . VAL B 1 21  ? 4.161   -20.158 3.864   1.00 31.19 ? 135 VAL B C   1 
ATOM   937  O O   . VAL B 1 21  ? 5.359   -20.255 4.111   1.00 31.21 ? 135 VAL B O   1 
ATOM   938  C CB  . VAL B 1 21  ? 2.618   -22.042 4.615   1.00 30.99 ? 135 VAL B CB  1 
ATOM   939  C CG1 . VAL B 1 21  ? 1.840   -21.019 5.436   1.00 30.79 ? 135 VAL B CG1 1 
ATOM   940  C CG2 . VAL B 1 21  ? 1.685   -23.148 4.139   1.00 30.79 ? 135 VAL B CG2 1 
ATOM   941  N N   . GLU B 1 22  ? 3.512   -19.010 3.940   1.00 31.34 ? 136 GLU B N   1 
ATOM   942  C CA  . GLU B 1 22  ? 4.123   -17.818 4.511   1.00 31.67 ? 136 GLU B CA  1 
ATOM   943  C C   . GLU B 1 22  ? 3.049   -16.961 5.189   1.00 31.55 ? 136 GLU B C   1 
ATOM   944  O O   . GLU B 1 22  ? 1.924   -16.833 4.703   1.00 31.46 ? 136 GLU B O   1 
ATOM   945  C CB  . GLU B 1 22  ? 4.879   -17.002 3.444   1.00 31.75 ? 136 GLU B CB  1 
ATOM   946  C CG  . GLU B 1 22  ? 6.378   -17.310 3.345   1.00 32.31 ? 136 GLU B CG  1 
ATOM   947  N N   . VAL B 1 23  ? 3.408   -16.408 6.332   1.00 31.44 ? 137 VAL B N   1 
ATOM   948  C CA  . VAL B 1 23  ? 2.550   -15.508 7.058   1.00 31.51 ? 137 VAL B CA  1 
ATOM   949  C C   . VAL B 1 23  ? 3.071   -14.118 6.818   1.00 31.66 ? 137 VAL B C   1 
ATOM   950  O O   . VAL B 1 23  ? 4.272   -13.879 6.969   1.00 31.59 ? 137 VAL B O   1 
ATOM   951  C CB  . VAL B 1 23  ? 2.651   -15.784 8.589   1.00 31.55 ? 137 VAL B CB  1 
ATOM   952  C CG1 . VAL B 1 23  ? 1.834   -14.764 9.390   1.00 30.88 ? 137 VAL B CG1 1 
ATOM   953  C CG2 . VAL B 1 23  ? 2.233   -17.226 8.906   1.00 31.06 ? 137 VAL B CG2 1 
ATOM   954  N N   . PHE B 1 24  ? 2.198   -13.187 6.458   1.00 31.81 ? 138 PHE B N   1 
ATOM   955  C CA  . PHE B 1 24  ? 2.617   -11.802 6.532   1.00 31.90 ? 138 PHE B CA  1 
ATOM   956  C C   . PHE B 1 24  ? 1.528   -10.761 6.609   1.00 32.03 ? 138 PHE B C   1 
ATOM   957  O O   . PHE B 1 24  ? 0.383   -10.958 6.165   1.00 32.02 ? 138 PHE B O   1 
ATOM   958  C CB  . PHE B 1 24  ? 3.553   -11.461 5.391   1.00 32.05 ? 138 PHE B CB  1 
ATOM   959  C CG  . PHE B 1 24  ? 3.042   -11.860 4.080   1.00 31.76 ? 138 PHE B CG  1 
ATOM   960  C CD1 . PHE B 1 24  ? 3.486   -13.026 3.486   1.00 32.03 ? 138 PHE B CD1 1 
ATOM   961  C CD2 . PHE B 1 24  ? 2.120   -11.073 3.432   1.00 31.54 ? 138 PHE B CD2 1 
ATOM   962  C CE1 . PHE B 1 24  ? 3.023   -13.396 2.241   1.00 33.15 ? 138 PHE B CE1 1 
ATOM   963  C CE2 . PHE B 1 24  ? 1.643   -11.431 2.196   1.00 32.73 ? 138 PHE B CE2 1 
ATOM   964  C CZ  . PHE B 1 24  ? 2.089   -12.598 1.586   1.00 32.65 ? 138 PHE B CZ  1 
ATOM   965  N N   . GLU B 1 25  ? 1.952   -9.621  7.151   1.00 32.10 ? 139 GLU B N   1 
ATOM   966  C CA  . GLU B 1 25  ? 1.081   -8.517  7.453   1.00 32.13 ? 139 GLU B CA  1 
ATOM   967  C C   . GLU B 1 25  ? 1.183   -7.460  6.372   1.00 31.79 ? 139 GLU B C   1 
ATOM   968  O O   . GLU B 1 25  ? 2.274   -7.170  5.873   1.00 31.67 ? 139 GLU B O   1 
ATOM   969  C CB  . GLU B 1 25  ? 1.467   -7.933  8.792   1.00 32.34 ? 139 GLU B CB  1 
ATOM   970  C CG  . GLU B 1 25  ? 1.304   -8.919  9.918   1.00 34.09 ? 139 GLU B CG  1 
ATOM   971  C CD  . GLU B 1 25  ? 1.865   -8.408  11.210  1.00 37.10 ? 139 GLU B CD  1 
ATOM   972  O OE1 . GLU B 1 25  ? 2.365   -7.258  11.223  1.00 38.97 ? 139 GLU B OE1 1 
ATOM   973  O OE2 . GLU B 1 25  ? 1.817   -9.159  12.212  1.00 39.70 ? 139 GLU B OE2 1 
ATOM   974  N N   . LEU B 1 26  ? 0.022   -6.905  6.022   1.00 31.59 ? 140 LEU B N   1 
ATOM   975  C CA  . LEU B 1 26  ? -0.118  -5.774  5.114   1.00 31.31 ? 140 LEU B CA  1 
ATOM   976  C C   . LEU B 1 26  ? -0.939  -4.679  5.812   1.00 31.35 ? 140 LEU B C   1 
ATOM   977  O O   . LEU B 1 26  ? -1.979  -4.971  6.396   1.00 31.36 ? 140 LEU B O   1 
ATOM   978  C CB  . LEU B 1 26  ? -0.845  -6.222  3.849   1.00 31.18 ? 140 LEU B CB  1 
ATOM   979  C CG  . LEU B 1 26  ? -0.206  -7.337  3.011   1.00 31.58 ? 140 LEU B CG  1 
ATOM   980  C CD1 . LEU B 1 26  ? -1.090  -7.708  1.850   1.00 30.19 ? 140 LEU B CD1 1 
ATOM   981  C CD2 . LEU B 1 26  ? 1.184   -6.954  2.507   1.00 32.08 ? 140 LEU B CD2 1 
ATOM   982  N N   . LEU B 1 27  ? -0.474  -3.430  5.768   1.00 31.58 ? 141 LEU B N   1 
ATOM   983  C CA  . LEU B 1 27  ? -1.273  -2.314  6.274   1.00 31.65 ? 141 LEU B CA  1 
ATOM   984  C C   . LEU B 1 27  ? -2.256  -1.931  5.185   1.00 31.92 ? 141 LEU B C   1 
ATOM   985  O O   . LEU B 1 27  ? -1.846  -1.566  4.078   1.00 32.55 ? 141 LEU B O   1 
ATOM   986  C CB  . LEU B 1 27  ? -0.403  -1.107  6.641   1.00 31.70 ? 141 LEU B CB  1 
ATOM   987  C CG  . LEU B 1 27  ? -1.114  -0.045  7.495   1.00 31.85 ? 141 LEU B CG  1 
ATOM   988  C CD1 . LEU B 1 27  ? -1.342  -0.519  8.936   1.00 31.22 ? 141 LEU B CD1 1 
ATOM   989  C CD2 . LEU B 1 27  ? -0.296  1.212   7.484   1.00 31.85 ? 141 LEU B CD2 1 
ATOM   990  N N   . LYS B 1 28  ? -3.547  -2.050  5.486   1.00 31.84 ? 142 LYS B N   1 
ATOM   991  C CA  . LYS B 1 28  ? -4.603  -1.600  4.594   1.00 31.78 ? 142 LYS B CA  1 
ATOM   992  C C   . LYS B 1 28  ? -4.824  -0.101  4.767   1.00 31.23 ? 142 LYS B C   1 
ATOM   993  O O   . LYS B 1 28  ? -5.058  0.370   5.879   1.00 30.69 ? 142 LYS B O   1 
ATOM   994  C CB  . LYS B 1 28  ? -5.895  -2.332  4.938   1.00 32.27 ? 142 LYS B CB  1 
ATOM   995  C CG  . LYS B 1 28  ? -7.061  -2.111  3.953   1.00 32.85 ? 142 LYS B CG  1 
ATOM   996  C CD  . LYS B 1 28  ? -8.291  -2.856  4.429   1.00 32.60 ? 142 LYS B CD  1 
ATOM   997  C CE  . LYS B 1 28  ? -9.027  -3.568  3.312   1.00 33.44 ? 142 LYS B CE  1 
ATOM   998  N NZ  . LYS B 1 28  ? -10.038 -4.492  3.878   1.00 33.09 ? 142 LYS B NZ  1 
ATOM   999  N N   . PRO B 1 29  ? -4.757  0.652   3.666   1.00 31.11 ? 143 PRO B N   1 
ATOM   1000 C CA  . PRO B 1 29  ? -4.938  2.100   3.764   1.00 31.32 ? 143 PRO B CA  1 
ATOM   1001 C C   . PRO B 1 29  ? -6.353  2.431   4.151   1.00 31.37 ? 143 PRO B C   1 
ATOM   1002 O O   . PRO B 1 29  ? -7.227  1.596   3.981   1.00 31.41 ? 143 PRO B O   1 
ATOM   1003 C CB  . PRO B 1 29  ? -4.674  2.602   2.339   1.00 31.28 ? 143 PRO B CB  1 
ATOM   1004 C CG  . PRO B 1 29  ? -4.924  1.430   1.476   1.00 31.74 ? 143 PRO B CG  1 
ATOM   1005 C CD  . PRO B 1 29  ? -4.524  0.217   2.284   1.00 31.29 ? 143 PRO B CD  1 
ATOM   1006 N N   . PRO B 1 30  ? -6.591  3.650   4.662   1.00 31.65 ? 144 PRO B N   1 
ATOM   1007 C CA  . PRO B 1 30  ? -7.956  4.044   5.026   1.00 31.82 ? 144 PRO B CA  1 
ATOM   1008 C C   . PRO B 1 30  ? -8.930  4.064   3.838   1.00 32.01 ? 144 PRO B C   1 
ATOM   1009 O O   . PRO B 1 30  ? -10.149 4.030   4.027   1.00 32.17 ? 144 PRO B O   1 
ATOM   1010 C CB  . PRO B 1 30  ? -7.775  5.453   5.583   1.00 31.64 ? 144 PRO B CB  1 
ATOM   1011 C CG  . PRO B 1 30  ? -6.351  5.558   5.905   1.00 31.64 ? 144 PRO B CG  1 
ATOM   1012 C CD  . PRO B 1 30  ? -5.626  4.723   4.937   1.00 31.47 ? 144 PRO B CD  1 
ATOM   1013 N N   . SER B 1 31  ? -8.381  4.114   2.633   1.00 32.22 ? 145 SER B N   1 
ATOM   1014 C CA  . SER B 1 31  ? -9.162  4.040   1.416   1.00 32.60 ? 145 SER B CA  1 
ATOM   1015 C C   . SER B 1 31  ? -8.259  3.507   0.299   1.00 32.80 ? 145 SER B C   1 
ATOM   1016 O O   . SER B 1 31  ? -7.159  4.030   0.085   1.00 33.19 ? 145 SER B O   1 
ATOM   1017 C CB  . SER B 1 31  ? -9.693  5.424   1.044   1.00 32.80 ? 145 SER B CB  1 
ATOM   1018 O OG  . SER B 1 31  ? -9.197  5.813   -0.238  1.00 32.89 ? 145 SER B OG  1 
ATOM   1019 N N   . GLY B 1 32  ? -8.703  2.459   -0.392  1.00 32.71 ? 146 GLY B N   1 
ATOM   1020 C CA  . GLY B 1 32  ? -7.950  1.917   -1.529  1.00 32.35 ? 146 GLY B CA  1 
ATOM   1021 C C   . GLY B 1 32  ? -7.894  0.406   -1.569  1.00 32.39 ? 146 GLY B C   1 
ATOM   1022 O O   . GLY B 1 32  ? -7.720  -0.178  -2.640  1.00 32.37 ? 146 GLY B O   1 
ATOM   1023 N N   . GLY B 1 33  ? -8.030  -0.238  -0.408  1.00 32.40 ? 147 GLY B N   1 
ATOM   1024 C CA  . GLY B 1 33  ? -7.928  -1.692  -0.325  1.00 32.08 ? 147 GLY B CA  1 
ATOM   1025 C C   . GLY B 1 33  ? -6.483  -2.143  -0.434  1.00 31.92 ? 147 GLY B C   1 
ATOM   1026 O O   . GLY B 1 33  ? -5.587  -1.336  -0.675  1.00 31.71 ? 147 GLY B O   1 
ATOM   1027 N N   . LEU B 1 34  ? -6.260  -3.440  -0.233  1.00 31.82 ? 148 LEU B N   1 
ATOM   1028 C CA  . LEU B 1 34  ? -4.926  -4.013  -0.297  1.00 31.73 ? 148 LEU B CA  1 
ATOM   1029 C C   . LEU B 1 34  ? -4.429  -4.082  -1.747  1.00 31.44 ? 148 LEU B C   1 
ATOM   1030 O O   . LEU B 1 34  ? -3.237  -4.132  -1.990  1.00 31.41 ? 148 LEU B O   1 
ATOM   1031 C CB  . LEU B 1 34  ? -4.908  -5.391  0.374   1.00 31.90 ? 148 LEU B CB  1 
ATOM   1032 C CG  . LEU B 1 34  ? -5.196  -5.432  1.885   1.00 32.40 ? 148 LEU B CG  1 
ATOM   1033 C CD1 . LEU B 1 34  ? -5.499  -6.846  2.364   1.00 32.74 ? 148 LEU B CD1 1 
ATOM   1034 C CD2 . LEU B 1 34  ? -4.045  -4.880  2.695   1.00 32.47 ? 148 LEU B CD2 1 
ATOM   1035 N N   . GLY B 1 35  ? -5.347  -4.095  -2.705  1.00 31.26 ? 149 GLY B N   1 
ATOM   1036 C CA  . GLY B 1 35  ? -4.968  -3.995  -4.120  1.00 31.42 ? 149 GLY B CA  1 
ATOM   1037 C C   . GLY B 1 35  ? -4.762  -5.319  -4.841  1.00 31.14 ? 149 GLY B C   1 
ATOM   1038 O O   . GLY B 1 35  ? -3.813  -5.487  -5.622  1.00 30.86 ? 149 GLY B O   1 
ATOM   1039 N N   . PHE B 1 36  ? -5.649  -6.265  -4.581  1.00 30.86 ? 150 PHE B N   1 
ATOM   1040 C CA  . PHE B 1 36  ? -5.691  -7.450  -5.398  1.00 30.93 ? 150 PHE B CA  1 
ATOM   1041 C C   . PHE B 1 36  ? -7.095  -7.984  -5.438  1.00 30.83 ? 150 PHE B C   1 
ATOM   1042 O O   . PHE B 1 36  ? -7.937  -7.561  -4.654  1.00 30.46 ? 150 PHE B O   1 
ATOM   1043 C CB  . PHE B 1 36  ? -4.707  -8.501  -4.887  1.00 31.42 ? 150 PHE B CB  1 
ATOM   1044 C CG  . PHE B 1 36  ? -5.004  -9.014  -3.507  1.00 30.87 ? 150 PHE B CG  1 
ATOM   1045 C CD1 . PHE B 1 36  ? -5.857  -10.087 -3.321  1.00 32.08 ? 150 PHE B CD1 1 
ATOM   1046 C CD2 . PHE B 1 36  ? -4.397  -8.449  -2.403  1.00 31.86 ? 150 PHE B CD2 1 
ATOM   1047 C CE1 . PHE B 1 36  ? -6.126  -10.580 -2.044  1.00 32.55 ? 150 PHE B CE1 1 
ATOM   1048 C CE2 . PHE B 1 36  ? -4.646  -8.931  -1.114  1.00 31.98 ? 150 PHE B CE2 1 
ATOM   1049 C CZ  . PHE B 1 36  ? -5.517  -10.005 -0.939  1.00 32.61 ? 150 PHE B CZ  1 
ATOM   1050 N N   . SER B 1 37  ? -7.338  -8.896  -6.372  1.00 30.91 ? 151 SER B N   1 
ATOM   1051 C CA  . SER B 1 37  ? -8.649  -9.532  -6.529  1.00 30.84 ? 151 SER B CA  1 
ATOM   1052 C C   . SER B 1 37  ? -8.500  -11.023 -6.288  1.00 30.56 ? 151 SER B C   1 
ATOM   1053 O O   . SER B 1 37  ? -7.390  -11.532 -6.328  1.00 30.42 ? 151 SER B O   1 
ATOM   1054 C CB  . SER B 1 37  ? -9.185  -9.261  -7.938  1.00 30.35 ? 151 SER B CB  1 
ATOM   1055 O OG  . SER B 1 37  ? -8.222  -9.664  -8.870  1.00 29.05 ? 151 SER B OG  1 
ATOM   1056 N N   . VAL B 1 38  ? -9.607  -11.716 -6.018  1.00 30.53 ? 152 VAL B N   1 
ATOM   1057 C CA  . VAL B 1 38  ? -9.539  -13.168 -5.814  1.00 30.63 ? 152 VAL B CA  1 
ATOM   1058 C C   . VAL B 1 38  ? -10.633 -13.932 -6.530  1.00 30.66 ? 152 VAL B C   1 
ATOM   1059 O O   . VAL B 1 38  ? -11.642 -13.358 -6.901  1.00 30.75 ? 152 VAL B O   1 
ATOM   1060 C CB  . VAL B 1 38  ? -9.543  -13.548 -4.320  1.00 30.71 ? 152 VAL B CB  1 
ATOM   1061 C CG1 . VAL B 1 38  ? -8.477  -12.723 -3.580  1.00 30.32 ? 152 VAL B CG1 1 
ATOM   1062 C CG2 . VAL B 1 38  ? -10.926 -13.369 -3.716  1.00 29.76 ? 152 VAL B CG2 1 
ATOM   1063 N N   . VAL B 1 39  ? -10.412 -15.233 -6.727  1.00 30.80 ? 153 VAL B N   1 
ATOM   1064 C CA  . VAL B 1 39  ? -11.478 -16.145 -7.167  1.00 30.74 ? 153 VAL B CA  1 
ATOM   1065 C C   . VAL B 1 39  ? -11.502 -17.383 -6.323  1.00 30.27 ? 153 VAL B C   1 
ATOM   1066 O O   . VAL B 1 39  ? -10.499 -17.763 -5.767  1.00 30.67 ? 153 VAL B O   1 
ATOM   1067 C CB  . VAL B 1 39  ? -11.300 -16.626 -8.613  1.00 31.04 ? 153 VAL B CB  1 
ATOM   1068 C CG1 . VAL B 1 39  ? -11.739 -15.548 -9.589  1.00 31.51 ? 153 VAL B CG1 1 
ATOM   1069 C CG2 . VAL B 1 39  ? -9.870  -17.073 -8.853  1.00 30.95 ? 153 VAL B CG2 1 
ATOM   1070 N N   . GLY B 1 40  ? -12.655 -18.016 -6.240  1.00 30.15 ? 154 GLY B N   1 
ATOM   1071 C CA  . GLY B 1 40  ? -12.774 -19.297 -5.567  1.00 30.25 ? 154 GLY B CA  1 
ATOM   1072 C C   . GLY B 1 40  ? -12.569 -20.439 -6.543  1.00 30.17 ? 154 GLY B C   1 
ATOM   1073 O O   . GLY B 1 40  ? -13.063 -20.385 -7.674  1.00 30.43 ? 154 GLY B O   1 
ATOM   1074 N N   . LEU B 1 41  ? -11.839 -21.472 -6.131  1.00 29.81 ? 155 LEU B N   1 
ATOM   1075 C CA  . LEU B 1 41  ? -11.771 -22.696 -6.923  1.00 29.56 ? 155 LEU B CA  1 
ATOM   1076 C C   . LEU B 1 41  ? -12.160 -23.870 -6.030  1.00 30.38 ? 155 LEU B C   1 
ATOM   1077 O O   . LEU B 1 41  ? -11.741 -23.938 -4.859  1.00 30.45 ? 155 LEU B O   1 
ATOM   1078 C CB  . LEU B 1 41  ? -10.387 -22.896 -7.555  1.00 28.92 ? 155 LEU B CB  1 
ATOM   1079 C CG  . LEU B 1 41  ? -9.866  -21.824 -8.523  1.00 27.07 ? 155 LEU B CG  1 
ATOM   1080 C CD1 . LEU B 1 41  ? -8.507  -22.223 -8.977  1.00 25.63 ? 155 LEU B CD1 1 
ATOM   1081 C CD2 . LEU B 1 41  ? -10.760 -21.590 -9.732  1.00 24.25 ? 155 LEU B CD2 1 
ATOM   1082 N N   . ARG B 1 42  ? -12.976 -24.775 -6.578  1.00 30.94 ? 156 ARG B N   1 
ATOM   1083 C CA  . ARG B 1 42  ? -13.366 -25.997 -5.877  1.00 31.46 ? 156 ARG B CA  1 
ATOM   1084 C C   . ARG B 1 42  ? -12.328 -27.108 -6.151  1.00 31.61 ? 156 ARG B C   1 
ATOM   1085 O O   . ARG B 1 42  ? -11.878 -27.291 -7.281  1.00 31.61 ? 156 ARG B O   1 
ATOM   1086 C CB  . ARG B 1 42  ? -14.781 -26.439 -6.305  1.00 31.58 ? 156 ARG B CB  1 
ATOM   1087 C CG  . ARG B 1 42  ? -15.594 -27.171 -5.222  1.00 31.75 ? 156 ARG B CG  1 
ATOM   1088 N N   . SER B 1 43  ? -11.927 -27.804 -5.088  1.00 31.90 ? 157 SER B N   1 
ATOM   1089 C CA  . SER B 1 43  ? -11.123 -29.024 -5.171  1.00 31.95 ? 157 SER B CA  1 
ATOM   1090 C C   . SER B 1 43  ? -12.114 -30.171 -5.080  1.00 32.48 ? 157 SER B C   1 
ATOM   1091 O O   . SER B 1 43  ? -13.300 -29.992 -5.388  1.00 32.47 ? 157 SER B O   1 
ATOM   1092 C CB  . SER B 1 43  ? -10.091 -29.052 -4.025  1.00 32.06 ? 157 SER B CB  1 
ATOM   1093 O OG  . SER B 1 43  ? -9.735  -30.361 -3.605  1.00 32.08 ? 157 SER B OG  1 
ATOM   1094 N N   . GLU B 1 44  ? -11.636 -31.348 -4.672  1.00 33.35 ? 158 GLU B N   1 
ATOM   1095 C CA  . GLU B 1 44  ? -12.522 -32.476 -4.292  1.00 33.82 ? 158 GLU B CA  1 
ATOM   1096 C C   . GLU B 1 44  ? -12.209 -32.944 -2.867  1.00 33.98 ? 158 GLU B C   1 
ATOM   1097 O O   . GLU B 1 44  ? -13.097 -32.986 -2.011  1.00 34.13 ? 158 GLU B O   1 
ATOM   1098 C CB  . GLU B 1 44  ? -12.419 -33.652 -5.277  1.00 33.98 ? 158 GLU B CB  1 
ATOM   1099 C CG  . GLU B 1 44  ? -10.985 -34.051 -5.670  1.00 34.91 ? 158 GLU B CG  1 
ATOM   1100 C CD  . GLU B 1 44  ? -10.516 -33.433 -6.989  1.00 35.76 ? 158 GLU B CD  1 
ATOM   1101 O OE1 . GLU B 1 44  ? -10.876 -32.259 -7.266  1.00 36.21 ? 158 GLU B OE1 1 
ATOM   1102 O OE2 . GLU B 1 44  ? -9.789  -34.133 -7.742  1.00 35.61 ? 158 GLU B OE2 1 
ATOM   1103 N N   . GLU B 1 48  ? -14.454 -29.033 -1.701  1.00 33.68 ? 162 GLU B N   1 
ATOM   1104 C CA  . GLU B 1 48  ? -13.914 -28.059 -0.760  1.00 33.78 ? 162 GLU B CA  1 
ATOM   1105 C C   . GLU B 1 48  ? -13.447 -26.856 -1.579  1.00 33.83 ? 162 GLU B C   1 
ATOM   1106 O O   . GLU B 1 48  ? -13.056 -27.024 -2.733  1.00 34.07 ? 162 GLU B O   1 
ATOM   1107 C CB  . GLU B 1 48  ? -12.753 -28.666 0.045   1.00 33.76 ? 162 GLU B CB  1 
ATOM   1108 C CG  . GLU B 1 48  ? -13.111 -29.950 0.806   1.00 33.65 ? 162 GLU B CG  1 
ATOM   1109 N N   . LEU B 1 49  ? -13.497 -25.651 -1.005  1.00 33.51 ? 163 LEU B N   1 
ATOM   1110 C CA  . LEU B 1 49  ? -13.209 -24.439 -1.779  1.00 33.27 ? 163 LEU B CA  1 
ATOM   1111 C C   . LEU B 1 49  ? -11.979 -23.655 -1.274  1.00 33.00 ? 163 LEU B C   1 
ATOM   1112 O O   . LEU B 1 49  ? -11.680 -23.648 -0.079  1.00 33.19 ? 163 LEU B O   1 
ATOM   1113 C CB  . LEU B 1 49  ? -14.470 -23.554 -1.870  1.00 33.45 ? 163 LEU B CB  1 
ATOM   1114 C CG  . LEU B 1 49  ? -14.343 -22.120 -2.444  1.00 33.98 ? 163 LEU B CG  1 
ATOM   1115 C CD1 . LEU B 1 49  ? -15.387 -21.777 -3.568  1.00 33.19 ? 163 LEU B CD1 1 
ATOM   1116 C CD2 . LEU B 1 49  ? -14.408 -21.126 -1.271  1.00 34.47 ? 163 LEU B CD2 1 
ATOM   1117 N N   . GLY B 1 50  ? -11.266 -23.025 -2.217  1.00 32.58 ? 164 GLY B N   1 
ATOM   1118 C CA  . GLY B 1 50  ? -10.090 -22.192 -1.923  1.00 32.06 ? 164 GLY B CA  1 
ATOM   1119 C C   . GLY B 1 50  ? -10.166 -20.835 -2.604  1.00 31.89 ? 164 GLY B C   1 
ATOM   1120 O O   . GLY B 1 50  ? -10.752 -20.691 -3.683  1.00 31.95 ? 164 GLY B O   1 
ATOM   1121 N N   . ILE B 1 51  ? -9.567  -19.835 -1.976  1.00 31.63 ? 165 ILE B N   1 
ATOM   1122 C CA  . ILE B 1 51  ? -9.587  -18.476 -2.499  1.00 31.37 ? 165 ILE B CA  1 
ATOM   1123 C C   . ILE B 1 51  ? -8.200  -18.138 -3.029  1.00 31.30 ? 165 ILE B C   1 
ATOM   1124 O O   . ILE B 1 51  ? -7.217  -18.211 -2.293  1.00 31.42 ? 165 ILE B O   1 
ATOM   1125 C CB  . ILE B 1 51  ? -10.025 -17.488 -1.408  1.00 31.56 ? 165 ILE B CB  1 
ATOM   1126 C CG1 . ILE B 1 51  ? -11.404 -17.912 -0.871  1.00 31.60 ? 165 ILE B CG1 1 
ATOM   1127 C CG2 . ILE B 1 51  ? -10.054 -16.051 -1.961  1.00 31.13 ? 165 ILE B CG2 1 
ATOM   1128 N N   . PHE B 1 52  ? -8.121  -17.774 -4.305  1.00 31.00 ? 166 PHE B N   1 
ATOM   1129 C CA  . PHE B 1 52  ? -6.843  -17.615 -4.990  1.00 30.79 ? 166 PHE B CA  1 
ATOM   1130 C C   . PHE B 1 52  ? -6.670  -16.200 -5.477  1.00 30.82 ? 166 PHE B C   1 
ATOM   1131 O O   . PHE B 1 52  ? -7.618  -15.616 -6.014  1.00 31.10 ? 166 PHE B O   1 
ATOM   1132 C CB  . PHE B 1 52  ? -6.759  -18.586 -6.175  1.00 30.82 ? 166 PHE B CB  1 
ATOM   1133 C CG  . PHE B 1 52  ? -6.686  -20.023 -5.758  1.00 31.05 ? 166 PHE B CG  1 
ATOM   1134 C CD1 . PHE B 1 52  ? -7.835  -20.746 -5.503  1.00 30.68 ? 166 PHE B CD1 1 
ATOM   1135 C CD2 . PHE B 1 52  ? -5.460  -20.639 -5.567  1.00 31.48 ? 166 PHE B CD2 1 
ATOM   1136 C CE1 . PHE B 1 52  ? -7.753  -22.059 -5.085  1.00 30.94 ? 166 PHE B CE1 1 
ATOM   1137 C CE2 . PHE B 1 52  ? -5.382  -21.951 -5.155  1.00 30.95 ? 166 PHE B CE2 1 
ATOM   1138 C CZ  . PHE B 1 52  ? -6.524  -22.654 -4.911  1.00 30.65 ? 166 PHE B CZ  1 
ATOM   1139 N N   . VAL B 1 53  ? -5.457  -15.665 -5.317  1.00 30.62 ? 167 VAL B N   1 
ATOM   1140 C CA  . VAL B 1 53  ? -5.157  -14.301 -5.726  1.00 30.87 ? 167 VAL B CA  1 
ATOM   1141 C C   . VAL B 1 53  ? -5.124  -14.272 -7.238  1.00 31.05 ? 167 VAL B C   1 
ATOM   1142 O O   . VAL B 1 53  ? -4.555  -15.174 -7.835  1.00 31.35 ? 167 VAL B O   1 
ATOM   1143 C CB  . VAL B 1 53  ? -3.785  -13.823 -5.198  1.00 31.09 ? 167 VAL B CB  1 
ATOM   1144 C CG1 . VAL B 1 53  ? -3.527  -12.383 -5.623  1.00 30.15 ? 167 VAL B CG1 1 
ATOM   1145 C CG2 . VAL B 1 53  ? -3.704  -13.974 -3.679  1.00 31.09 ? 167 VAL B CG2 1 
ATOM   1146 N N   . GLN B 1 54  ? -5.715  -13.257 -7.863  1.00 31.48 ? 168 GLN B N   1 
ATOM   1147 C CA  . GLN B 1 54  ? -5.699  -13.195 -9.324  1.00 31.99 ? 168 GLN B CA  1 
ATOM   1148 C C   . GLN B 1 54  ? -4.878  -12.038 -9.885  1.00 32.52 ? 168 GLN B C   1 
ATOM   1149 O O   . GLN B 1 54  ? -3.915  -12.280 -10.602 1.00 33.33 ? 168 GLN B O   1 
ATOM   1150 C CB  . GLN B 1 54  ? -7.106  -13.259 -9.920  1.00 32.09 ? 168 GLN B CB  1 
ATOM   1151 C CG  . GLN B 1 54  ? -7.486  -14.694 -10.388 1.00 32.47 ? 168 GLN B CG  1 
ATOM   1152 N N   . GLU B 1 55  ? -5.205  -10.799 -9.549  1.00 32.87 ? 169 GLU B N   1 
ATOM   1153 C CA  . GLU B 1 55  ? -4.615  -9.659  -10.252 1.00 33.41 ? 169 GLU B CA  1 
ATOM   1154 C C   . GLU B 1 55  ? -4.182  -8.589  -9.291  1.00 32.88 ? 169 GLU B C   1 
ATOM   1155 O O   . GLU B 1 55  ? -5.006  -7.851  -8.753  1.00 33.00 ? 169 GLU B O   1 
ATOM   1156 C CB  . GLU B 1 55  ? -5.616  -9.057  -11.215 1.00 33.44 ? 169 GLU B CB  1 
ATOM   1157 C CG  . GLU B 1 55  ? -5.653  -9.699  -12.583 1.00 35.35 ? 169 GLU B CG  1 
ATOM   1158 C CD  . GLU B 1 55  ? -6.758  -9.082  -13.449 1.00 36.11 ? 169 GLU B CD  1 
ATOM   1159 O OE1 . GLU B 1 55  ? -7.788  -8.666  -12.844 1.00 38.44 ? 169 GLU B OE1 1 
ATOM   1160 O OE2 . GLU B 1 55  ? -6.600  -9.016  -14.704 1.00 38.31 ? 169 GLU B OE2 1 
ATOM   1161 N N   . ILE B 1 56  ? -2.874  -8.512  -9.084  1.00 32.62 ? 170 ILE B N   1 
ATOM   1162 C CA  . ILE B 1 56  ? -2.289  -7.577  -8.150  1.00 32.04 ? 170 ILE B CA  1 
ATOM   1163 C C   . ILE B 1 56  ? -2.201  -6.232  -8.835  1.00 31.95 ? 170 ILE B C   1 
ATOM   1164 O O   . ILE B 1 56  ? -1.645  -6.092  -9.923  1.00 31.85 ? 170 ILE B O   1 
ATOM   1165 C CB  . ILE B 1 56  ? -0.918  -8.088  -7.626  1.00 32.00 ? 170 ILE B CB  1 
ATOM   1166 C CG1 . ILE B 1 56  ? -1.132  -9.394  -6.851  1.00 31.25 ? 170 ILE B CG1 1 
ATOM   1167 C CG2 . ILE B 1 56  ? -0.251  -7.040  -6.748  1.00 32.24 ? 170 ILE B CG2 1 
ATOM   1168 C CD1 . ILE B 1 56  ? 0.042   -9.842  -6.013  1.00 31.66 ? 170 ILE B CD1 1 
ATOM   1169 N N   . GLN B 1 57  ? -2.780  -5.247  -8.173  1.00 32.27 ? 171 GLN B N   1 
ATOM   1170 C CA  . GLN B 1 57  ? -2.914  -3.913  -8.711  1.00 32.87 ? 171 GLN B CA  1 
ATOM   1171 C C   . GLN B 1 57  ? -1.590  -3.163  -8.589  1.00 32.06 ? 171 GLN B C   1 
ATOM   1172 O O   . GLN B 1 57  ? -0.981  -3.139  -7.531  1.00 31.70 ? 171 GLN B O   1 
ATOM   1173 C CB  . GLN B 1 57  ? -4.027  -3.201  -7.932  1.00 33.04 ? 171 GLN B CB  1 
ATOM   1174 C CG  . GLN B 1 57  ? -4.466  -1.851  -8.504  1.00 34.86 ? 171 GLN B CG  1 
ATOM   1175 C CD  . GLN B 1 57  ? -5.722  -1.325  -7.813  1.00 35.46 ? 171 GLN B CD  1 
ATOM   1176 O OE1 . GLN B 1 57  ? -5.899  -1.492  -6.597  1.00 38.55 ? 171 GLN B OE1 1 
ATOM   1177 N NE2 . GLN B 1 57  ? -6.605  -0.695  -8.590  1.00 38.45 ? 171 GLN B NE2 1 
ATOM   1178 N N   . GLU B 1 58  ? -1.146  -2.548  -9.678  1.00 32.01 ? 172 GLU B N   1 
ATOM   1179 C CA  . GLU B 1 58  ? 0.118   -1.811  -9.656  1.00 31.98 ? 172 GLU B CA  1 
ATOM   1180 C C   . GLU B 1 58  ? 0.025   -0.574  -8.773  1.00 31.35 ? 172 GLU B C   1 
ATOM   1181 O O   . GLU B 1 58  ? -0.923  0.199   -8.867  1.00 31.40 ? 172 GLU B O   1 
ATOM   1182 C CB  . GLU B 1 58  ? 0.574   -1.413  -11.060 1.00 32.23 ? 172 GLU B CB  1 
ATOM   1183 C CG  . GLU B 1 58  ? 1.976   -0.801  -11.072 1.00 33.63 ? 172 GLU B CG  1 
ATOM   1184 C CD  . GLU B 1 58  ? 2.650   -0.876  -12.426 1.00 35.99 ? 172 GLU B CD  1 
ATOM   1185 O OE1 . GLU B 1 58  ? 1.936   -0.786  -13.450 1.00 37.16 ? 172 GLU B OE1 1 
ATOM   1186 O OE2 . GLU B 1 58  ? 3.899   -1.014  -12.464 1.00 37.46 ? 172 GLU B OE2 1 
ATOM   1187 N N   . GLY B 1 59  ? 1.031   -0.392  -7.928  1.00 30.84 ? 173 GLY B N   1 
ATOM   1188 C CA  . GLY B 1 59  ? 1.072   0.715   -6.980  1.00 30.46 ? 173 GLY B CA  1 
ATOM   1189 C C   . GLY B 1 59  ? 0.511   0.339   -5.626  1.00 30.15 ? 173 GLY B C   1 
ATOM   1190 O O   . GLY B 1 59  ? 0.630   1.099   -4.676  1.00 29.92 ? 173 GLY B O   1 
ATOM   1191 N N   . SER B 1 60  ? -0.083  -0.844  -5.524  1.00 30.02 ? 174 SER B N   1 
ATOM   1192 C CA  . SER B 1 60  ? -0.828  -1.205  -4.325  1.00 29.95 ? 174 SER B CA  1 
ATOM   1193 C C   . SER B 1 60  ? 0.100   -1.582  -3.186  1.00 29.90 ? 174 SER B C   1 
ATOM   1194 O O   . SER B 1 60  ? 1.285   -1.842  -3.390  1.00 29.97 ? 174 SER B O   1 
ATOM   1195 C CB  . SER B 1 60  ? -1.785  -2.371  -4.598  1.00 29.95 ? 174 SER B CB  1 
ATOM   1196 O OG  . SER B 1 60  ? -1.086  -3.601  -4.709  1.00 29.25 ? 174 SER B OG  1 
ATOM   1197 N N   . VAL B 1 61  ? -0.463  -1.606  -1.986  1.00 29.65 ? 175 VAL B N   1 
ATOM   1198 C CA  . VAL B 1 61  ? 0.229   -2.102  -0.830  1.00 29.78 ? 175 VAL B CA  1 
ATOM   1199 C C   . VAL B 1 61  ? 0.675   -3.546  -1.108  1.00 29.98 ? 175 VAL B C   1 
ATOM   1200 O O   . VAL B 1 61  ? 1.829   -3.877  -0.865  1.00 30.46 ? 175 VAL B O   1 
ATOM   1201 C CB  . VAL B 1 61  ? -0.665  -1.980  0.424   1.00 29.85 ? 175 VAL B CB  1 
ATOM   1202 C CG1 . VAL B 1 61  ? 0.002   -2.634  1.647   1.00 30.46 ? 175 VAL B CG1 1 
ATOM   1203 C CG2 . VAL B 1 61  ? -0.951  -0.520  0.704   1.00 29.37 ? 175 VAL B CG2 1 
ATOM   1204 N N   . ALA B 1 62  ? -0.217  -4.377  -1.657  1.00 29.92 ? 176 ALA B N   1 
ATOM   1205 C CA  . ALA B 1 62  ? 0.087   -5.778  -1.972  1.00 29.70 ? 176 ALA B CA  1 
ATOM   1206 C C   . ALA B 1 62  ? 1.237   -5.873  -2.953  1.00 29.70 ? 176 ALA B C   1 
ATOM   1207 O O   . ALA B 1 62  ? 2.143   -6.704  -2.799  1.00 29.76 ? 176 ALA B O   1 
ATOM   1208 C CB  . ALA B 1 62  ? -1.137  -6.473  -2.532  1.00 29.41 ? 176 ALA B CB  1 
ATOM   1209 N N   . HIS B 1 63  ? 1.195   -5.003  -3.954  1.00 29.69 ? 177 HIS B N   1 
ATOM   1210 C CA  . HIS B 1 63  ? 2.191   -4.975  -5.010  1.00 29.71 ? 177 HIS B CA  1 
ATOM   1211 C C   . HIS B 1 63  ? 3.532   -4.497  -4.514  1.00 29.67 ? 177 HIS B C   1 
ATOM   1212 O O   . HIS B 1 63  ? 4.563   -5.065  -4.864  1.00 29.68 ? 177 HIS B O   1 
ATOM   1213 C CB  . HIS B 1 63  ? 1.715   -4.064  -6.133  1.00 29.77 ? 177 HIS B CB  1 
ATOM   1214 C CG  . HIS B 1 63  ? 2.719   -3.876  -7.215  1.00 29.95 ? 177 HIS B CG  1 
ATOM   1215 N ND1 . HIS B 1 63  ? 3.224   -2.641  -7.550  1.00 30.20 ? 177 HIS B ND1 1 
ATOM   1216 C CD2 . HIS B 1 63  ? 3.336   -4.769  -8.022  1.00 30.59 ? 177 HIS B CD2 1 
ATOM   1217 C CE1 . HIS B 1 63  ? 4.104   -2.777  -8.526  1.00 30.20 ? 177 HIS B CE1 1 
ATOM   1218 N NE2 . HIS B 1 63  ? 4.190   -4.058  -8.831  1.00 30.77 ? 177 HIS B NE2 1 
ATOM   1219 N N   . ARG B 1 64  ? 3.516   -3.438  -3.714  1.00 29.75 ? 178 ARG B N   1 
ATOM   1220 C CA  . ARG B 1 64  ? 4.752   -2.832  -3.228  1.00 29.48 ? 178 ARG B CA  1 
ATOM   1221 C C   . ARG B 1 64  ? 5.386   -3.676  -2.155  1.00 29.58 ? 178 ARG B C   1 
ATOM   1222 O O   . ARG B 1 64  ? 6.604   -3.706  -2.028  1.00 29.35 ? 178 ARG B O   1 
ATOM   1223 C CB  . ARG B 1 64  ? 4.493   -1.434  -2.698  1.00 29.45 ? 178 ARG B CB  1 
ATOM   1224 C CG  . ARG B 1 64  ? 4.071   -0.474  -3.768  1.00 29.63 ? 178 ARG B CG  1 
ATOM   1225 C CD  . ARG B 1 64  ? 5.122   -0.326  -4.827  1.00 29.45 ? 178 ARG B CD  1 
ATOM   1226 N NE  . ARG B 1 64  ? 4.705   0.614   -5.853  1.00 29.41 ? 178 ARG B NE  1 
ATOM   1227 C CZ  . ARG B 1 64  ? 5.278   0.723   -7.042  1.00 29.02 ? 178 ARG B CZ  1 
ATOM   1228 N NH1 . ARG B 1 64  ? 6.306   -0.045  -7.372  1.00 29.11 ? 178 ARG B NH1 1 
ATOM   1229 N NH2 . ARG B 1 64  ? 4.814   1.608   -7.902  1.00 28.95 ? 178 ARG B NH2 1 
ATOM   1230 N N   . ASP B 1 65  ? 4.562   -4.370  -1.377  1.00 29.97 ? 179 ASP B N   1 
ATOM   1231 C CA  . ASP B 1 65  ? 5.096   -5.326  -0.406  1.00 30.24 ? 179 ASP B CA  1 
ATOM   1232 C C   . ASP B 1 65  ? 5.901   -6.432  -1.119  1.00 30.28 ? 179 ASP B C   1 
ATOM   1233 O O   . ASP B 1 65  ? 6.839   -6.986  -0.558  1.00 30.26 ? 179 ASP B O   1 
ATOM   1234 C CB  . ASP B 1 65  ? 3.987   -5.927  0.457   1.00 30.28 ? 179 ASP B CB  1 
ATOM   1235 C CG  . ASP B 1 65  ? 4.393   -7.242  1.104   1.00 31.05 ? 179 ASP B CG  1 
ATOM   1236 O OD1 . ASP B 1 65  ? 5.009   -7.206  2.186   1.00 30.33 ? 179 ASP B OD1 1 
ATOM   1237 O OD2 . ASP B 1 65  ? 4.074   -8.310  0.522   1.00 33.19 ? 179 ASP B OD2 1 
ATOM   1238 N N   . GLY B 1 66  ? 5.509   -6.760  -2.346  1.00 30.38 ? 180 GLY B N   1 
ATOM   1239 C CA  . GLY B 1 66  ? 6.291   -7.652  -3.191  1.00 30.46 ? 180 GLY B CA  1 
ATOM   1240 C C   . GLY B 1 66  ? 6.169   -9.150  -2.929  1.00 30.61 ? 180 GLY B C   1 
ATOM   1241 O O   . GLY B 1 66  ? 6.556   -9.955  -3.774  1.00 30.74 ? 180 GLY B O   1 
ATOM   1242 N N   . ARG B 1 67  ? 5.644   -9.544  -1.775  1.00 30.68 ? 181 ARG B N   1 
ATOM   1243 C CA  . ARG B 1 67  ? 5.632   -10.960 -1.403  1.00 30.73 ? 181 ARG B CA  1 
ATOM   1244 C C   . ARG B 1 67  ? 4.472   -11.731 -2.047  1.00 31.09 ? 181 ARG B C   1 
ATOM   1245 O O   . ARG B 1 67  ? 4.673   -12.810 -2.588  1.00 31.51 ? 181 ARG B O   1 
ATOM   1246 C CB  . ARG B 1 67  ? 5.595   -11.128 0.121   1.00 30.60 ? 181 ARG B CB  1 
ATOM   1247 C CG  . ARG B 1 67  ? 6.806   -10.551 0.824   1.00 30.56 ? 181 ARG B CG  1 
ATOM   1248 C CD  . ARG B 1 67  ? 6.753   -10.709 2.342   1.00 30.58 ? 181 ARG B CD  1 
ATOM   1249 N NE  . ARG B 1 67  ? 5.831   -9.768  2.981   1.00 30.21 ? 181 ARG B NE  1 
ATOM   1250 C CZ  . ARG B 1 67  ? 5.871   -9.421  4.270   1.00 30.37 ? 181 ARG B CZ  1 
ATOM   1251 N NH1 . ARG B 1 67  ? 6.779   -9.929  5.097   1.00 29.99 ? 181 ARG B NH1 1 
ATOM   1252 N NH2 . ARG B 1 67  ? 4.980   -8.558  4.747   1.00 31.01 ? 181 ARG B NH2 1 
ATOM   1253 N N   . LEU B 1 68  ? 3.257   -11.185 -1.979  1.00 31.50 ? 182 LEU B N   1 
ATOM   1254 C CA  . LEU B 1 68  ? 2.050   -11.876 -2.484  1.00 31.49 ? 182 LEU B CA  1 
ATOM   1255 C C   . LEU B 1 68  ? 2.047   -12.003 -4.017  1.00 31.82 ? 182 LEU B C   1 
ATOM   1256 O O   . LEU B 1 68  ? 2.407   -11.072 -4.724  1.00 31.84 ? 182 LEU B O   1 
ATOM   1257 C CB  . LEU B 1 68  ? 0.797   -11.122 -2.032  1.00 31.45 ? 182 LEU B CB  1 
ATOM   1258 C CG  . LEU B 1 68  ? -0.592  -11.755 -2.184  1.00 31.78 ? 182 LEU B CG  1 
ATOM   1259 C CD1 . LEU B 1 68  ? -0.775  -12.921 -1.233  1.00 32.80 ? 182 LEU B CD1 1 
ATOM   1260 C CD2 . LEU B 1 68  ? -1.680  -10.726 -1.923  1.00 31.84 ? 182 LEU B CD2 1 
ATOM   1261 N N   . LYS B 1 69  ? 1.644   -13.161 -4.533  1.00 32.48 ? 183 LYS B N   1 
ATOM   1262 C CA  . LYS B 1 69  ? 1.689   -13.415 -5.994  1.00 32.93 ? 183 LYS B CA  1 
ATOM   1263 C C   . LYS B 1 69  ? 0.401   -14.041 -6.507  1.00 32.81 ? 183 LYS B C   1 
ATOM   1264 O O   . LYS B 1 69  ? -0.339  -14.700 -5.756  1.00 32.88 ? 183 LYS B O   1 
ATOM   1265 C CB  . LYS B 1 69  ? 2.892   -14.302 -6.385  1.00 32.77 ? 183 LYS B CB  1 
ATOM   1266 C CG  . LYS B 1 69  ? 4.231   -13.559 -6.370  1.00 33.71 ? 183 LYS B CG  1 
ATOM   1267 C CD  . LYS B 1 69  ? 5.405   -14.448 -6.837  1.00 34.19 ? 183 LYS B CD  1 
ATOM   1268 N N   . GLU B 1 70  ? 0.144   -13.822 -7.792  1.00 32.76 ? 184 GLU B N   1 
ATOM   1269 C CA  . GLU B 1 70  ? -0.994  -14.438 -8.450  1.00 33.14 ? 184 GLU B CA  1 
ATOM   1270 C C   . GLU B 1 70  ? -0.892  -15.954 -8.282  1.00 32.29 ? 184 GLU B C   1 
ATOM   1271 O O   . GLU B 1 70  ? 0.200   -16.508 -8.394  1.00 31.99 ? 184 GLU B O   1 
ATOM   1272 C CB  . GLU B 1 70  ? -1.012  -14.068 -9.939  1.00 33.34 ? 184 GLU B CB  1 
ATOM   1273 C CG  . GLU B 1 70  ? -2.046  -14.840 -10.763 1.00 34.85 ? 184 GLU B CG  1 
ATOM   1274 C CD  . GLU B 1 70  ? -2.162  -14.360 -12.207 1.00 35.61 ? 184 GLU B CD  1 
ATOM   1275 O OE1 . GLU B 1 70  ? -1.984  -13.142 -12.459 1.00 38.69 ? 184 GLU B OE1 1 
ATOM   1276 O OE2 . GLU B 1 70  ? -2.454  -15.207 -13.087 1.00 38.45 ? 184 GLU B OE2 1 
ATOM   1277 N N   . THR B 1 71  ? -2.030  -16.603 -8.002  1.00 31.93 ? 185 THR B N   1 
ATOM   1278 C CA  . THR B 1 71  ? -2.126  -18.077 -7.844  1.00 31.87 ? 185 THR B CA  1 
ATOM   1279 C C   . THR B 1 71  ? -1.956  -18.563 -6.411  1.00 31.37 ? 185 THR B C   1 
ATOM   1280 O O   . THR B 1 71  ? -2.205  -19.729 -6.122  1.00 31.13 ? 185 THR B O   1 
ATOM   1281 C CB  . THR B 1 71  ? -1.078  -18.867 -8.666  1.00 31.82 ? 185 THR B CB  1 
ATOM   1282 O OG1 . THR B 1 71  ? -1.031  -18.354 -9.990  1.00 33.01 ? 185 THR B OG1 1 
ATOM   1283 C CG2 . THR B 1 71  ? -1.443  -20.336 -8.741  1.00 32.49 ? 185 THR B CG2 1 
ATOM   1284 N N   . ASP B 1 72  ? -1.491  -17.703 -5.515  1.00 31.11 ? 186 ASP B N   1 
ATOM   1285 C CA  . ASP B 1 72  ? -1.349  -18.121 -4.128  1.00 31.10 ? 186 ASP B CA  1 
ATOM   1286 C C   . ASP B 1 72  ? -2.733  -18.228 -3.527  1.00 30.95 ? 186 ASP B C   1 
ATOM   1287 O O   . ASP B 1 72  ? -3.659  -17.547 -3.964  1.00 30.92 ? 186 ASP B O   1 
ATOM   1288 C CB  . ASP B 1 72  ? -0.532  -17.131 -3.295  1.00 31.22 ? 186 ASP B CB  1 
ATOM   1289 C CG  . ASP B 1 72  ? 0.865   -16.917 -3.827  1.00 31.45 ? 186 ASP B CG  1 
ATOM   1290 O OD1 . ASP B 1 72  ? 1.362   -17.748 -4.637  1.00 30.95 ? 186 ASP B OD1 1 
ATOM   1291 O OD2 . ASP B 1 72  ? 1.457   -15.894 -3.408  1.00 31.95 ? 186 ASP B OD2 1 
ATOM   1292 N N   . GLN B 1 73  ? -2.860  -19.073 -2.512  1.00 30.62 ? 187 GLN B N   1 
ATOM   1293 C CA  . GLN B 1 73  ? -4.137  -19.280 -1.878  1.00 30.57 ? 187 GLN B CA  1 
ATOM   1294 C C   . GLN B 1 73  ? -4.121  -18.676 -0.503  1.00 30.58 ? 187 GLN B C   1 
ATOM   1295 O O   . GLN B 1 73  ? -3.199  -18.917 0.268   1.00 31.37 ? 187 GLN B O   1 
ATOM   1296 C CB  . GLN B 1 73  ? -4.422  -20.759 -1.747  1.00 30.77 ? 187 GLN B CB  1 
ATOM   1297 C CG  . GLN B 1 73  ? -5.821  -21.064 -1.247  1.00 30.87 ? 187 GLN B CG  1 
ATOM   1298 C CD  . GLN B 1 73  ? -6.063  -22.556 -1.105  1.00 30.84 ? 187 GLN B CD  1 
ATOM   1299 O OE1 . GLN B 1 73  ? -5.337  -23.377 -1.670  1.00 29.59 ? 187 GLN B OE1 1 
ATOM   1300 N NE2 . GLN B 1 73  ? -7.094  -22.908 -0.353  1.00 30.88 ? 187 GLN B NE2 1 
ATOM   1301 N N   . ILE B 1 74  ? -5.151  -17.906 -0.186  1.00 30.38 ? 188 ILE B N   1 
ATOM   1302 C CA  . ILE B 1 74  ? -5.304  -17.354 1.144   1.00 30.20 ? 188 ILE B CA  1 
ATOM   1303 C C   . ILE B 1 74  ? -5.918  -18.415 2.067   1.00 30.22 ? 188 ILE B C   1 
ATOM   1304 O O   . ILE B 1 74  ? -7.093  -18.760 1.939   1.00 30.40 ? 188 ILE B O   1 
ATOM   1305 C CB  . ILE B 1 74  ? -6.141  -16.065 1.074   1.00 30.24 ? 188 ILE B CB  1 
ATOM   1306 C CG1 . ILE B 1 74  ? -5.379  -15.027 0.231   1.00 30.16 ? 188 ILE B CG1 1 
ATOM   1307 C CG2 . ILE B 1 74  ? -6.469  -15.534 2.489   1.00 30.17 ? 188 ILE B CG2 1 
ATOM   1308 C CD1 . ILE B 1 74  ? -6.251  -14.137 -0.635  1.00 30.65 ? 188 ILE B CD1 1 
ATOM   1309 N N   . LEU B 1 75  ? -5.109  -18.941 2.982   1.00 30.05 ? 189 LEU B N   1 
ATOM   1310 C CA  . LEU B 1 75  ? -5.560  -19.976 3.900   1.00 30.14 ? 189 LEU B CA  1 
ATOM   1311 C C   . LEU B 1 75  ? -6.189  -19.376 5.153   1.00 29.79 ? 189 LEU B C   1 
ATOM   1312 O O   . LEU B 1 75  ? -7.161  -19.915 5.673   1.00 29.63 ? 189 LEU B O   1 
ATOM   1313 C CB  . LEU B 1 75  ? -4.406  -20.921 4.275   1.00 30.64 ? 189 LEU B CB  1 
ATOM   1314 C CG  . LEU B 1 75  ? -3.588  -21.578 3.134   1.00 31.35 ? 189 LEU B CG  1 
ATOM   1315 C CD1 . LEU B 1 75  ? -2.813  -22.820 3.623   1.00 30.77 ? 189 LEU B CD1 1 
ATOM   1316 C CD2 . LEU B 1 75  ? -4.459  -21.947 1.955   1.00 30.88 ? 189 LEU B CD2 1 
ATOM   1317 N N   . ALA B 1 76  ? -5.639  -18.260 5.632   1.00 29.69 ? 190 ALA B N   1 
ATOM   1318 C CA  . ALA B 1 76  ? -6.146  -17.610 6.850   1.00 29.61 ? 190 ALA B CA  1 
ATOM   1319 C C   . ALA B 1 76  ? -6.128  -16.099 6.727   1.00 29.62 ? 190 ALA B C   1 
ATOM   1320 O O   . ALA B 1 76  ? -5.341  -15.546 5.963   1.00 29.57 ? 190 ALA B O   1 
ATOM   1321 C CB  . ALA B 1 76  ? -5.337  -18.039 8.076   1.00 29.44 ? 190 ALA B CB  1 
ATOM   1322 N N   . ILE B 1 77  ? -7.032  -15.453 7.469   1.00 29.81 ? 191 ILE B N   1 
ATOM   1323 C CA  . ILE B 1 77  ? -7.106  -13.995 7.572   1.00 29.75 ? 191 ILE B CA  1 
ATOM   1324 C C   . ILE B 1 77  ? -7.272  -13.597 9.032   1.00 30.11 ? 191 ILE B C   1 
ATOM   1325 O O   . ILE B 1 77  ? -8.266  -13.957 9.668   1.00 30.00 ? 191 ILE B O   1 
ATOM   1326 C CB  . ILE B 1 77  ? -8.304  -13.420 6.828   1.00 29.36 ? 191 ILE B CB  1 
ATOM   1327 C CG1 . ILE B 1 77  ? -8.343  -13.946 5.387   1.00 29.49 ? 191 ILE B CG1 1 
ATOM   1328 C CG2 . ILE B 1 77  ? -8.230  -11.906 6.880   1.00 29.08 ? 191 ILE B CG2 1 
ATOM   1329 C CD1 . ILE B 1 77  ? -9.618  -13.606 4.615   1.00 29.47 ? 191 ILE B CD1 1 
ATOM   1330 N N   . ASN B 1 78  ? -6.311  -12.847 9.557   1.00 30.53 ? 192 ASN B N   1 
ATOM   1331 C CA  . ASN B 1 78  ? -6.327  -12.427 10.967  1.00 31.08 ? 192 ASN B CA  1 
ATOM   1332 C C   . ASN B 1 78  ? -6.727  -13.551 11.934  1.00 31.22 ? 192 ASN B C   1 
ATOM   1333 O O   . ASN B 1 78  ? -7.512  -13.330 12.866  1.00 31.01 ? 192 ASN B O   1 
ATOM   1334 C CB  . ASN B 1 78  ? -7.252  -11.224 11.168  1.00 31.24 ? 192 ASN B CB  1 
ATOM   1335 C CG  . ASN B 1 78  ? -6.770  -9.990  10.440  1.00 32.25 ? 192 ASN B CG  1 
ATOM   1336 O OD1 . ASN B 1 78  ? -5.576  -9.684  10.425  1.00 33.61 ? 192 ASN B OD1 1 
ATOM   1337 N ND2 . ASN B 1 78  ? -7.700  -9.269  9.835   1.00 33.15 ? 192 ASN B ND2 1 
ATOM   1338 N N   . GLY B 1 79  ? -6.187  -14.747 11.690  1.00 31.43 ? 193 GLY B N   1 
ATOM   1339 C CA  . GLY B 1 79  ? -6.448  -15.915 12.522  1.00 31.52 ? 193 GLY B CA  1 
ATOM   1340 C C   . GLY B 1 79  ? -7.644  -16.765 12.112  1.00 31.81 ? 193 GLY B C   1 
ATOM   1341 O O   . GLY B 1 79  ? -7.814  -17.868 12.629  1.00 32.03 ? 193 GLY B O   1 
ATOM   1342 N N   . GLN B 1 80  ? -8.489  -16.265 11.211  1.00 32.06 ? 194 GLN B N   1 
ATOM   1343 C CA  . GLN B 1 80  ? -9.644  -17.039 10.736  1.00 32.50 ? 194 GLN B CA  1 
ATOM   1344 C C   . GLN B 1 80  ? -9.167  -17.939 9.617   1.00 32.02 ? 194 GLN B C   1 
ATOM   1345 O O   . GLN B 1 80  ? -8.787  -17.441 8.553   1.00 32.23 ? 194 GLN B O   1 
ATOM   1346 C CB  . GLN B 1 80  ? -10.749 -16.153 10.139  1.00 32.65 ? 194 GLN B CB  1 
ATOM   1347 C CG  . GLN B 1 80  ? -11.657 -15.399 11.103  1.00 33.92 ? 194 GLN B CG  1 
ATOM   1348 C CD  . GLN B 1 80  ? -12.059 -14.004 10.544  1.00 34.73 ? 194 GLN B CD  1 
ATOM   1349 O OE1 . GLN B 1 80  ? -11.192 -13.131 10.330  1.00 36.98 ? 194 GLN B OE1 1 
ATOM   1350 N NE2 . GLN B 1 80  ? -13.367 -13.797 10.312  1.00 35.90 ? 194 GLN B NE2 1 
ATOM   1351 N N   . ALA B 1 81  ? -9.210  -19.251 9.836   1.00 31.63 ? 195 ALA B N   1 
ATOM   1352 C CA  . ALA B 1 81  ? -8.950  -20.210 8.770   1.00 31.29 ? 195 ALA B CA  1 
ATOM   1353 C C   . ALA B 1 81  ? -10.129 -20.171 7.824   1.00 31.14 ? 195 ALA B C   1 
ATOM   1354 O O   . ALA B 1 81  ? -11.270 -20.215 8.281   1.00 31.07 ? 195 ALA B O   1 
ATOM   1355 C CB  . ALA B 1 81  ? -8.786  -21.605 9.341   1.00 31.15 ? 195 ALA B CB  1 
ATOM   1356 N N   . LEU B 1 82  ? -9.864  -20.086 6.521   1.00 31.18 ? 196 LEU B N   1 
ATOM   1357 C CA  . LEU B 1 82  ? -10.934 -20.123 5.510   1.00 31.49 ? 196 LEU B CA  1 
ATOM   1358 C C   . LEU B 1 82  ? -11.362 -21.571 5.174   1.00 31.78 ? 196 LEU B C   1 
ATOM   1359 O O   . LEU B 1 82  ? -11.224 -22.041 4.030   1.00 31.87 ? 196 LEU B O   1 
ATOM   1360 C CB  . LEU B 1 82  ? -10.529 -19.340 4.262   1.00 31.26 ? 196 LEU B CB  1 
ATOM   1361 C CG  . LEU B 1 82  ? -10.063 -17.922 4.604   1.00 32.18 ? 196 LEU B CG  1 
ATOM   1362 C CD1 . LEU B 1 82  ? -9.984  -17.062 3.357   1.00 32.62 ? 196 LEU B CD1 1 
ATOM   1363 C CD2 . LEU B 1 82  ? -10.946 -17.245 5.662   1.00 32.51 ? 196 LEU B CD2 1 
ATOM   1364 N N   . ASP B 1 83  ? -11.905 -22.240 6.199   1.00 31.85 ? 197 ASP B N   1 
ATOM   1365 C CA  . ASP B 1 83  ? -12.365 -23.620 6.144   1.00 31.94 ? 197 ASP B CA  1 
ATOM   1366 C C   . ASP B 1 83  ? -13.766 -23.632 5.535   1.00 32.20 ? 197 ASP B C   1 
ATOM   1367 O O   . ASP B 1 83  ? -14.277 -22.598 5.108   1.00 32.44 ? 197 ASP B O   1 
ATOM   1368 C CB  . ASP B 1 83  ? -12.404 -24.189 7.578   1.00 31.92 ? 197 ASP B CB  1 
ATOM   1369 C CG  . ASP B 1 83  ? -12.229 -25.704 7.623   1.00 32.49 ? 197 ASP B CG  1 
ATOM   1370 N N   . GLN B 1 84  ? -14.396 -24.802 5.510   1.00 32.68 ? 198 GLN B N   1 
ATOM   1371 C CA  . GLN B 1 84  ? -15.735 -24.964 4.924   1.00 32.86 ? 198 GLN B CA  1 
ATOM   1372 C C   . GLN B 1 84  ? -16.821 -24.180 5.678   1.00 33.01 ? 198 GLN B C   1 
ATOM   1373 O O   . GLN B 1 84  ? -17.916 -23.968 5.143   1.00 33.24 ? 198 GLN B O   1 
ATOM   1374 C CB  . GLN B 1 84  ? -16.115 -26.455 4.847   1.00 32.88 ? 198 GLN B CB  1 
ATOM   1375 N N   . THR B 1 85  ? -16.523 -23.749 6.909   1.00 33.11 ? 199 THR B N   1 
ATOM   1376 C CA  . THR B 1 85  ? -17.470 -22.956 7.708   1.00 33.29 ? 199 THR B CA  1 
ATOM   1377 C C   . THR B 1 85  ? -18.064 -21.749 6.955   1.00 33.27 ? 199 THR B C   1 
ATOM   1378 O O   . THR B 1 85  ? -19.175 -21.316 7.272   1.00 33.51 ? 199 THR B O   1 
ATOM   1379 C CB  . THR B 1 85  ? -16.837 -22.447 9.040   1.00 33.48 ? 199 THR B CB  1 
ATOM   1380 O OG1 . THR B 1 85  ? -15.413 -22.296 8.885   1.00 34.06 ? 199 THR B OG1 1 
ATOM   1381 C CG2 . THR B 1 85  ? -17.148 -23.417 10.194  1.00 33.63 ? 199 THR B CG2 1 
ATOM   1382 N N   . ILE B 1 86  ? -17.341 -21.216 5.968   1.00 33.13 ? 200 ILE B N   1 
ATOM   1383 C CA  . ILE B 1 86  ? -17.739 -19.952 5.340   1.00 33.24 ? 200 ILE B CA  1 
ATOM   1384 C C   . ILE B 1 86  ? -17.536 -19.902 3.818   1.00 32.93 ? 200 ILE B C   1 
ATOM   1385 O O   . ILE B 1 86  ? -16.490 -20.317 3.287   1.00 32.72 ? 200 ILE B O   1 
ATOM   1386 C CB  . ILE B 1 86  ? -17.035 -18.722 6.021   1.00 33.58 ? 200 ILE B CB  1 
ATOM   1387 C CG1 . ILE B 1 86  ? -15.499 -18.907 6.088   1.00 34.12 ? 200 ILE B CG1 1 
ATOM   1388 C CG2 . ILE B 1 86  ? -17.657 -18.460 7.408   1.00 33.47 ? 200 ILE B CG2 1 
ATOM   1389 C CD1 . ILE B 1 86  ? -14.822 -18.305 7.355   1.00 33.51 ? 200 ILE B CD1 1 
ATOM   1390 N N   . THR B 1 87  ? -18.566 -19.353 3.159   1.00 32.83 ? 201 THR B N   1 
ATOM   1391 C CA  . THR B 1 87  ? -18.677 -19.185 1.689   1.00 32.58 ? 201 THR B CA  1 
ATOM   1392 C C   . THR B 1 87  ? -17.530 -18.366 1.092   1.00 32.13 ? 201 THR B C   1 
ATOM   1393 O O   . THR B 1 87  ? -16.833 -17.638 1.807   1.00 32.13 ? 201 THR B O   1 
ATOM   1394 C CB  . THR B 1 87  ? -20.063 -18.482 1.319   1.00 32.83 ? 201 THR B CB  1 
ATOM   1395 O OG1 . THR B 1 87  ? -19.967 -17.770 0.075   1.00 34.04 ? 201 THR B OG1 1 
ATOM   1396 C CG2 . THR B 1 87  ? -20.513 -17.474 2.410   1.00 32.55 ? 201 THR B CG2 1 
ATOM   1397 N N   . HIS B 1 88  ? -17.342 -18.459 -0.218  1.00 31.93 ? 202 HIS B N   1 
ATOM   1398 C CA  . HIS B 1 88  ? -16.266 -17.703 -0.854  1.00 31.93 ? 202 HIS B CA  1 
ATOM   1399 C C   . HIS B 1 88  ? -16.535 -16.202 -0.834  1.00 31.04 ? 202 HIS B C   1 
ATOM   1400 O O   . HIS B 1 88  ? -15.618 -15.413 -0.651  1.00 30.96 ? 202 HIS B O   1 
ATOM   1401 C CB  . HIS B 1 88  ? -15.929 -18.249 -2.254  1.00 32.39 ? 202 HIS B CB  1 
ATOM   1402 C CG  . HIS B 1 88  ? -16.821 -17.769 -3.351  1.00 34.21 ? 202 HIS B CG  1 
ATOM   1403 N ND1 . HIS B 1 88  ? -16.567 -16.615 -4.063  1.00 36.23 ? 202 HIS B ND1 1 
ATOM   1404 C CD2 . HIS B 1 88  ? -17.923 -18.326 -3.914  1.00 36.24 ? 202 HIS B CD2 1 
ATOM   1405 C CE1 . HIS B 1 88  ? -17.501 -16.459 -4.990  1.00 37.03 ? 202 HIS B CE1 1 
ATOM   1406 N NE2 . HIS B 1 88  ? -18.333 -17.485 -4.923  1.00 36.83 ? 202 HIS B NE2 1 
ATOM   1407 N N   . GLN B 1 89  ? -17.796 -15.812 -0.960  1.00 30.38 ? 203 GLN B N   1 
ATOM   1408 C CA  . GLN B 1 89  ? -18.175 -14.418 -0.771  1.00 29.95 ? 203 GLN B CA  1 
ATOM   1409 C C   . GLN B 1 89  ? -17.997 -13.959 0.679   1.00 29.94 ? 203 GLN B C   1 
ATOM   1410 O O   . GLN B 1 89  ? -17.722 -12.804 0.926   1.00 30.08 ? 203 GLN B O   1 
ATOM   1411 C CB  . GLN B 1 89  ? -19.613 -14.185 -1.227  1.00 29.93 ? 203 GLN B CB  1 
ATOM   1412 C CG  . GLN B 1 89  ? -19.810 -14.268 -2.726  1.00 29.25 ? 203 GLN B CG  1 
ATOM   1413 C CD  . GLN B 1 89  ? -21.206 -13.874 -3.154  1.00 29.84 ? 203 GLN B CD  1 
ATOM   1414 O OE1 . GLN B 1 89  ? -22.175 -13.992 -2.380  1.00 29.90 ? 203 GLN B OE1 1 
ATOM   1415 N NE2 . GLN B 1 89  ? -21.328 -13.408 -4.400  1.00 29.96 ? 203 GLN B NE2 1 
ATOM   1416 N N   . GLN B 1 90  ? -18.159 -14.859 1.639   1.00 30.23 ? 204 GLN B N   1 
ATOM   1417 C CA  . GLN B 1 90  ? -17.901 -14.536 3.041   1.00 30.38 ? 204 GLN B CA  1 
ATOM   1418 C C   . GLN B 1 90  ? -16.423 -14.288 3.239   1.00 30.59 ? 204 GLN B C   1 
ATOM   1419 O O   . GLN B 1 90  ? -16.031 -13.403 4.001   1.00 31.11 ? 204 GLN B O   1 
ATOM   1420 C CB  . GLN B 1 90  ? -18.359 -15.660 3.967   1.00 30.46 ? 204 GLN B CB  1 
ATOM   1421 N N   . ALA B 1 91  ? -15.594 -15.060 2.553   1.00 30.68 ? 205 ALA B N   1 
ATOM   1422 C CA  . ALA B 1 91  ? -14.150 -14.796 2.544   1.00 30.69 ? 205 ALA B CA  1 
ATOM   1423 C C   . ALA B 1 91  ? -13.861 -13.383 2.034   1.00 30.62 ? 205 ALA B C   1 
ATOM   1424 O O   . ALA B 1 91  ? -13.125 -12.632 2.672   1.00 30.96 ? 205 ALA B O   1 
ATOM   1425 C CB  . ALA B 1 91  ? -13.409 -15.827 1.682   1.00 30.72 ? 205 ALA B CB  1 
ATOM   1426 N N   . ILE B 1 92  ? -14.447 -13.021 0.895   1.00 30.29 ? 206 ILE B N   1 
ATOM   1427 C CA  . ILE B 1 92  ? -14.205 -11.713 0.315   1.00 30.11 ? 206 ILE B CA  1 
ATOM   1428 C C   . ILE B 1 92  ? -14.655 -10.636 1.288   1.00 30.49 ? 206 ILE B C   1 
ATOM   1429 O O   . ILE B 1 92  ? -13.934 -9.665  1.526   1.00 30.85 ? 206 ILE B O   1 
ATOM   1430 C CB  . ILE B 1 92  ? -14.948 -11.522 -1.023  1.00 30.13 ? 206 ILE B CB  1 
ATOM   1431 C CG1 . ILE B 1 92  ? -14.416 -12.488 -2.095  1.00 30.38 ? 206 ILE B CG1 1 
ATOM   1432 C CG2 . ILE B 1 92  ? -14.823 -10.079 -1.513  1.00 29.01 ? 206 ILE B CG2 1 
ATOM   1433 C CD1 . ILE B 1 92  ? -15.490 -12.967 -3.063  1.00 29.87 ? 206 ILE B CD1 1 
ATOM   1434 N N   . SER B 1 93  ? -15.845 -10.811 1.858   1.00 30.35 ? 207 SER B N   1 
ATOM   1435 C CA  . SER B 1 93  ? -16.398 -9.828  2.781   1.00 30.30 ? 207 SER B CA  1 
ATOM   1436 C C   . SER B 1 93  ? -15.467 -9.583  3.968   1.00 30.42 ? 207 SER B C   1 
ATOM   1437 O O   . SER B 1 93  ? -15.299 -8.443  4.406   1.00 30.32 ? 207 SER B O   1 
ATOM   1438 C CB  . SER B 1 93  ? -17.779 -10.268 3.278   1.00 30.28 ? 207 SER B CB  1 
ATOM   1439 O OG  . SER B 1 93  ? -18.377 -9.267  4.092   1.00 30.20 ? 207 SER B OG  1 
ATOM   1440 N N   . ILE B 1 94  ? -14.874 -10.656 4.486   1.00 30.54 ? 208 ILE B N   1 
ATOM   1441 C CA  . ILE B 1 94  ? -13.920 -10.561 5.578   1.00 30.49 ? 208 ILE B CA  1 
ATOM   1442 C C   . ILE B 1 94  ? -12.730 -9.722  5.137   1.00 30.81 ? 208 ILE B C   1 
ATOM   1443 O O   . ILE B 1 94  ? -12.359 -8.761  5.804   1.00 30.91 ? 208 ILE B O   1 
ATOM   1444 C CB  . ILE B 1 94  ? -13.424 -11.962 6.002   1.00 30.59 ? 208 ILE B CB  1 
ATOM   1445 C CG1 . ILE B 1 94  ? -14.518 -12.704 6.783   1.00 30.30 ? 208 ILE B CG1 1 
ATOM   1446 C CG2 . ILE B 1 94  ? -12.125 -11.849 6.806   1.00 30.36 ? 208 ILE B CG2 1 
ATOM   1447 C CD1 . ILE B 1 94  ? -14.302 -14.207 6.896   1.00 29.66 ? 208 ILE B CD1 1 
ATOM   1448 N N   . LEU B 1 95  ? -12.130 -10.095 4.014   1.00 30.96 ? 209 LEU B N   1 
ATOM   1449 C CA  . LEU B 1 95  ? -11.024 -9.318  3.461   1.00 31.32 ? 209 LEU B CA  1 
ATOM   1450 C C   . LEU B 1 95  ? -11.405 -7.855  3.341   1.00 31.17 ? 209 LEU B C   1 
ATOM   1451 O O   . LEU B 1 95  ? -10.691 -6.992  3.819   1.00 31.66 ? 209 LEU B O   1 
ATOM   1452 C CB  . LEU B 1 95  ? -10.591 -9.854  2.094   1.00 31.40 ? 209 LEU B CB  1 
ATOM   1453 C CG  . LEU B 1 95  ? -9.795  -11.153 2.201   1.00 32.04 ? 209 LEU B CG  1 
ATOM   1454 C CD1 . LEU B 1 95  ? -9.717  -11.891 0.873   1.00 31.54 ? 209 LEU B CD1 1 
ATOM   1455 C CD2 . LEU B 1 95  ? -8.400  -10.826 2.753   1.00 32.53 ? 209 LEU B CD2 1 
ATOM   1456 N N   . GLN B 1 96  ? -12.544 -7.580  2.722   1.00 30.95 ? 210 GLN B N   1 
ATOM   1457 C CA  . GLN B 1 96  ? -12.957 -6.204  2.483   1.00 30.68 ? 210 GLN B CA  1 
ATOM   1458 C C   . GLN B 1 96  ? -13.151 -5.433  3.761   1.00 30.64 ? 210 GLN B C   1 
ATOM   1459 O O   . GLN B 1 96  ? -12.755 -4.292  3.838   1.00 31.33 ? 210 GLN B O   1 
ATOM   1460 C CB  . GLN B 1 96  ? -14.254 -6.139  1.673   1.00 30.65 ? 210 GLN B CB  1 
ATOM   1461 C CG  . GLN B 1 96  ? -14.067 -6.489  0.219   1.00 30.39 ? 210 GLN B CG  1 
ATOM   1462 C CD  . GLN B 1 96  ? -15.305 -6.260  -0.609  1.00 29.98 ? 210 GLN B CD  1 
ATOM   1463 O OE1 . GLN B 1 96  ? -16.347 -5.838  -0.095  1.00 29.01 ? 210 GLN B OE1 1 
ATOM   1464 N NE2 . GLN B 1 96  ? -15.201 -6.538  -1.907  1.00 28.55 ? 210 GLN B NE2 1 
ATOM   1465 N N   . LYS B 1 97  ? -13.772 -6.049  4.755   1.00 30.94 ? 211 LYS B N   1 
ATOM   1466 C CA  . LYS B 1 97  ? -14.120 -5.360  6.010   1.00 30.92 ? 211 LYS B CA  1 
ATOM   1467 C C   . LYS B 1 97  ? -12.921 -5.201  6.973   1.00 30.98 ? 211 LYS B C   1 
ATOM   1468 O O   . LYS B 1 97  ? -12.973 -4.375  7.897   1.00 30.77 ? 211 LYS B O   1 
ATOM   1469 C CB  . LYS B 1 97  ? -15.275 -6.082  6.717   1.00 30.87 ? 211 LYS B CB  1 
ATOM   1470 C CG  . LYS B 1 97  ? -16.651 -5.866  6.072   1.00 31.08 ? 211 LYS B CG  1 
ATOM   1471 N N   . ALA B 1 98  ? -11.850 -5.979  6.751   1.00 30.91 ? 212 ALA B N   1 
ATOM   1472 C CA  . ALA B 1 98  ? -10.647 -5.892  7.592   1.00 30.78 ? 212 ALA B CA  1 
ATOM   1473 C C   . ALA B 1 98  ? -10.083 -4.492  7.492   1.00 31.00 ? 212 ALA B C   1 
ATOM   1474 O O   . ALA B 1 98  ? -10.003 -3.937  6.394   1.00 31.15 ? 212 ALA B O   1 
ATOM   1475 C CB  . ALA B 1 98  ? -9.599  -6.903  7.182   1.00 30.36 ? 212 ALA B CB  1 
ATOM   1476 N N   . LYS B 1 99  ? -9.734  -3.926  8.647   1.00 31.16 ? 213 LYS B N   1 
ATOM   1477 C CA  . LYS B 1 99  ? -9.172  -2.575  8.766   1.00 31.09 ? 213 LYS B CA  1 
ATOM   1478 C C   . LYS B 1 99  ? -7.692  -2.658  9.225   1.00 31.25 ? 213 LYS B C   1 
ATOM   1479 O O   . LYS B 1 99  ? -7.279  -3.628  9.881   1.00 30.75 ? 213 LYS B O   1 
ATOM   1480 C CB  . LYS B 1 99  ? -10.018 -1.741  9.753   1.00 31.01 ? 213 LYS B CB  1 
ATOM   1481 C CG  . LYS B 1 99  ? -10.987 -0.738  9.118   1.00 31.41 ? 213 LYS B CG  1 
ATOM   1482 C CD  . LYS B 1 99  ? -12.172 -1.363  8.378   1.00 32.93 ? 213 LYS B CD  1 
ATOM   1483 C CE  . LYS B 1 99  ? -11.945 -1.508  6.835   1.00 33.15 ? 213 LYS B CE  1 
ATOM   1484 N N   . ASP B 1 100 ? -6.902  -1.645  8.856   1.00 31.55 ? 214 ASP B N   1 
ATOM   1485 C CA  . ASP B 1 100 ? -5.496  -1.527  9.283   1.00 31.77 ? 214 ASP B CA  1 
ATOM   1486 C C   . ASP B 1 100 ? -4.605  -2.747  8.933   1.00 31.66 ? 214 ASP B C   1 
ATOM   1487 O O   . ASP B 1 100 ? -4.584  -3.211  7.785   1.00 31.80 ? 214 ASP B O   1 
ATOM   1488 C CB  . ASP B 1 100 ? -5.435  -1.253  10.793  1.00 32.05 ? 214 ASP B CB  1 
ATOM   1489 C CG  . ASP B 1 100 ? -6.204  -0.033  11.191  1.00 33.59 ? 214 ASP B CG  1 
ATOM   1490 O OD1 . ASP B 1 100 ? -6.068  0.998   10.475  1.00 35.36 ? 214 ASP B OD1 1 
ATOM   1491 O OD2 . ASP B 1 100 ? -6.927  -0.113  12.222  1.00 34.28 ? 214 ASP B OD2 1 
ATOM   1492 N N   . THR B 1 101 ? -3.876  -3.256  9.926   1.00 31.40 ? 215 THR B N   1 
ATOM   1493 C CA  . THR B 1 101 ? -2.911  -4.328  9.736   1.00 31.38 ? 215 THR B CA  1 
ATOM   1494 C C   . THR B 1 101 ? -3.631  -5.650  9.586   1.00 31.20 ? 215 THR B C   1 
ATOM   1495 O O   . THR B 1 101 ? -4.187  -6.172  10.553  1.00 31.43 ? 215 THR B O   1 
ATOM   1496 C CB  . THR B 1 101 ? -1.942  -4.441  10.946  1.00 31.55 ? 215 THR B CB  1 
ATOM   1497 O OG1 . THR B 1 101 ? -1.393  -3.156  11.268  1.00 32.43 ? 215 THR B OG1 1 
ATOM   1498 C CG2 . THR B 1 101 ? -0.805  -5.405  10.643  1.00 31.64 ? 215 THR B CG2 1 
ATOM   1499 N N   . VAL B 1 102 ? -3.629  -6.185  8.372   1.00 31.20 ? 216 VAL B N   1 
ATOM   1500 C CA  . VAL B 1 102 ? -4.296  -7.451  8.074   1.00 31.13 ? 216 VAL B CA  1 
ATOM   1501 C C   . VAL B 1 102 ? -3.266  -8.580  7.992   1.00 31.08 ? 216 VAL B C   1 
ATOM   1502 O O   . VAL B 1 102 ? -2.275  -8.465  7.270   1.00 31.22 ? 216 VAL B O   1 
ATOM   1503 C CB  . VAL B 1 102 ? -5.011  -7.365  6.746   1.00 30.92 ? 216 VAL B CB  1 
ATOM   1504 C CG1 . VAL B 1 102 ? -4.009  -7.533  5.630   1.00 31.44 ? 216 VAL B CG1 1 
ATOM   1505 C CG2 . VAL B 1 102 ? -6.080  -8.418  6.649   1.00 31.14 ? 216 VAL B CG2 1 
ATOM   1506 N N   . GLN B 1 103 ? -3.487  -9.661  8.736   1.00 30.98 ? 217 GLN B N   1 
ATOM   1507 C CA  . GLN B 1 103 ? -2.588  -10.816 8.676   1.00 30.88 ? 217 GLN B CA  1 
ATOM   1508 C C   . GLN B 1 103 ? -3.128  -11.885 7.728   1.00 30.87 ? 217 GLN B C   1 
ATOM   1509 O O   . GLN B 1 103 ? -4.208  -12.435 7.952   1.00 31.11 ? 217 GLN B O   1 
ATOM   1510 C CB  . GLN B 1 103 ? -2.369  -11.439 10.051  1.00 30.66 ? 217 GLN B CB  1 
ATOM   1511 C CG  . GLN B 1 103 ? -1.446  -12.664 9.990   1.00 30.80 ? 217 GLN B CG  1 
ATOM   1512 C CD  . GLN B 1 103 ? -1.052  -13.184 11.364  1.00 30.97 ? 217 GLN B CD  1 
ATOM   1513 O OE1 . GLN B 1 103 ? -1.882  -13.725 12.093  1.00 31.14 ? 217 GLN B OE1 1 
ATOM   1514 N NE2 . GLN B 1 103 ? 0.221   -13.024 11.719  1.00 29.51 ? 217 GLN B NE2 1 
ATOM   1515 N N   . LEU B 1 104 ? -2.355  -12.191 6.690   1.00 30.65 ? 218 LEU B N   1 
ATOM   1516 C CA  . LEU B 1 104 ? -2.695  -13.243 5.767   1.00 30.57 ? 218 LEU B CA  1 
ATOM   1517 C C   . LEU B 1 104 ? -1.758  -14.422 5.951   1.00 30.49 ? 218 LEU B C   1 
ATOM   1518 O O   . LEU B 1 104 ? -0.561  -14.252 6.160   1.00 30.49 ? 218 LEU B O   1 
ATOM   1519 C CB  . LEU B 1 104 ? -2.598  -12.719 4.337   1.00 30.72 ? 218 LEU B CB  1 
ATOM   1520 C CG  . LEU B 1 104 ? -3.558  -11.575 3.974   1.00 31.10 ? 218 LEU B CG  1 
ATOM   1521 C CD1 . LEU B 1 104 ? -3.406  -11.216 2.496   1.00 30.72 ? 218 LEU B CD1 1 
ATOM   1522 C CD2 . LEU B 1 104 ? -5.013  -11.918 4.294   1.00 30.52 ? 218 LEU B CD2 1 
ATOM   1523 N N   . VAL B 1 105 ? -2.320  -15.624 5.904   1.00 30.58 ? 219 VAL B N   1 
ATOM   1524 C CA  . VAL B 1 105 ? -1.527  -16.836 5.794   1.00 30.61 ? 219 VAL B CA  1 
ATOM   1525 C C   . VAL B 1 105 ? -1.728  -17.304 4.377   1.00 30.59 ? 219 VAL B C   1 
ATOM   1526 O O   . VAL B 1 105 ? -2.850  -17.330 3.905   1.00 30.71 ? 219 VAL B O   1 
ATOM   1527 C CB  . VAL B 1 105 ? -1.960  -17.930 6.797   1.00 30.70 ? 219 VAL B CB  1 
ATOM   1528 C CG1 . VAL B 1 105 ? -1.017  -19.151 6.715   1.00 29.97 ? 219 VAL B CG1 1 
ATOM   1529 C CG2 . VAL B 1 105 ? -2.011  -17.355 8.199   1.00 29.76 ? 219 VAL B CG2 1 
ATOM   1530 N N   . ILE B 1 106 ? -0.633  -17.677 3.722   1.00 30.95 ? 220 ILE B N   1 
ATOM   1531 C CA  . ILE B 1 106 ? -0.613  -17.956 2.282   1.00 31.04 ? 220 ILE B CA  1 
ATOM   1532 C C   . ILE B 1 106 ? 0.030   -19.292 1.976   1.00 31.05 ? 220 ILE B C   1 
ATOM   1533 O O   . ILE B 1 106 ? 0.927   -19.727 2.703   1.00 31.40 ? 220 ILE B O   1 
ATOM   1534 C CB  . ILE B 1 106 ? 0.204   -16.876 1.543   1.00 31.13 ? 220 ILE B CB  1 
ATOM   1535 C CG1 . ILE B 1 106 ? -0.643  -15.618 1.338   1.00 31.08 ? 220 ILE B CG1 1 
ATOM   1536 C CG2 . ILE B 1 106 ? 0.730   -17.413 0.215   1.00 31.77 ? 220 ILE B CG2 1 
ATOM   1537 C CD1 . ILE B 1 106 ? -2.119  -15.887 1.269   1.00 30.27 ? 220 ILE B CD1 1 
ATOM   1538 N N   . ALA B 1 107 ? -0.433  -19.934 0.905   1.00 30.85 ? 221 ALA B N   1 
ATOM   1539 C CA  . ALA B 1 107 ? 0.240   -21.093 0.334   1.00 30.76 ? 221 ALA B CA  1 
ATOM   1540 C C   . ALA B 1 107 ? 0.617   -20.743 -1.108  1.00 30.91 ? 221 ALA B C   1 
ATOM   1541 O O   . ALA B 1 107 ? -0.173  -20.138 -1.831  1.00 30.85 ? 221 ALA B O   1 
ATOM   1542 C CB  . ALA B 1 107 ? -0.659  -22.301 0.398   1.00 30.68 ? 221 ALA B CB  1 
ATOM   1543 N N   . ARG B 1 108 ? 1.829   -21.113 -1.512  1.00 31.28 ? 222 ARG B N   1 
ATOM   1544 C CA  . ARG B 1 108 ? 2.399   -20.696 -2.809  1.00 31.66 ? 222 ARG B CA  1 
ATOM   1545 C C   . ARG B 1 108 ? 1.860   -21.493 -3.995  1.00 31.58 ? 222 ARG B C   1 
ATOM   1546 O O   . ARG B 1 108 ? 2.080   -22.696 -4.111  1.00 31.69 ? 222 ARG B O   1 
ATOM   1547 C CB  . ARG B 1 108 ? 3.939   -20.804 -2.772  1.00 32.05 ? 222 ARG B CB  1 
ATOM   1548 C CG  . ARG B 1 108 ? 4.669   -20.162 -3.965  1.00 32.51 ? 222 ARG B CG  1 
ATOM   1549 N N   . GLY B 1 109 ? 1.178   -20.807 -4.899  1.00 31.81 ? 223 GLY B N   1 
ATOM   1550 C CA  . GLY B 1 109 ? 0.565   -21.464 -6.045  1.00 32.06 ? 223 GLY B CA  1 
ATOM   1551 C C   . GLY B 1 109 ? -0.705  -22.233 -5.687  1.00 32.26 ? 223 GLY B C   1 
ATOM   1552 O O   . GLY B 1 109 ? -1.235  -22.104 -4.580  1.00 32.33 ? 223 GLY B O   1 
ATOM   1553 N N   . SER B 1 110 ? -1.203  -23.005 -6.654  1.00 32.21 ? 224 SER B N   1 
ATOM   1554 C CA  . SER B 1 110 ? -2.397  -23.818 -6.484  1.00 32.04 ? 224 SER B CA  1 
ATOM   1555 C C   . SER B 1 110 ? -1.984  -25.269 -6.550  1.00 31.75 ? 224 SER B C   1 
ATOM   1556 O O   . SER B 1 110 ? -0.794  -25.574 -6.482  1.00 31.89 ? 224 SER B O   1 
ATOM   1557 C CB  . SER B 1 110 ? -3.426  -23.494 -7.568  1.00 32.00 ? 224 SER B CB  1 
ATOM   1558 N N   . LEU B 1 111 ? -2.964  -26.161 -6.653  1.00 31.42 ? 225 LEU B N   1 
ATOM   1559 C CA  . LEU B 1 111 ? -2.701  -27.585 -6.742  1.00 31.19 ? 225 LEU B CA  1 
ATOM   1560 C C   . LEU B 1 111 ? -3.481  -28.130 -7.923  1.00 31.08 ? 225 LEU B C   1 
ATOM   1561 O O   . LEU B 1 111 ? -4.477  -27.528 -8.329  1.00 31.48 ? 225 LEU B O   1 
ATOM   1562 C CB  . LEU B 1 111 ? -3.117  -28.278 -5.436  1.00 31.12 ? 225 LEU B CB  1 
ATOM   1563 C CG  . LEU B 1 111 ? -2.320  -27.894 -4.172  1.00 30.71 ? 225 LEU B CG  1 
ATOM   1564 C CD1 . LEU B 1 111 ? -3.000  -28.429 -2.918  1.00 30.36 ? 225 LEU B CD1 1 
ATOM   1565 C CD2 . LEU B 1 111 ? -0.880  -28.363 -4.236  1.00 29.46 ? 225 LEU B CD2 1 
ATOM   1566 N N   . PRO B 1 112 ? -3.028  -29.258 -8.498  1.00 30.90 ? 226 PRO B N   1 
ATOM   1567 C CA  . PRO B 1 112 ? -3.749  -29.962 -9.560  1.00 30.62 ? 226 PRO B CA  1 
ATOM   1568 C C   . PRO B 1 112 ? -5.221  -30.247 -9.256  1.00 30.46 ? 226 PRO B C   1 
ATOM   1569 O O   . PRO B 1 112 ? -6.025  -30.312 -10.184 1.00 30.19 ? 226 PRO B O   1 
ATOM   1570 C CB  . PRO B 1 112 ? -2.981  -31.272 -9.672  1.00 30.67 ? 226 PRO B CB  1 
ATOM   1571 C CG  . PRO B 1 112 ? -1.611  -30.947 -9.244  1.00 30.78 ? 226 PRO B CG  1 
ATOM   1572 C CD  . PRO B 1 112 ? -1.757  -29.928 -8.167  1.00 31.07 ? 226 PRO B CD  1 
ATOM   1573 N N   . GLN B 1 113 ? -5.550  -30.401 -7.971  1.00 30.51 ? 227 GLN B N   1 
ATOM   1574 C CA  . GLN B 1 113 ? -6.927  -30.632 -7.500  1.00 30.69 ? 227 GLN B CA  1 
ATOM   1575 C C   . GLN B 1 113 ? -7.912  -29.551 -7.917  1.00 30.43 ? 227 GLN B C   1 
ATOM   1576 O O   . GLN B 1 113 ? -9.091  -29.824 -8.156  1.00 30.31 ? 227 GLN B O   1 
ATOM   1577 C CB  . GLN B 1 113 ? -6.988  -30.637 -5.976  1.00 30.73 ? 227 GLN B CB  1 
ATOM   1578 C CG  . GLN B 1 113 ? -5.917  -31.398 -5.233  1.00 31.30 ? 227 GLN B CG  1 
ATOM   1579 C CD  . GLN B 1 113 ? -5.919  -31.036 -3.761  1.00 31.68 ? 227 GLN B CD  1 
ATOM   1580 O OE1 . GLN B 1 113 ? -6.744  -30.243 -3.292  1.00 30.56 ? 227 GLN B OE1 1 
ATOM   1581 N NE2 . GLN B 1 113 ? -4.997  -31.627 -3.018  1.00 35.26 ? 227 GLN B NE2 1 
ATOM   1582 N N   . TYR B 1 114 ? -7.431  -28.316 -7.941  1.00 30.21 ? 228 TYR B N   1 
ATOM   1583 C CA  . TYR B 1 114 ? -8.274  -27.170 -8.222  1.00 30.17 ? 228 TYR B CA  1 
ATOM   1584 C C   . TYR B 1 114 ? -8.450  -26.946 -9.709  1.00 30.22 ? 228 TYR B C   1 
ATOM   1585 O O   . TYR B 1 114 ? -9.208  -26.059 -10.126 1.00 30.26 ? 228 TYR B O   1 
ATOM   1586 C CB  . TYR B 1 114 ? -7.679  -25.918 -7.573  1.00 30.16 ? 228 TYR B CB  1 
ATOM   1587 C CG  . TYR B 1 114 ? -7.809  -25.950 -6.081  1.00 29.86 ? 228 TYR B CG  1 
ATOM   1588 C CD1 . TYR B 1 114 ? -9.044  -25.765 -5.481  1.00 29.60 ? 228 TYR B CD1 1 
ATOM   1589 C CD2 . TYR B 1 114 ? -6.711  -26.206 -5.269  1.00 29.68 ? 228 TYR B CD2 1 
ATOM   1590 C CE1 . TYR B 1 114 ? -9.184  -25.813 -4.111  1.00 30.07 ? 228 TYR B CE1 1 
ATOM   1591 C CE2 . TYR B 1 114 ? -6.839  -26.259 -3.891  1.00 29.25 ? 228 TYR B CE2 1 
ATOM   1592 C CZ  . TYR B 1 114 ? -8.079  -26.068 -3.324  1.00 29.82 ? 228 TYR B CZ  1 
ATOM   1593 O OH  . TYR B 1 114 ? -8.229  -26.117 -1.967  1.00 30.42 ? 228 TYR B OH  1 
ATOM   1594 N N   . TYR B 1 115 ? -7.750  -27.743 -10.505 1.00 30.06 ? 229 TYR B N   1 
ATOM   1595 C CA  . TYR B 1 115 ? -7.744  -27.561 -11.943 1.00 30.03 ? 229 TYR B CA  1 
ATOM   1596 C C   . TYR B 1 115 ? -8.658  -28.567 -12.624 1.00 29.85 ? 229 TYR B C   1 
ATOM   1597 O O   . TYR B 1 115 ? -8.756  -28.572 -13.851 1.00 30.03 ? 229 TYR B O   1 
ATOM   1598 C CB  . TYR B 1 115 ? -6.302  -27.637 -12.474 1.00 30.05 ? 229 TYR B CB  1 
ATOM   1599 C CG  . TYR B 1 115 ? -5.381  -26.536 -11.931 1.00 30.30 ? 229 TYR B CG  1 
ATOM   1600 N N   . LYS B 1 116 ? -9.337  -29.399 -11.826 1.00 29.63 ? 230 LYS B N   1 
ATOM   1601 C CA  . LYS B 1 116 ? -10.340 -30.339 -12.323 1.00 29.11 ? 230 LYS B CA  1 
ATOM   1602 C C   . LYS B 1 116 ? -11.656 -29.597 -12.533 1.00 29.04 ? 230 LYS B C   1 
ATOM   1603 O O   . LYS B 1 116 ? -11.997 -28.675 -11.793 1.00 29.03 ? 230 LYS B O   1 
ATOM   1604 C CB  . LYS B 1 116 ? -10.506 -31.506 -11.352 1.00 28.96 ? 230 LYS B CB  1 
ATOM   1605 C CG  . LYS B 1 116 ? -9.253  -32.359 -11.209 1.00 28.44 ? 230 LYS B CG  1 
ATOM   1606 N N   . VAL B 1 117 ? -12.387 -30.009 -13.555 1.00 29.09 ? 231 VAL B N   1 
ATOM   1607 C CA  . VAL B 1 117 ? -13.536 -29.272 -14.053 1.00 29.15 ? 231 VAL B CA  1 
ATOM   1608 C C   . VAL B 1 117 ? -14.684 -30.255 -14.361 1.00 29.32 ? 231 VAL B C   1 
ATOM   1609 O O   . VAL B 1 117 ? -14.462 -31.452 -14.613 1.00 29.31 ? 231 VAL B O   1 
ATOM   1610 C CB  . VAL B 1 117 ? -13.085 -28.440 -15.298 1.00 29.09 ? 231 VAL B CB  1 
ATOM   1611 C CG1 . VAL B 1 117 ? -14.150 -28.394 -16.374 1.00 29.40 ? 231 VAL B CG1 1 
ATOM   1612 C CG2 . VAL B 1 117 ? -12.663 -27.031 -14.874 1.00 28.46 ? 231 VAL B CG2 1 
ATOM   1613 O OXT . VAL B 1 117 ? -15.867 -29.887 -14.341 1.00 29.44 ? 231 VAL B OXT 1 
HETATM 1614 O O   . HOH C 2 .   ? 9.605   1.623   2.687   1.00 33.69 ? 1   HOH A O   1 
HETATM 1615 O O   . HOH C 2 .   ? 7.196   19.475  -3.529  1.00 29.76 ? 3   HOH A O   1 
HETATM 1616 O O   . HOH C 2 .   ? -7.372  13.651  3.723   1.00 41.44 ? 8   HOH A O   1 
HETATM 1617 O O   . HOH C 2 .   ? 18.509  11.564  -0.280  1.00 28.14 ? 15  HOH A O   1 
HETATM 1618 O O   . HOH C 2 .   ? 12.898  9.898   10.160  1.00 46.39 ? 26  HOH A O   1 
HETATM 1619 O O   . HOH C 2 .   ? 10.876  6.300   -5.305  1.00 43.75 ? 28  HOH A O   1 
HETATM 1620 O O   . HOH C 2 .   ? 23.367  26.983  -4.290  1.00 43.61 ? 30  HOH A O   1 
HETATM 1621 O O   . HOH C 2 .   ? 23.130  26.937  -10.105 1.00 46.22 ? 36  HOH A O   1 
HETATM 1622 O O   . HOH C 2 .   ? -2.519  3.605   7.204   1.00 41.98 ? 37  HOH A O   1 
HETATM 1623 O O   . HOH C 2 .   ? -9.571  9.559   9.036   1.00 44.34 ? 39  HOH A O   1 
HETATM 1624 O O   . HOH C 2 .   ? -3.760  23.632  -3.954  1.00 45.25 ? 41  HOH A O   1 
HETATM 1625 O O   . HOH D 2 .   ? 3.033   -18.458 -6.434  1.00 43.50 ? 6   HOH B O   1 
HETATM 1626 O O   . HOH D 2 .   ? -4.078  -14.697 10.041  1.00 42.43 ? 7   HOH B O   1 
HETATM 1627 O O   . HOH D 2 .   ? -8.080  0.342   6.657   1.00 46.42 ? 10  HOH B O   1 
HETATM 1628 O O   . HOH D 2 .   ? -10.192 1.196   5.495   1.00 50.91 ? 11  HOH B O   1 
HETATM 1629 O O   . HOH D 2 .   ? -1.177  -10.878 -10.805 1.00 45.60 ? 14  HOH B O   1 
HETATM 1630 O O   . HOH D 2 .   ? -7.341  2.464   8.548   1.00 34.26 ? 17  HOH B O   1 
HETATM 1631 O O   . HOH D 2 .   ? -4.993  2.561   7.606   1.00 33.08 ? 18  HOH B O   1 
HETATM 1632 O O   . HOH D 2 .   ? -16.969 -28.558 -11.654 1.00 48.94 ? 21  HOH B O   1 
HETATM 1633 O O   . HOH D 2 .   ? 1.143   -3.112  9.567   1.00 38.50 ? 27  HOH B O   1 
HETATM 1634 O O   . HOH D 2 .   ? -3.388  -0.703  -2.087  1.00 28.05 ? 32  HOH B O   1 
HETATM 1635 O O   . HOH D 2 .   ? 7.671   -4.824  -4.916  1.00 39.89 ? 33  HOH B O   1 
HETATM 1636 O O   . HOH D 2 .   ? 8.371   -2.009  -5.386  1.00 44.83 ? 34  HOH B O   1 
HETATM 1637 O O   . HOH D 2 .   ? -4.390  0.283   -4.509  1.00 42.65 ? 38  HOH B O   1 
HETATM 1638 O O   . HOH D 2 .   ? 1.577   -5.601  -10.981 1.00 32.84 ? 40  HOH B O   1 
# 
